data_6B4R
#
_entry.id   6B4R
#
_cell.length_a   177.637
_cell.length_b   93.811
_cell.length_c   128.864
_cell.angle_alpha   90.00
_cell.angle_beta   92.28
_cell.angle_gamma   90.00
#
_symmetry.space_group_name_H-M   'C 1 2 1'
#
loop_
_entity.id
_entity.type
_entity.pdbx_description
1 polymer KauB
2 polymer KauB
3 non-polymer 1,2-ETHANEDIOL
4 non-polymer 'POTASSIUM ION'
5 non-polymer 2-[2-(2-METHOXY-ETHOXY)-ETHOXY]-ETHOXYL
6 non-polymer GLYCEROL
7 water water
#
loop_
_entity_poly.entity_id
_entity_poly.type
_entity_poly.pdbx_seq_one_letter_code
_entity_poly.pdbx_strand_id
1 'polypeptide(L)'
;MTTLTRADWEARAKDLKIEGRAFVNGEYSNAASGETFDCLSPVDGRFLAKVASCDLADAEQAVKVARNAFDSGAWSRLAP
AKRKQTMIRFADLLLENAEELALLETLDMGKPISDSLHIDVASAANSLRWSAEAIDKIYDEVAATPHAELGLVTREPVGV
VAAIVPWNFPLLMSCWKLGPALATGNSVILKPSEKSPLTAIRIAQLAVEAGIPKGVFNVLPGYGHTVGKALALHMDVDTL
VFTGSTKIAKQLMVYAGESNMKRVWLEAGGKSPNIVFADAPDLKAAAEAAAGAIAFNQGEV(CSD)TAGSRLLVERSIKD
KFLPLVIEALKGWKPGNPLDPETNVGALVDTQQMNTVLSYIEAGHNDGAKLVAGGKRTLEETGGTYVEPTIFDGVTNAMK
IAREEIFGPVLSVIEFEDAEEAVRIANDTPYGLAAAVWTSNLSKAHLTAKALRAGSVWVNQYDGGDMTAPFGGFKQSGNG
RDKSLHAFDKYTELKATWIKL
;
A,C
2 'polypeptide(L)'
;MTTLTRADWEARAKDLKIEGRAFVNGEYSNAASGETFDCLSPVDGRFLAKVASCDLADAEQAVKVARNAFDSGAWSRLAP
AKRKQTMIRFADLLLENAEELALLETLDMGKPISDSLHIDVASAANSLRWSAEAIDKIYDEVAATPHAELGLVTREPVGV
VAAIVPWNFPLLMSCWKLGPALATGNSVILKPSEKSPLTAIRIAQLAVEAGIPKGVFNVLPGYGHTVGKALALHMDVDTL
VFTGSTKIAKQLMVYAGESNMKRVWLEAGGKSPNIVFADAPDLKAAAEAAAGAIAFNQGEVCTAGSRLLVERSIKDKFLP
LVIEALKGWKPGNPLDPETNVGALVDTQQMNTVLSYIEAGHNDGAKLVAGGKRTLEETGGTYVEPTIFDGVTNAMKIARE
EIFGPVLSVIEFEDAEEAVRIANDTPYGLAAAVWTSNLSKAHLTAKALRAGSVWVNQYDGGDMTAPFGGFKQSGNGRDKS
LHAFDKYTELKATWIKL
;
B,D
#
# COMPACT_ATOMS: atom_id res chain seq x y z
N MET A 1 -14.23 48.15 8.07
CA MET A 1 -13.24 47.09 7.97
C MET A 1 -11.83 47.67 7.78
N THR A 2 -10.81 46.82 7.87
CA THR A 2 -9.42 47.26 7.79
C THR A 2 -8.71 46.73 6.56
N THR A 3 -7.68 47.45 6.12
CA THR A 3 -6.89 47.02 4.95
C THR A 3 -5.45 47.49 5.06
N LEU A 4 -4.52 46.53 5.10
CA LEU A 4 -3.09 46.85 5.14
C LEU A 4 -2.63 47.49 3.82
N THR A 5 -2.00 48.65 3.92
CA THR A 5 -1.50 49.35 2.75
C THR A 5 0.02 49.19 2.63
N ARG A 6 0.59 49.85 1.62
CA ARG A 6 2.03 49.86 1.43
C ARG A 6 2.73 50.53 2.60
N ALA A 7 2.18 51.65 3.04
CA ALA A 7 2.75 52.42 4.14
C ALA A 7 2.75 51.61 5.44
N ASP A 8 1.73 50.79 5.63
CA ASP A 8 1.62 49.94 6.82
C ASP A 8 2.73 48.89 6.87
N TRP A 9 3.01 48.27 5.73
CA TRP A 9 4.06 47.27 5.64
C TRP A 9 5.45 47.89 5.78
N GLU A 10 5.63 49.08 5.24
CA GLU A 10 6.90 49.79 5.35
C GLU A 10 7.18 50.18 6.81
N ALA A 11 6.15 50.64 7.50
CA ALA A 11 6.27 51.00 8.92
C ALA A 11 6.60 49.77 9.76
N ARG A 12 6.04 48.63 9.36
CA ARG A 12 6.34 47.37 10.01
C ARG A 12 7.80 46.99 9.79
N ALA A 13 8.34 47.34 8.63
CA ALA A 13 9.72 47.02 8.29
C ALA A 13 10.72 47.78 9.17
N LYS A 14 10.42 49.03 9.48
CA LYS A 14 11.32 49.84 10.29
C LYS A 14 11.21 49.48 11.78
N ASP A 15 10.09 48.89 12.16
CA ASP A 15 9.87 48.48 13.55
C ASP A 15 10.51 47.13 13.80
N LEU A 16 10.42 46.26 12.80
CA LEU A 16 10.83 44.86 12.90
C LEU A 16 12.22 44.65 13.49
N LYS A 17 12.29 43.93 14.60
CA LYS A 17 13.56 43.50 15.18
C LYS A 17 13.95 42.18 14.52
N ILE A 18 15.09 42.18 13.83
CA ILE A 18 15.51 41.02 13.05
C ILE A 18 16.64 40.25 13.72
N GLU A 19 16.39 38.97 14.00
CA GLU A 19 17.40 38.09 14.57
C GLU A 19 18.34 37.58 13.49
N GLY A 20 19.64 37.57 13.77
CA GLY A 20 20.63 37.18 12.79
C GLY A 20 21.58 36.10 13.26
N ARG A 21 21.41 35.64 14.49
CA ARG A 21 22.30 34.64 15.07
C ARG A 21 21.90 33.23 14.64
N ALA A 22 22.84 32.30 14.77
CA ALA A 22 22.56 30.89 14.54
C ALA A 22 21.72 30.35 15.68
N PHE A 23 21.07 29.21 15.45
CA PHE A 23 20.25 28.59 16.48
C PHE A 23 20.71 27.15 16.69
N VAL A 24 21.49 26.94 17.75
CA VAL A 24 22.02 25.61 18.05
C VAL A 24 21.65 25.18 19.48
N ASN A 25 21.12 23.96 19.59
CA ASN A 25 20.76 23.38 20.88
C ASN A 25 19.78 24.25 21.66
N GLY A 26 18.74 24.71 20.98
CA GLY A 26 17.66 25.45 21.62
C GLY A 26 17.97 26.89 21.97
N GLU A 27 19.17 27.37 21.60
CA GLU A 27 19.59 28.72 21.94
C GLU A 27 20.16 29.46 20.73
N TYR A 28 20.00 30.79 20.72
CA TYR A 28 20.63 31.62 19.72
C TYR A 28 22.08 31.90 20.11
N SER A 29 22.98 31.86 19.13
CA SER A 29 24.39 32.14 19.38
C SER A 29 25.12 32.60 18.12
N ASN A 30 26.21 33.33 18.31
CA ASN A 30 27.03 33.78 17.19
C ASN A 30 27.81 32.61 16.60
N ALA A 31 28.53 32.87 15.52
CA ALA A 31 29.46 31.88 15.00
C ALA A 31 30.65 31.81 15.96
N ALA A 32 31.32 30.65 15.99
CA ALA A 32 32.45 30.45 16.88
C ALA A 32 33.54 31.50 16.64
N SER A 33 33.73 31.86 15.38
CA SER A 33 34.70 32.88 15.01
C SER A 33 34.16 34.26 15.32
N GLY A 34 32.84 34.37 15.41
CA GLY A 34 32.18 35.64 15.68
C GLY A 34 31.97 36.46 14.42
N GLU A 35 32.35 35.90 13.28
CA GLU A 35 32.20 36.58 12.00
C GLU A 35 30.76 36.61 11.54
N THR A 36 30.39 37.69 10.85
CA THR A 36 29.04 37.86 10.33
C THR A 36 29.10 38.38 8.91
N PHE A 37 27.96 38.36 8.22
CA PHE A 37 27.85 39.01 6.92
C PHE A 37 26.63 39.94 6.90
N ASP A 38 26.66 40.94 6.02
CA ASP A 38 25.57 41.90 5.96
C ASP A 38 24.41 41.39 5.11
N CYS A 39 23.26 41.22 5.75
CA CYS A 39 22.05 40.83 5.05
C CYS A 39 21.38 42.06 4.45
N LEU A 40 21.41 42.17 3.13
CA LEU A 40 20.84 43.33 2.45
C LEU A 40 19.54 42.98 1.73
N SER A 41 18.74 44.00 1.43
CA SER A 41 17.44 43.78 0.80
C SER A 41 17.45 44.21 -0.66
N PRO A 42 16.92 43.36 -1.54
CA PRO A 42 16.80 43.73 -2.96
C PRO A 42 15.65 44.69 -3.22
N VAL A 43 14.88 45.00 -2.17
CA VAL A 43 13.79 45.97 -2.29
C VAL A 43 14.33 47.36 -2.61
N ASP A 44 15.35 47.79 -1.86
CA ASP A 44 15.93 49.12 -2.06
C ASP A 44 17.42 49.18 -1.70
N GLY A 45 18.00 48.03 -1.36
CA GLY A 45 19.41 47.97 -1.03
C GLY A 45 19.69 48.20 0.44
N ARG A 46 18.62 48.35 1.23
CA ARG A 46 18.75 48.68 2.64
C ARG A 46 19.42 47.57 3.44
N PHE A 47 20.04 47.95 4.55
CA PHE A 47 20.62 46.99 5.47
C PHE A 47 19.52 46.38 6.34
N LEU A 48 19.58 45.08 6.55
CA LEU A 48 18.56 44.39 7.34
C LEU A 48 19.09 43.96 8.70
N ALA A 49 20.15 43.16 8.70
CA ALA A 49 20.75 42.67 9.94
C ALA A 49 22.13 42.06 9.68
N LYS A 50 22.91 41.91 10.75
CA LYS A 50 24.16 41.17 10.66
C LYS A 50 23.90 39.71 10.99
N VAL A 51 24.06 38.86 10.00
CA VAL A 51 23.77 37.44 10.16
C VAL A 51 25.04 36.64 10.38
N ALA A 52 25.00 35.72 11.34
CA ALA A 52 26.13 34.87 11.66
C ALA A 52 26.66 34.12 10.44
N SER A 53 27.98 34.14 10.26
CA SER A 53 28.61 33.43 9.16
C SER A 53 29.35 32.20 9.68
N CYS A 54 28.64 31.08 9.77
CA CYS A 54 29.18 29.85 10.34
C CYS A 54 30.17 29.14 9.42
N ASP A 55 30.95 28.24 10.01
CA ASP A 55 31.95 27.47 9.27
C ASP A 55 32.11 26.06 9.86
N LEU A 56 33.28 25.46 9.65
CA LEU A 56 33.54 24.08 10.07
C LEU A 56 33.28 23.85 11.55
N ALA A 57 33.76 24.77 12.38
CA ALA A 57 33.63 24.64 13.83
C ALA A 57 32.17 24.61 14.27
N ASP A 58 31.33 25.38 13.60
CA ASP A 58 29.91 25.45 13.92
C ASP A 58 29.18 24.20 13.43
N ALA A 59 29.58 23.70 12.26
CA ALA A 59 28.98 22.49 11.71
C ALA A 59 29.30 21.29 12.61
N GLU A 60 30.56 21.21 13.04
CA GLU A 60 30.98 20.14 13.94
C GLU A 60 30.19 20.17 15.25
N GLN A 61 30.00 21.37 15.79
CA GLN A 61 29.29 21.52 17.05
C GLN A 61 27.80 21.19 16.90
N ALA A 62 27.20 21.63 15.80
CA ALA A 62 25.80 21.38 15.53
C ALA A 62 25.51 19.89 15.34
N VAL A 63 26.41 19.20 14.65
CA VAL A 63 26.27 17.77 14.41
C VAL A 63 26.32 16.98 15.71
N LYS A 64 27.29 17.31 16.56
CA LYS A 64 27.41 16.68 17.88
C LYS A 64 26.14 16.87 18.69
N VAL A 65 25.62 18.08 18.68
CA VAL A 65 24.37 18.40 19.35
C VAL A 65 23.19 17.62 18.75
N ALA A 66 23.10 17.63 17.43
CA ALA A 66 22.04 16.90 16.73
C ALA A 66 22.12 15.40 17.01
N ARG A 67 23.33 14.86 17.01
CA ARG A 67 23.56 13.45 17.29
C ARG A 67 23.08 13.07 18.69
N ASN A 68 23.48 13.87 19.68
CA ASN A 68 23.14 13.61 21.08
C ASN A 68 21.64 13.69 21.32
N ALA A 69 20.97 14.63 20.67
CA ALA A 69 19.53 14.77 20.77
C ALA A 69 18.83 13.55 20.17
N PHE A 70 19.38 13.04 19.08
CA PHE A 70 18.80 11.88 18.43
C PHE A 70 18.98 10.63 19.29
N ASP A 71 20.19 10.42 19.80
CA ASP A 71 20.48 9.25 20.64
C ASP A 71 19.72 9.26 21.95
N SER A 72 19.46 10.45 22.49
CA SER A 72 18.73 10.59 23.74
C SER A 72 17.30 10.06 23.61
N GLY A 73 16.73 10.20 22.41
CA GLY A 73 15.41 9.67 22.13
C GLY A 73 14.28 10.58 22.56
N ALA A 74 14.62 11.82 22.93
CA ALA A 74 13.62 12.79 23.35
C ALA A 74 12.61 13.09 22.25
N TRP A 75 13.05 12.92 21.01
CA TRP A 75 12.18 13.15 19.86
C TRP A 75 12.09 11.90 19.00
N SER A 76 13.21 11.23 18.82
CA SER A 76 13.29 10.06 17.93
C SER A 76 12.47 8.86 18.42
N ARG A 77 12.36 8.69 19.73
CA ARG A 77 11.60 7.58 20.28
C ARG A 77 10.29 8.04 20.95
N LEU A 78 9.90 9.26 20.66
CA LEU A 78 8.61 9.78 21.10
C LEU A 78 7.50 9.13 20.27
N ALA A 79 6.32 8.99 20.86
CA ALA A 79 5.19 8.37 20.17
C ALA A 79 4.79 9.16 18.93
N PRO A 80 4.43 8.44 17.85
CA PRO A 80 4.01 9.05 16.58
C PRO A 80 2.87 10.06 16.76
N ALA A 81 1.90 9.74 17.61
CA ALA A 81 0.79 10.64 17.87
C ALA A 81 1.25 11.92 18.55
N LYS A 82 2.30 11.82 19.37
CA LYS A 82 2.82 12.97 20.09
C LYS A 82 3.74 13.82 19.23
N ARG A 83 4.42 13.19 18.27
CA ARG A 83 5.21 13.94 17.31
C ARG A 83 4.25 14.66 16.36
N LYS A 84 3.14 14.01 16.04
CA LYS A 84 2.11 14.60 15.20
C LYS A 84 1.53 15.85 15.85
N GLN A 85 1.21 15.76 17.14
CA GLN A 85 0.61 16.87 17.86
C GLN A 85 1.57 18.05 18.02
N THR A 86 2.84 17.75 18.19
CA THR A 86 3.85 18.79 18.36
C THR A 86 4.05 19.58 17.07
N MET A 87 4.09 18.88 15.95
CA MET A 87 4.34 19.53 14.67
C MET A 87 3.13 20.33 14.19
N ILE A 88 1.94 19.95 14.66
CA ILE A 88 0.74 20.72 14.35
C ILE A 88 0.81 22.06 15.07
N ARG A 89 1.26 22.04 16.32
CA ARG A 89 1.48 23.28 17.07
C ARG A 89 2.55 24.13 16.39
N PHE A 90 3.56 23.47 15.83
CA PHE A 90 4.60 24.13 15.07
C PHE A 90 3.98 24.80 13.85
N ALA A 91 3.07 24.09 13.18
CA ALA A 91 2.39 24.62 12.01
C ALA A 91 1.49 25.80 12.40
N ASP A 92 0.81 25.68 13.53
CA ASP A 92 -0.06 26.74 14.04
C ASP A 92 0.73 27.99 14.41
N LEU A 93 1.94 27.80 14.94
CA LEU A 93 2.80 28.91 15.32
C LEU A 93 3.26 29.71 14.10
N LEU A 94 3.48 29.03 12.98
CA LEU A 94 3.83 29.70 11.72
C LEU A 94 2.68 30.60 11.28
N LEU A 95 1.45 30.13 11.49
CA LEU A 95 0.26 30.88 11.13
C LEU A 95 0.04 32.06 12.08
N GLU A 96 0.40 31.88 13.35
CA GLU A 96 0.24 32.94 14.33
C GLU A 96 1.28 34.04 14.15
N ASN A 97 2.32 33.74 13.38
CA ASN A 97 3.38 34.69 13.09
C ASN A 97 3.52 34.89 11.59
N ALA A 98 2.41 34.71 10.87
CA ALA A 98 2.40 34.74 9.41
C ALA A 98 2.85 36.08 8.84
N GLU A 99 2.38 37.16 9.45
CA GLU A 99 2.69 38.50 8.95
C GLU A 99 4.18 38.84 9.10
N GLU A 100 4.76 38.45 10.23
CA GLU A 100 6.18 38.69 10.48
C GLU A 100 7.07 37.85 9.57
N LEU A 101 6.75 36.57 9.44
CA LEU A 101 7.51 35.66 8.60
C LEU A 101 7.45 36.09 7.13
N ALA A 102 6.28 36.53 6.70
CA ALA A 102 6.10 36.98 5.32
C ALA A 102 6.89 38.24 5.06
N LEU A 103 6.93 39.13 6.04
CA LEU A 103 7.67 40.38 5.93
C LEU A 103 9.17 40.10 5.87
N LEU A 104 9.61 39.13 6.67
CA LEU A 104 10.99 38.67 6.63
C LEU A 104 11.36 38.11 5.26
N GLU A 105 10.43 37.37 4.65
CA GLU A 105 10.63 36.82 3.32
C GLU A 105 10.85 37.90 2.27
N THR A 106 9.89 38.81 2.19
CA THR A 106 9.90 39.91 1.21
C THR A 106 11.13 40.80 1.31
N LEU A 107 11.47 41.21 2.52
CA LEU A 107 12.66 42.03 2.74
C LEU A 107 13.93 41.28 2.38
N ASP A 108 13.96 39.99 2.68
CA ASP A 108 15.15 39.18 2.45
C ASP A 108 15.47 38.96 0.97
N MET A 109 14.53 38.40 0.22
CA MET A 109 14.82 37.98 -1.15
C MET A 109 13.97 38.67 -2.23
N GLY A 110 13.03 39.52 -1.83
CA GLY A 110 12.39 40.44 -2.75
C GLY A 110 11.05 40.08 -3.38
N LYS A 111 10.49 38.93 -3.03
CA LYS A 111 9.19 38.54 -3.60
C LYS A 111 8.07 39.40 -3.00
N PRO A 112 6.98 39.58 -3.77
CA PRO A 112 5.84 40.39 -3.31
C PRO A 112 5.29 39.94 -1.96
N ILE A 113 4.86 40.90 -1.14
CA ILE A 113 4.37 40.61 0.21
C ILE A 113 3.08 39.78 0.18
N SER A 114 2.25 39.97 -0.85
CA SER A 114 1.02 39.21 -0.98
C SER A 114 1.31 37.74 -1.25
N ASP A 115 2.42 37.48 -1.92
CA ASP A 115 2.86 36.10 -2.19
C ASP A 115 3.43 35.46 -0.93
N SER A 116 4.23 36.22 -0.20
CA SER A 116 4.87 35.72 1.01
C SER A 116 3.83 35.33 2.05
N LEU A 117 2.78 36.12 2.15
CA LEU A 117 1.74 35.89 3.15
C LEU A 117 0.72 34.83 2.72
N HIS A 118 0.15 35.00 1.54
CA HIS A 118 -0.97 34.15 1.12
C HIS A 118 -0.54 32.83 0.47
N ILE A 119 0.67 32.80 -0.08
CA ILE A 119 1.17 31.58 -0.71
C ILE A 119 2.23 30.88 0.14
N ASP A 120 3.39 31.51 0.28
CA ASP A 120 4.54 30.91 0.96
C ASP A 120 4.24 30.44 2.39
N VAL A 121 3.90 31.37 3.28
CA VAL A 121 3.63 31.03 4.68
C VAL A 121 2.46 30.05 4.83
N ALA A 122 1.38 30.31 4.10
CA ALA A 122 0.20 29.45 4.14
C ALA A 122 0.53 28.03 3.68
N SER A 123 1.30 27.91 2.61
CA SER A 123 1.69 26.61 2.08
C SER A 123 2.70 25.91 2.99
N ALA A 124 3.62 26.70 3.55
CA ALA A 124 4.65 26.15 4.43
C ALA A 124 4.03 25.59 5.71
N ALA A 125 3.07 26.31 6.26
CA ALA A 125 2.34 25.85 7.43
C ALA A 125 1.55 24.57 7.11
N ASN A 126 0.89 24.56 5.95
CA ASN A 126 0.12 23.40 5.54
C ASN A 126 1.01 22.18 5.25
N SER A 127 2.22 22.44 4.76
CA SER A 127 3.17 21.37 4.48
C SER A 127 3.63 20.69 5.77
N LEU A 128 3.86 21.47 6.81
CA LEU A 128 4.22 20.92 8.12
C LEU A 128 3.03 20.17 8.71
N ARG A 129 1.85 20.79 8.62
CA ARG A 129 0.63 20.20 9.15
C ARG A 129 0.30 18.87 8.47
N TRP A 130 0.39 18.85 7.14
CA TRP A 130 0.09 17.66 6.35
C TRP A 130 1.03 16.50 6.72
N SER A 131 2.33 16.80 6.77
CA SER A 131 3.33 15.79 7.12
C SER A 131 3.13 15.28 8.54
N ALA A 132 2.63 16.15 9.41
CA ALA A 132 2.32 15.77 10.79
C ALA A 132 1.13 14.82 10.84
N GLU A 133 0.08 15.16 10.11
CA GLU A 133 -1.14 14.36 10.08
C GLU A 133 -0.89 12.96 9.51
N ALA A 134 0.13 12.83 8.68
CA ALA A 134 0.39 11.59 7.96
C ALA A 134 1.22 10.58 8.76
N ILE A 135 1.82 11.03 9.85
CA ILE A 135 2.74 10.21 10.64
C ILE A 135 2.17 8.85 11.06
N ASP A 136 0.97 8.86 11.62
CA ASP A 136 0.37 7.63 12.12
C ASP A 136 -0.63 7.01 11.13
N LYS A 137 -0.57 7.44 9.88
CA LYS A 137 -1.43 6.88 8.84
C LYS A 137 -0.61 5.93 7.97
N ILE A 138 0.71 5.99 8.13
CA ILE A 138 1.62 5.15 7.37
C ILE A 138 1.84 3.82 8.06
N TYR A 139 1.75 2.74 7.29
CA TYR A 139 1.92 1.39 7.82
C TYR A 139 3.12 0.70 7.22
N ASP A 140 3.94 0.08 8.07
CA ASP A 140 5.03 -0.76 7.59
C ASP A 140 4.50 -2.13 7.17
N GLU A 141 5.39 -3.06 6.84
CA GLU A 141 4.96 -4.28 6.18
C GLU A 141 5.22 -5.57 6.97
N VAL A 142 4.39 -6.57 6.70
CA VAL A 142 4.62 -7.94 7.15
C VAL A 142 4.63 -8.86 5.94
N ALA A 143 5.72 -9.58 5.74
CA ALA A 143 5.87 -10.40 4.55
C ALA A 143 5.15 -11.73 4.65
N ALA A 144 4.82 -12.30 3.49
CA ALA A 144 4.24 -13.64 3.42
C ALA A 144 5.36 -14.66 3.59
N THR A 145 5.46 -15.19 4.80
CA THR A 145 6.53 -16.13 5.14
C THR A 145 5.91 -17.48 5.55
N PRO A 146 6.75 -18.52 5.67
CA PRO A 146 6.29 -19.78 6.26
C PRO A 146 5.69 -19.58 7.66
N HIS A 147 4.86 -20.53 8.09
CA HIS A 147 4.09 -20.38 9.33
C HIS A 147 4.93 -20.17 10.58
N ALA A 148 6.04 -20.89 10.70
CA ALA A 148 6.89 -20.77 11.89
C ALA A 148 7.91 -19.66 11.75
N GLU A 149 7.53 -18.58 11.08
CA GLU A 149 8.45 -17.47 10.83
C GLU A 149 7.68 -16.16 10.70
N LEU A 150 8.27 -15.08 11.21
CA LEU A 150 7.66 -13.76 11.12
C LEU A 150 8.63 -12.77 10.46
N GLY A 151 8.18 -12.15 9.37
CA GLY A 151 9.01 -11.23 8.62
C GLY A 151 8.49 -9.81 8.63
N LEU A 152 9.17 -8.94 9.37
CA LEU A 152 8.77 -7.55 9.49
C LEU A 152 9.65 -6.65 8.64
N VAL A 153 9.03 -5.76 7.89
CA VAL A 153 9.77 -4.77 7.12
C VAL A 153 9.38 -3.38 7.60
N THR A 154 10.23 -2.79 8.43
CA THR A 154 9.91 -1.52 9.09
C THR A 154 10.85 -0.40 8.67
N ARG A 155 10.43 0.84 8.93
CA ARG A 155 11.25 2.01 8.64
C ARG A 155 11.72 2.69 9.92
N GLU A 156 12.95 3.20 9.90
CA GLU A 156 13.53 3.86 11.06
C GLU A 156 14.24 5.13 10.61
N PRO A 157 14.20 6.18 11.44
CA PRO A 157 14.86 7.44 11.10
C PRO A 157 16.36 7.27 10.91
N VAL A 158 16.93 7.99 9.94
CA VAL A 158 18.35 7.86 9.64
C VAL A 158 19.25 8.44 10.74
N GLY A 159 18.77 9.50 11.40
CA GLY A 159 19.51 10.09 12.50
C GLY A 159 19.73 11.59 12.33
N VAL A 160 20.87 11.96 11.76
CA VAL A 160 21.20 13.37 11.55
C VAL A 160 21.01 13.77 10.08
N VAL A 161 20.17 14.77 9.86
CA VAL A 161 19.87 15.21 8.50
C VAL A 161 20.33 16.65 8.28
N ALA A 162 21.17 16.86 7.28
CA ALA A 162 21.57 18.19 6.88
C ALA A 162 20.71 18.64 5.71
N ALA A 163 20.11 19.83 5.83
CA ALA A 163 19.27 20.36 4.78
C ALA A 163 19.77 21.71 4.26
N ILE A 164 20.10 21.76 2.98
CA ILE A 164 20.54 22.98 2.34
C ILE A 164 19.44 23.51 1.41
N VAL A 165 18.81 24.60 1.81
CA VAL A 165 17.64 25.12 1.11
C VAL A 165 17.96 26.37 0.29
N PRO A 166 17.27 26.55 -0.84
CA PRO A 166 17.52 27.68 -1.75
C PRO A 166 16.91 28.98 -1.25
N TRP A 167 17.07 30.03 -2.05
CA TRP A 167 16.63 31.37 -1.67
C TRP A 167 15.34 31.82 -2.34
N ASN A 168 14.87 31.05 -3.32
CA ASN A 168 13.68 31.43 -4.06
C ASN A 168 12.38 31.16 -3.30
N PHE A 169 12.38 30.09 -2.51
CA PHE A 169 11.28 29.81 -1.60
C PHE A 169 11.83 29.38 -0.24
N PRO A 170 12.49 30.31 0.48
CA PRO A 170 13.24 30.00 1.70
C PRO A 170 12.43 29.27 2.76
N LEU A 171 11.25 29.78 3.10
CA LEU A 171 10.43 29.17 4.14
C LEU A 171 9.74 27.89 3.66
N LEU A 172 9.15 27.96 2.46
CA LEU A 172 8.42 26.83 1.90
C LEU A 172 9.30 25.60 1.66
N MET A 173 10.47 25.81 1.04
CA MET A 173 11.41 24.73 0.79
C MET A 173 11.92 24.16 2.10
N SER A 174 12.07 25.01 3.10
CA SER A 174 12.51 24.57 4.41
C SER A 174 11.51 23.59 5.01
N CYS A 175 10.23 23.91 4.88
CA CYS A 175 9.18 23.09 5.47
C CYS A 175 8.90 21.81 4.65
N TRP A 176 9.20 21.84 3.35
CA TRP A 176 9.13 20.65 2.53
C TRP A 176 10.11 19.61 3.04
N LYS A 177 11.22 20.07 3.59
CA LYS A 177 12.24 19.19 4.15
C LYS A 177 11.96 18.88 5.61
N LEU A 178 11.76 19.94 6.41
CA LEU A 178 11.53 19.81 7.85
C LEU A 178 10.32 18.95 8.20
N GLY A 179 9.28 19.05 7.38
CA GLY A 179 8.07 18.28 7.59
C GLY A 179 8.31 16.79 7.76
N PRO A 180 8.65 16.10 6.67
CA PRO A 180 8.90 14.66 6.70
C PRO A 180 10.11 14.26 7.55
N ALA A 181 11.14 15.10 7.60
CA ALA A 181 12.35 14.77 8.37
C ALA A 181 12.08 14.75 9.87
N LEU A 182 11.42 15.78 10.39
CA LEU A 182 11.09 15.83 11.81
C LEU A 182 9.98 14.85 12.15
N ALA A 183 9.07 14.61 11.20
CA ALA A 183 7.97 13.68 11.41
C ALA A 183 8.47 12.25 11.64
N THR A 184 9.58 11.91 10.99
CA THR A 184 10.14 10.57 11.11
C THR A 184 11.03 10.41 12.35
N GLY A 185 11.28 11.51 13.05
CA GLY A 185 12.01 11.46 14.30
C GLY A 185 13.49 11.79 14.21
N ASN A 186 13.90 12.37 13.09
CA ASN A 186 15.31 12.73 12.88
C ASN A 186 15.68 14.06 13.52
N SER A 187 16.97 14.24 13.76
CA SER A 187 17.49 15.55 14.12
C SER A 187 17.94 16.24 12.84
N VAL A 188 17.58 17.51 12.70
CA VAL A 188 17.83 18.23 11.46
C VAL A 188 18.72 19.46 11.67
N ILE A 189 19.71 19.62 10.81
CA ILE A 189 20.52 20.84 10.77
C ILE A 189 20.26 21.57 9.47
N LEU A 190 19.60 22.72 9.57
CA LEU A 190 19.20 23.48 8.39
C LEU A 190 20.20 24.57 8.06
N LYS A 191 20.73 24.53 6.85
CA LYS A 191 21.60 25.58 6.36
C LYS A 191 20.86 26.34 5.26
N PRO A 192 20.34 27.53 5.60
CA PRO A 192 19.64 28.36 4.63
C PRO A 192 20.62 29.04 3.67
N SER A 193 20.12 29.52 2.54
CA SER A 193 20.96 30.25 1.60
C SER A 193 21.45 31.54 2.24
N GLU A 194 22.65 31.97 1.86
CA GLU A 194 23.20 33.23 2.37
C GLU A 194 22.47 34.43 1.78
N LYS A 195 21.63 34.16 0.78
CA LYS A 195 20.82 35.22 0.17
C LYS A 195 19.49 35.40 0.90
N SER A 196 19.18 34.50 1.83
CA SER A 196 17.90 34.57 2.55
C SER A 196 17.88 33.70 3.80
N PRO A 197 18.56 34.14 4.88
CA PRO A 197 18.66 33.32 6.09
C PRO A 197 17.61 33.64 7.16
N LEU A 198 16.94 34.79 7.07
CA LEU A 198 16.13 35.31 8.17
C LEU A 198 14.97 34.43 8.65
N THR A 199 14.18 33.90 7.72
CA THR A 199 13.01 33.09 8.10
C THR A 199 13.39 31.76 8.76
N ALA A 200 14.49 31.18 8.33
CA ALA A 200 14.97 29.93 8.91
C ALA A 200 15.44 30.17 10.35
N ILE A 201 16.13 31.28 10.55
CA ILE A 201 16.59 31.67 11.87
C ILE A 201 15.41 31.88 12.81
N ARG A 202 14.34 32.45 12.28
CA ARG A 202 13.16 32.78 13.07
C ARG A 202 12.40 31.54 13.54
N ILE A 203 12.03 30.68 12.59
CA ILE A 203 11.18 29.53 12.89
C ILE A 203 11.86 28.50 13.81
N ALA A 204 13.17 28.59 13.94
CA ALA A 204 13.92 27.70 14.82
C ALA A 204 13.47 27.86 16.27
N GLN A 205 13.24 29.11 16.66
CA GLN A 205 12.73 29.41 18.00
C GLN A 205 11.30 28.92 18.15
N LEU A 206 10.52 29.04 17.09
CA LEU A 206 9.11 28.64 17.10
C LEU A 206 8.95 27.13 17.25
N ALA A 207 9.90 26.38 16.70
CA ALA A 207 9.89 24.92 16.85
C ALA A 207 10.06 24.56 18.33
N VAL A 208 11.01 25.21 18.99
CA VAL A 208 11.26 24.98 20.41
C VAL A 208 10.03 25.32 21.24
N GLU A 209 9.37 26.42 20.91
CA GLU A 209 8.17 26.85 21.62
C GLU A 209 7.03 25.86 21.44
N ALA A 210 7.00 25.19 20.28
CA ALA A 210 5.93 24.25 19.96
C ALA A 210 6.09 22.92 20.69
N GLY A 211 7.31 22.64 21.16
CA GLY A 211 7.57 21.42 21.88
C GLY A 211 8.71 20.58 21.33
N ILE A 212 9.25 20.98 20.19
CA ILE A 212 10.40 20.29 19.63
C ILE A 212 11.57 20.44 20.60
N PRO A 213 12.11 19.30 21.07
CA PRO A 213 13.22 19.29 22.03
C PRO A 213 14.46 20.02 21.51
N LYS A 214 15.33 20.44 22.44
CA LYS A 214 16.56 21.13 22.09
C LYS A 214 17.47 20.25 21.26
N GLY A 215 18.13 20.85 20.28
CA GLY A 215 19.10 20.14 19.47
C GLY A 215 18.53 19.27 18.38
N VAL A 216 17.21 19.20 18.30
CA VAL A 216 16.55 18.40 17.27
C VAL A 216 16.44 19.19 15.97
N PHE A 217 16.28 20.50 16.08
CA PHE A 217 16.22 21.37 14.91
C PHE A 217 17.14 22.57 15.05
N ASN A 218 18.26 22.54 14.32
CA ASN A 218 19.27 23.59 14.39
C ASN A 218 19.39 24.37 13.08
N VAL A 219 19.77 25.63 13.18
CA VAL A 219 19.88 26.48 12.00
C VAL A 219 21.24 27.17 11.94
N LEU A 220 22.01 26.88 10.89
CA LEU A 220 23.34 27.47 10.70
C LEU A 220 23.40 28.32 9.44
N PRO A 221 23.23 29.64 9.59
CA PRO A 221 23.34 30.55 8.45
C PRO A 221 24.81 30.72 8.04
N GLY A 222 25.04 31.07 6.77
CA GLY A 222 26.39 31.22 6.25
C GLY A 222 26.48 30.88 4.78
N TYR A 223 27.70 30.69 4.29
CA TYR A 223 27.92 30.41 2.87
C TYR A 223 27.95 28.91 2.60
N GLY A 224 27.64 28.54 1.36
CA GLY A 224 27.62 27.14 0.98
C GLY A 224 29.00 26.54 0.91
N HIS A 225 29.99 27.36 0.56
CA HIS A 225 31.35 26.88 0.38
C HIS A 225 32.11 26.77 1.71
N THR A 226 31.43 27.11 2.81
CA THR A 226 32.02 26.99 4.14
C THR A 226 31.26 25.97 4.99
N VAL A 227 30.21 26.44 5.66
CA VAL A 227 29.42 25.58 6.52
C VAL A 227 28.64 24.54 5.71
N GLY A 228 28.18 24.94 4.52
CA GLY A 228 27.47 24.03 3.64
C GLY A 228 28.37 22.90 3.20
N LYS A 229 29.59 23.23 2.82
CA LYS A 229 30.59 22.23 2.43
C LYS A 229 30.93 21.34 3.62
N ALA A 230 30.97 21.95 4.81
CA ALA A 230 31.34 21.24 6.03
C ALA A 230 30.33 20.15 6.38
N LEU A 231 29.05 20.47 6.23
CA LEU A 231 27.98 19.52 6.51
C LEU A 231 28.01 18.35 5.52
N ALA A 232 28.36 18.65 4.27
CA ALA A 232 28.42 17.64 3.22
C ALA A 232 29.57 16.67 3.45
N LEU A 233 30.66 17.17 4.02
CA LEU A 233 31.85 16.36 4.24
C LEU A 233 31.89 15.71 5.63
N HIS A 234 30.92 16.03 6.48
CA HIS A 234 30.94 15.53 7.84
C HIS A 234 30.68 14.03 7.89
N MET A 235 31.44 13.33 8.75
CA MET A 235 31.39 11.87 8.81
C MET A 235 30.26 11.33 9.68
N ASP A 236 29.54 12.22 10.35
CA ASP A 236 28.43 11.78 11.21
C ASP A 236 27.07 12.29 10.74
N VAL A 237 27.05 12.91 9.57
CA VAL A 237 25.80 13.30 8.93
C VAL A 237 25.29 12.15 8.07
N ASP A 238 24.11 11.64 8.42
CA ASP A 238 23.57 10.44 7.77
C ASP A 238 22.94 10.72 6.40
N THR A 239 22.34 11.89 6.27
CA THR A 239 21.58 12.23 5.07
C THR A 239 21.68 13.71 4.75
N LEU A 240 21.91 14.00 3.47
CA LEU A 240 21.97 15.37 2.98
C LEU A 240 20.89 15.59 1.94
N VAL A 241 19.98 16.53 2.20
CA VAL A 241 18.97 16.91 1.22
C VAL A 241 19.23 18.32 0.73
N PHE A 242 18.94 18.57 -0.54
CA PHE A 242 19.32 19.84 -1.16
C PHE A 242 18.40 20.24 -2.31
N THR A 243 18.17 21.55 -2.42
CA THR A 243 17.47 22.12 -3.56
C THR A 243 18.24 23.34 -4.04
N GLY A 244 18.62 23.34 -5.32
CA GLY A 244 19.39 24.43 -5.87
C GLY A 244 19.80 24.18 -7.30
N SER A 245 21.04 24.52 -7.63
CA SER A 245 21.55 24.40 -8.99
C SER A 245 22.15 23.02 -9.24
N THR A 246 22.24 22.66 -10.51
CA THR A 246 22.81 21.38 -10.92
C THR A 246 24.30 21.30 -10.56
N LYS A 247 25.01 22.40 -10.74
CA LYS A 247 26.44 22.45 -10.46
C LYS A 247 26.76 22.13 -9.00
N ILE A 248 26.08 22.81 -8.08
CA ILE A 248 26.31 22.59 -6.66
C ILE A 248 25.84 21.20 -6.23
N ALA A 249 24.70 20.78 -6.77
CA ALA A 249 24.15 19.45 -6.48
C ALA A 249 25.16 18.36 -6.82
N LYS A 250 25.81 18.50 -7.96
CA LYS A 250 26.86 17.57 -8.37
C LYS A 250 28.01 17.60 -7.37
N GLN A 251 28.38 18.80 -6.95
CA GLN A 251 29.49 19.00 -6.01
C GLN A 251 29.23 18.31 -4.67
N LEU A 252 28.03 18.47 -4.14
CA LEU A 252 27.65 17.85 -2.88
C LEU A 252 27.74 16.33 -2.96
N MET A 253 27.39 15.79 -4.12
CA MET A 253 27.43 14.36 -4.36
C MET A 253 28.88 13.85 -4.33
N VAL A 254 29.80 14.70 -4.77
CA VAL A 254 31.21 14.39 -4.70
C VAL A 254 31.69 14.35 -3.24
N TYR A 255 31.28 15.35 -2.47
CA TYR A 255 31.62 15.42 -1.05
C TYR A 255 31.17 14.18 -0.28
N ALA A 256 30.01 13.65 -0.64
CA ALA A 256 29.48 12.45 -0.01
C ALA A 256 30.35 11.24 -0.32
N GLY A 257 30.81 11.16 -1.56
CA GLY A 257 31.70 10.09 -1.97
C GLY A 257 33.06 10.22 -1.33
N GLU A 258 33.45 11.46 -1.04
CA GLU A 258 34.74 11.73 -0.43
C GLU A 258 34.72 11.55 1.09
N SER A 259 33.52 11.47 1.68
CA SER A 259 33.40 11.43 3.13
C SER A 259 32.89 10.08 3.67
N ASN A 260 31.60 10.00 3.95
CA ASN A 260 31.03 8.83 4.63
C ASN A 260 29.94 8.11 3.86
N MET A 261 29.84 8.39 2.56
CA MET A 261 28.83 7.77 1.71
C MET A 261 27.42 8.05 2.23
N LYS A 262 27.20 9.27 2.69
CA LYS A 262 25.89 9.68 3.18
C LYS A 262 24.87 9.68 2.05
N ARG A 263 23.61 9.36 2.37
CA ARG A 263 22.54 9.42 1.40
C ARG A 263 22.38 10.86 0.91
N VAL A 264 22.22 11.02 -0.39
CA VAL A 264 22.11 12.35 -0.98
C VAL A 264 20.88 12.48 -1.87
N TRP A 265 19.97 13.36 -1.46
CA TRP A 265 18.75 13.62 -2.21
C TRP A 265 18.76 15.06 -2.70
N LEU A 266 18.61 15.24 -4.01
CA LEU A 266 18.80 16.55 -4.62
C LEU A 266 17.65 16.97 -5.51
N GLU A 267 17.41 18.27 -5.57
N GLU A 267 17.38 18.27 -5.54
CA GLU A 267 16.46 18.85 -6.51
CA GLU A 267 16.46 18.84 -6.52
C GLU A 267 17.14 19.99 -7.25
C GLU A 267 17.18 19.98 -7.23
N ALA A 268 17.64 19.71 -8.45
CA ALA A 268 18.45 20.68 -9.19
C ALA A 268 17.64 21.60 -10.09
N GLY A 269 18.29 22.14 -11.11
CA GLY A 269 17.67 23.10 -12.00
C GLY A 269 16.63 22.48 -12.92
N GLY A 270 16.07 23.31 -13.79
CA GLY A 270 15.08 22.85 -14.74
C GLY A 270 14.89 23.78 -15.92
N LYS A 271 14.32 23.25 -16.99
CA LYS A 271 13.94 24.03 -18.16
C LYS A 271 12.61 23.49 -18.67
N SER A 272 11.58 23.63 -17.82
CA SER A 272 10.30 23.00 -18.07
C SER A 272 9.60 23.50 -19.32
N PRO A 273 9.18 22.57 -20.20
CA PRO A 273 8.44 22.90 -21.41
C PRO A 273 6.94 23.03 -21.17
N ASN A 274 6.37 24.14 -21.63
CA ASN A 274 4.93 24.34 -21.55
C ASN A 274 4.31 24.14 -22.94
N ILE A 275 3.71 22.97 -23.16
CA ILE A 275 3.25 22.57 -24.49
C ILE A 275 1.77 22.87 -24.74
N VAL A 276 1.51 23.74 -25.71
CA VAL A 276 0.14 24.14 -26.03
C VAL A 276 -0.28 23.65 -27.41
N PHE A 277 -1.24 22.74 -27.45
CA PHE A 277 -1.76 22.22 -28.71
C PHE A 277 -2.88 23.09 -29.25
N ALA A 278 -3.16 22.92 -30.54
CA ALA A 278 -4.22 23.69 -31.20
C ALA A 278 -5.58 23.43 -30.57
N ASP A 279 -5.80 22.19 -30.12
CA ASP A 279 -7.09 21.79 -29.58
C ASP A 279 -7.21 22.00 -28.07
N ALA A 280 -6.47 22.97 -27.54
CA ALA A 280 -6.55 23.31 -26.13
C ALA A 280 -7.98 23.74 -25.75
N PRO A 281 -8.45 23.32 -24.57
CA PRO A 281 -9.81 23.62 -24.10
C PRO A 281 -10.11 25.12 -24.09
N ASP A 282 -9.15 25.92 -23.62
CA ASP A 282 -9.31 27.37 -23.56
C ASP A 282 -7.97 28.03 -23.86
N LEU A 283 -7.84 28.58 -25.07
CA LEU A 283 -6.61 29.24 -25.47
C LEU A 283 -6.32 30.47 -24.61
N LYS A 284 -7.36 31.18 -24.22
CA LYS A 284 -7.20 32.36 -23.38
C LYS A 284 -6.67 31.98 -22.00
N ALA A 285 -7.22 30.91 -21.44
CA ALA A 285 -6.78 30.42 -20.14
C ALA A 285 -5.35 29.88 -20.20
N ALA A 286 -5.03 29.22 -21.30
CA ALA A 286 -3.69 28.70 -21.52
C ALA A 286 -2.68 29.84 -21.66
N ALA A 287 -3.12 30.94 -22.27
CA ALA A 287 -2.27 32.12 -22.45
C ALA A 287 -2.01 32.81 -21.13
N GLU A 288 -3.02 32.86 -20.27
CA GLU A 288 -2.88 33.46 -18.95
C GLU A 288 -1.92 32.63 -18.10
N ALA A 289 -2.08 31.31 -18.19
CA ALA A 289 -1.24 30.38 -17.44
C ALA A 289 0.21 30.43 -17.92
N ALA A 290 0.40 30.58 -19.22
CA ALA A 290 1.74 30.65 -19.80
C ALA A 290 2.49 31.88 -19.29
N ALA A 291 1.83 33.02 -19.29
CA ALA A 291 2.43 34.26 -18.80
C ALA A 291 2.76 34.12 -17.31
N GLY A 292 1.83 33.56 -16.54
CA GLY A 292 2.04 33.35 -15.12
C GLY A 292 3.13 32.33 -14.84
N ALA A 293 3.35 31.41 -15.78
CA ALA A 293 4.34 30.36 -15.59
C ALA A 293 5.77 30.89 -15.66
N ILE A 294 5.94 32.13 -16.10
CA ILE A 294 7.27 32.72 -16.23
C ILE A 294 7.43 34.00 -15.43
N ALA A 295 6.31 34.64 -15.08
CA ALA A 295 6.35 35.91 -14.35
C ALA A 295 6.23 35.71 -12.84
N PHE A 296 5.59 34.61 -12.44
CA PHE A 296 5.39 34.32 -11.02
C PHE A 296 6.71 34.14 -10.29
N ASN A 297 6.83 34.83 -9.16
CA ASN A 297 8.06 34.87 -8.36
C ASN A 297 9.28 35.27 -9.20
N GLN A 298 9.08 36.25 -10.09
CA GLN A 298 10.14 36.82 -10.90
C GLN A 298 10.86 35.77 -11.76
N GLY A 299 10.14 34.71 -12.12
CA GLY A 299 10.71 33.64 -12.91
C GLY A 299 11.74 32.81 -12.16
N GLU A 300 11.93 33.15 -10.88
CA GLU A 300 12.88 32.44 -10.03
C GLU A 300 12.22 31.21 -9.45
N VAL A 301 11.68 30.38 -10.33
CA VAL A 301 11.01 29.15 -9.94
C VAL A 301 11.66 28.01 -10.70
N THR A 303 10.44 25.22 -11.55
CA THR A 303 9.51 24.67 -12.53
C THR A 303 8.82 25.75 -13.35
N ALA A 304 9.48 26.89 -13.51
CA ALA A 304 8.97 27.96 -14.35
C ALA A 304 8.83 27.47 -15.78
N GLY A 305 7.76 27.86 -16.45
CA GLY A 305 7.56 27.51 -17.84
C GLY A 305 8.45 28.33 -18.74
N SER A 306 9.75 28.05 -18.69
CA SER A 306 10.74 28.84 -19.41
C SER A 306 10.76 28.55 -20.91
N ARG A 307 10.27 27.37 -21.29
CA ARG A 307 10.13 27.02 -22.71
C ARG A 307 8.66 26.88 -23.08
N LEU A 308 8.18 27.78 -23.93
CA LEU A 308 6.81 27.72 -24.40
C LEU A 308 6.73 27.04 -25.77
N LEU A 309 6.31 25.78 -25.77
CA LEU A 309 6.17 25.02 -27.01
C LEU A 309 4.77 25.19 -27.58
N VAL A 310 4.68 25.84 -28.73
CA VAL A 310 3.38 26.12 -29.35
C VAL A 310 3.25 25.46 -30.73
N GLU A 311 2.11 24.81 -30.95
CA GLU A 311 1.83 24.21 -32.24
C GLU A 311 1.74 25.29 -33.30
N ARG A 312 2.41 25.06 -34.43
CA ARG A 312 2.57 26.10 -35.45
C ARG A 312 1.25 26.66 -36.00
N SER A 313 0.23 25.81 -36.07
CA SER A 313 -1.04 26.22 -36.65
C SER A 313 -1.79 27.29 -35.82
N ILE A 314 -1.42 27.46 -34.56
CA ILE A 314 -2.06 28.47 -33.71
C ILE A 314 -1.08 29.48 -33.13
N LYS A 315 0.14 29.49 -33.65
CA LYS A 315 1.18 30.36 -33.10
C LYS A 315 0.85 31.85 -33.28
N ASP A 316 0.28 32.19 -34.44
CA ASP A 316 0.01 33.59 -34.77
C ASP A 316 -1.16 34.17 -33.96
N LYS A 317 -1.98 33.30 -33.38
CA LYS A 317 -3.13 33.74 -32.61
C LYS A 317 -2.94 33.55 -31.11
N PHE A 318 -2.00 32.67 -30.74
CA PHE A 318 -1.75 32.37 -29.33
C PHE A 318 -0.73 33.34 -28.73
N LEU A 319 0.29 33.66 -29.51
CA LEU A 319 1.34 34.58 -29.04
C LEU A 319 0.84 35.98 -28.62
N PRO A 320 -0.06 36.59 -29.42
CA PRO A 320 -0.56 37.90 -28.99
C PRO A 320 -1.33 37.84 -27.67
N LEU A 321 -1.96 36.69 -27.41
CA LEU A 321 -2.71 36.50 -26.17
C LEU A 321 -1.76 36.41 -24.96
N VAL A 322 -0.60 35.81 -25.19
CA VAL A 322 0.42 35.67 -24.15
C VAL A 322 1.07 37.01 -23.84
N ILE A 323 1.38 37.77 -24.89
CA ILE A 323 1.96 39.09 -24.73
C ILE A 323 1.03 40.01 -23.95
N GLU A 324 -0.25 39.96 -24.27
CA GLU A 324 -1.25 40.77 -23.60
C GLU A 324 -1.37 40.38 -22.11
N ALA A 325 -1.39 39.07 -21.86
CA ALA A 325 -1.54 38.56 -20.51
C ALA A 325 -0.32 38.90 -19.64
N LEU A 326 0.83 39.10 -20.27
CA LEU A 326 2.06 39.39 -19.55
C LEU A 326 2.05 40.81 -18.98
N LYS A 327 1.26 41.68 -19.60
CA LYS A 327 1.15 43.07 -19.16
C LYS A 327 0.60 43.17 -17.74
N GLY A 328 -0.21 42.20 -17.35
CA GLY A 328 -0.79 42.18 -16.02
C GLY A 328 0.25 41.94 -14.93
N TRP A 329 1.41 41.47 -15.33
CA TRP A 329 2.50 41.22 -14.40
C TRP A 329 3.52 42.37 -14.43
N LYS A 330 3.37 43.29 -13.49
CA LYS A 330 4.21 44.49 -13.45
C LYS A 330 5.16 44.48 -12.24
N PRO A 331 6.45 44.70 -12.50
CA PRO A 331 7.42 44.85 -11.41
C PRO A 331 7.09 46.09 -10.57
N GLY A 332 7.09 45.96 -9.25
CA GLY A 332 6.78 47.07 -8.38
C GLY A 332 7.29 46.87 -6.97
N ASN A 333 7.01 47.83 -6.10
CA ASN A 333 7.41 47.75 -4.69
C ASN A 333 6.82 46.50 -4.04
N PRO A 334 7.70 45.58 -3.60
CA PRO A 334 7.28 44.31 -2.99
C PRO A 334 6.49 44.52 -1.69
N LEU A 335 6.67 45.67 -1.06
CA LEU A 335 5.95 45.98 0.18
C LEU A 335 4.54 46.48 -0.11
N ASP A 336 4.25 46.72 -1.39
CA ASP A 336 2.90 47.08 -1.82
C ASP A 336 2.13 45.80 -2.14
N PRO A 337 1.05 45.54 -1.38
CA PRO A 337 0.24 44.32 -1.53
C PRO A 337 -0.30 44.12 -2.94
N GLU A 338 -0.47 45.21 -3.70
CA GLU A 338 -0.99 45.12 -5.05
C GLU A 338 0.03 44.60 -6.05
N THR A 339 1.31 44.66 -5.67
CA THR A 339 2.40 44.19 -6.53
C THR A 339 2.32 42.68 -6.76
N ASN A 340 2.43 42.26 -8.02
CA ASN A 340 2.45 40.83 -8.35
C ASN A 340 3.83 40.34 -8.79
N VAL A 341 4.69 41.27 -9.20
CA VAL A 341 6.07 40.94 -9.56
C VAL A 341 7.04 41.79 -8.75
N GLY A 342 7.86 41.13 -7.95
CA GLY A 342 8.79 41.83 -7.07
C GLY A 342 10.17 42.04 -7.67
N ALA A 343 11.19 41.96 -6.81
CA ALA A 343 12.57 42.19 -7.23
C ALA A 343 13.34 40.88 -7.33
N LEU A 344 14.40 40.88 -8.14
CA LEU A 344 15.32 39.76 -8.19
C LEU A 344 16.12 39.75 -6.90
N VAL A 345 16.66 38.58 -6.52
CA VAL A 345 17.25 38.41 -5.20
C VAL A 345 18.44 39.34 -4.90
N ASP A 346 19.28 39.59 -5.90
CA ASP A 346 20.42 40.50 -5.73
C ASP A 346 20.96 41.06 -7.05
N THR A 347 22.05 41.81 -6.96
CA THR A 347 22.67 42.42 -8.15
C THR A 347 23.25 41.35 -9.07
N GLN A 348 23.89 40.35 -8.49
CA GLN A 348 24.51 39.25 -9.24
C GLN A 348 23.49 38.50 -10.08
N GLN A 349 22.34 38.21 -9.49
CA GLN A 349 21.27 37.51 -10.18
C GLN A 349 20.72 38.36 -11.30
N MET A 350 20.61 39.66 -11.04
CA MET A 350 20.12 40.61 -12.04
C MET A 350 21.04 40.66 -13.26
N ASN A 351 22.34 40.74 -13.01
CA ASN A 351 23.33 40.78 -14.08
C ASN A 351 23.31 39.51 -14.91
N THR A 352 23.10 38.38 -14.26
CA THR A 352 22.99 37.10 -14.94
C THR A 352 21.77 37.09 -15.86
N VAL A 353 20.64 37.56 -15.35
CA VAL A 353 19.42 37.66 -16.14
C VAL A 353 19.61 38.62 -17.32
N LEU A 354 20.24 39.76 -17.05
CA LEU A 354 20.54 40.73 -18.10
C LEU A 354 21.50 40.14 -19.13
N SER A 355 22.43 39.31 -18.67
CA SER A 355 23.40 38.68 -19.56
C SER A 355 22.73 37.66 -20.48
N TYR A 356 21.75 36.93 -19.96
CA TYR A 356 21.01 35.97 -20.76
C TYR A 356 20.13 36.67 -21.79
N ILE A 357 19.56 37.82 -21.43
CA ILE A 357 18.75 38.60 -22.36
C ILE A 357 19.58 39.07 -23.55
N GLU A 358 20.79 39.54 -23.27
CA GLU A 358 21.70 39.95 -24.32
C GLU A 358 22.06 38.75 -25.20
N ALA A 359 22.23 37.60 -24.57
CA ALA A 359 22.51 36.35 -25.29
C ALA A 359 21.36 35.96 -26.19
N GLY A 360 20.14 36.34 -25.79
CA GLY A 360 18.96 36.07 -26.58
C GLY A 360 19.00 36.83 -27.90
N HIS A 361 19.45 38.08 -27.85
CA HIS A 361 19.60 38.89 -29.04
C HIS A 361 20.68 38.32 -29.95
N ASN A 362 21.78 37.90 -29.33
CA ASN A 362 22.93 37.35 -30.06
C ASN A 362 22.63 36.02 -30.74
N ASP A 363 21.76 35.22 -30.14
CA ASP A 363 21.35 33.95 -30.73
C ASP A 363 20.44 34.16 -31.94
N GLY A 364 19.94 35.39 -32.08
CA GLY A 364 19.10 35.74 -33.20
C GLY A 364 17.60 35.69 -32.90
N ALA A 365 17.26 35.57 -31.62
CA ALA A 365 15.86 35.52 -31.21
C ALA A 365 15.23 36.92 -31.23
N LYS A 366 13.94 36.99 -31.50
CA LYS A 366 13.24 38.27 -31.61
C LYS A 366 12.55 38.69 -30.31
N LEU A 367 12.97 39.83 -29.77
CA LEU A 367 12.36 40.36 -28.56
C LEU A 367 10.96 40.91 -28.84
N VAL A 368 9.97 40.46 -28.07
CA VAL A 368 8.59 40.89 -28.30
C VAL A 368 7.91 41.44 -27.03
N ALA A 369 8.60 41.37 -25.89
CA ALA A 369 8.08 41.94 -24.64
C ALA A 369 9.19 42.09 -23.60
N GLY A 370 9.19 43.23 -22.90
CA GLY A 370 10.16 43.49 -21.85
C GLY A 370 11.60 43.55 -22.34
N GLY A 371 12.51 42.97 -21.57
CA GLY A 371 13.90 42.87 -21.96
C GLY A 371 14.83 43.91 -21.35
N LYS A 372 14.32 44.70 -20.42
CA LYS A 372 15.11 45.76 -19.81
C LYS A 372 15.03 45.76 -18.30
N ARG A 373 16.07 46.27 -17.66
CA ARG A 373 16.05 46.51 -16.22
C ARG A 373 15.11 47.66 -15.91
N THR A 374 14.42 47.57 -14.78
CA THR A 374 13.45 48.60 -14.41
C THR A 374 13.55 49.00 -12.94
N LEU A 375 12.90 50.11 -12.60
CA LEU A 375 12.87 50.63 -11.23
C LEU A 375 14.27 50.78 -10.63
N GLU A 376 15.22 51.23 -11.45
CA GLU A 376 16.61 51.37 -11.01
C GLU A 376 16.77 52.46 -9.97
N GLU A 377 15.92 53.49 -10.05
CA GLU A 377 16.00 54.63 -9.15
C GLU A 377 15.60 54.29 -7.72
N THR A 378 15.03 53.10 -7.52
CA THR A 378 14.60 52.67 -6.19
C THR A 378 15.77 52.16 -5.36
N GLY A 379 16.87 51.83 -6.04
CA GLY A 379 18.01 51.25 -5.38
C GLY A 379 17.90 49.74 -5.29
N GLY A 380 16.80 49.21 -5.82
CA GLY A 380 16.56 47.78 -5.84
C GLY A 380 16.81 47.16 -7.20
N THR A 381 16.82 45.83 -7.25
CA THR A 381 17.11 45.12 -8.49
C THR A 381 15.87 44.51 -9.13
N TYR A 382 15.41 45.11 -10.24
CA TYR A 382 14.21 44.65 -10.92
C TYR A 382 14.46 44.46 -12.41
N VAL A 383 13.79 43.46 -12.99
CA VAL A 383 13.85 43.21 -14.42
C VAL A 383 12.46 42.88 -14.96
N GLU A 384 12.08 43.51 -16.07
CA GLU A 384 10.79 43.29 -16.69
C GLU A 384 10.63 41.84 -17.16
N PRO A 385 9.41 41.29 -17.03
CA PRO A 385 9.10 39.98 -17.63
C PRO A 385 9.37 40.01 -19.13
N THR A 386 10.19 39.08 -19.62
CA THR A 386 10.71 39.16 -20.98
C THR A 386 10.30 37.95 -21.83
N ILE A 387 9.85 38.21 -23.06
CA ILE A 387 9.52 37.14 -24.00
C ILE A 387 10.37 37.23 -25.27
N PHE A 388 11.04 36.14 -25.61
CA PHE A 388 11.76 36.04 -26.88
C PHE A 388 11.01 35.12 -27.83
N ASP A 389 10.73 35.62 -29.03
CA ASP A 389 10.06 34.83 -30.06
C ASP A 389 11.07 34.27 -31.06
N GLY A 390 10.67 33.25 -31.81
CA GLY A 390 11.51 32.66 -32.83
C GLY A 390 12.73 31.97 -32.25
N VAL A 391 12.52 31.28 -31.14
CA VAL A 391 13.61 30.59 -30.46
C VAL A 391 13.65 29.13 -30.90
N THR A 392 14.86 28.60 -31.08
CA THR A 392 15.03 27.18 -31.34
C THR A 392 15.59 26.52 -30.08
N ASN A 393 15.39 25.22 -29.96
CA ASN A 393 15.81 24.49 -28.77
C ASN A 393 17.32 24.26 -28.70
N ALA A 394 18.06 24.96 -29.55
CA ALA A 394 19.51 24.84 -29.59
C ALA A 394 20.16 26.12 -29.07
N MET A 395 19.39 27.20 -29.05
CA MET A 395 19.86 28.49 -28.56
C MET A 395 20.21 28.42 -27.07
N LYS A 396 21.07 29.35 -26.63
CA LYS A 396 21.55 29.35 -25.26
C LYS A 396 20.42 29.60 -24.25
N ILE A 397 19.50 30.50 -24.60
CA ILE A 397 18.41 30.85 -23.71
C ILE A 397 17.33 29.77 -23.64
N ALA A 398 17.45 28.75 -24.49
CA ALA A 398 16.47 27.69 -24.54
C ALA A 398 16.96 26.43 -23.82
N ARG A 399 18.27 26.27 -23.72
CA ARG A 399 18.85 25.08 -23.11
C ARG A 399 19.34 25.32 -21.69
N GLU A 400 19.69 26.56 -21.38
CA GLU A 400 20.23 26.89 -20.07
C GLU A 400 19.18 27.51 -19.16
N GLU A 401 19.22 27.13 -17.89
CA GLU A 401 18.31 27.71 -16.90
C GLU A 401 18.69 29.16 -16.65
N ILE A 402 17.72 30.05 -16.76
CA ILE A 402 17.95 31.48 -16.60
C ILE A 402 17.67 31.94 -15.17
N PHE A 403 16.63 31.38 -14.56
CA PHE A 403 16.16 31.76 -13.23
C PHE A 403 15.80 33.25 -13.18
N GLY A 404 15.13 33.70 -14.22
CA GLY A 404 14.61 35.06 -14.30
C GLY A 404 13.38 35.01 -15.18
N PRO A 405 12.63 36.13 -15.26
CA PRO A 405 11.38 36.17 -16.01
C PRO A 405 11.61 36.28 -17.52
N VAL A 406 12.29 35.29 -18.10
CA VAL A 406 12.58 35.30 -19.53
C VAL A 406 12.00 34.06 -20.22
N LEU A 407 11.07 34.28 -21.13
CA LEU A 407 10.37 33.19 -21.80
C LEU A 407 10.88 32.92 -23.21
N SER A 408 11.03 31.65 -23.56
CA SER A 408 11.44 31.24 -24.89
C SER A 408 10.28 30.59 -25.64
N VAL A 409 9.90 31.17 -26.77
CA VAL A 409 8.79 30.63 -27.55
C VAL A 409 9.33 29.74 -28.68
N ILE A 410 8.95 28.47 -28.65
CA ILE A 410 9.44 27.49 -29.61
C ILE A 410 8.27 26.83 -30.32
N GLU A 411 8.37 26.74 -31.64
CA GLU A 411 7.30 26.17 -32.45
C GLU A 411 7.53 24.70 -32.74
N PHE A 412 6.44 23.94 -32.80
CA PHE A 412 6.51 22.54 -33.21
C PHE A 412 5.41 22.23 -34.21
N GLU A 413 5.63 21.24 -35.07
CA GLU A 413 4.67 20.90 -36.10
C GLU A 413 3.53 20.02 -35.55
N ASP A 414 3.91 18.97 -34.83
CA ASP A 414 2.92 18.04 -34.27
C ASP A 414 3.35 17.51 -32.91
N ALA A 415 2.55 16.58 -32.37
CA ALA A 415 2.79 16.01 -31.05
C ALA A 415 4.13 15.28 -30.97
N GLU A 416 4.52 14.61 -32.05
CA GLU A 416 5.77 13.88 -32.09
C GLU A 416 6.97 14.81 -31.94
N GLU A 417 6.96 15.91 -32.67
CA GLU A 417 8.04 16.89 -32.58
C GLU A 417 8.02 17.60 -31.23
N ALA A 418 6.82 17.85 -30.71
CA ALA A 418 6.64 18.50 -29.42
C ALA A 418 7.31 17.70 -28.31
N VAL A 419 7.08 16.39 -28.31
CA VAL A 419 7.68 15.51 -27.33
C VAL A 419 9.20 15.47 -27.49
N ARG A 420 9.67 15.46 -28.74
CA ARG A 420 11.10 15.46 -29.02
C ARG A 420 11.81 16.71 -28.49
N ILE A 421 11.24 17.86 -28.79
CA ILE A 421 11.78 19.14 -28.33
C ILE A 421 11.74 19.23 -26.81
N ALA A 422 10.62 18.79 -26.22
CA ALA A 422 10.44 18.86 -24.78
C ALA A 422 11.41 17.96 -24.02
N ASN A 423 11.76 16.82 -24.60
CA ASN A 423 12.68 15.90 -23.95
C ASN A 423 14.14 16.20 -24.24
N ASP A 424 14.37 17.07 -25.23
CA ASP A 424 15.73 17.46 -25.60
C ASP A 424 16.31 18.45 -24.60
N THR A 425 16.68 17.93 -23.44
CA THR A 425 17.17 18.74 -22.34
C THR A 425 17.80 17.83 -21.29
N PRO A 426 18.86 18.30 -20.63
CA PRO A 426 19.48 17.51 -19.56
C PRO A 426 18.60 17.47 -18.32
N TYR A 427 17.60 18.35 -18.25
CA TYR A 427 16.70 18.42 -17.12
C TYR A 427 15.44 17.57 -17.31
N GLY A 428 14.54 17.64 -16.34
CA GLY A 428 13.30 16.87 -16.37
C GLY A 428 12.53 17.01 -15.07
N LEU A 429 12.32 18.26 -14.65
CA LEU A 429 11.67 18.55 -13.38
C LEU A 429 10.15 18.68 -13.56
N ALA A 430 9.73 19.42 -14.59
CA ALA A 430 8.30 19.61 -14.84
C ALA A 430 8.00 19.77 -16.33
N ALA A 431 6.72 19.64 -16.67
CA ALA A 431 6.25 19.84 -18.03
C ALA A 431 4.74 20.07 -18.02
N ALA A 432 4.21 20.69 -19.06
CA ALA A 432 2.77 20.91 -19.15
C ALA A 432 2.24 20.64 -20.55
N VAL A 433 1.00 20.14 -20.62
CA VAL A 433 0.35 19.86 -21.89
C VAL A 433 -1.07 20.43 -21.89
N TRP A 434 -1.40 21.18 -22.93
CA TRP A 434 -2.74 21.75 -23.07
C TRP A 434 -3.44 21.15 -24.29
N THR A 435 -4.45 20.33 -24.04
CA THR A 435 -5.23 19.69 -25.09
C THR A 435 -6.54 19.17 -24.52
N SER A 436 -7.54 19.04 -25.38
CA SER A 436 -8.85 18.55 -24.95
C SER A 436 -9.02 17.09 -25.36
N ASN A 437 -8.07 16.58 -26.12
CA ASN A 437 -8.12 15.20 -26.60
C ASN A 437 -7.68 14.19 -25.55
N LEU A 438 -8.52 13.19 -25.30
CA LEU A 438 -8.24 12.18 -24.28
C LEU A 438 -6.94 11.41 -24.54
N SER A 439 -6.83 10.82 -25.72
CA SER A 439 -5.65 10.02 -26.07
C SER A 439 -4.37 10.85 -26.08
N LYS A 440 -4.42 12.03 -26.69
CA LYS A 440 -3.23 12.84 -26.85
C LYS A 440 -2.73 13.40 -25.51
N ALA A 441 -3.66 13.70 -24.60
CA ALA A 441 -3.27 14.18 -23.28
C ALA A 441 -2.49 13.13 -22.49
N HIS A 442 -3.01 11.90 -22.47
CA HIS A 442 -2.38 10.83 -21.71
C HIS A 442 -1.09 10.31 -22.32
N LEU A 443 -1.11 10.04 -23.62
CA LEU A 443 0.06 9.53 -24.31
C LEU A 443 1.24 10.50 -24.28
N THR A 444 0.95 11.79 -24.43
CA THR A 444 2.01 12.81 -24.35
C THR A 444 2.56 12.88 -22.93
N ALA A 445 1.67 12.90 -21.95
CA ALA A 445 2.06 12.94 -20.55
C ALA A 445 2.96 11.77 -20.19
N LYS A 446 2.61 10.59 -20.70
CA LYS A 446 3.43 9.40 -20.46
C LYS A 446 4.77 9.47 -21.18
N ALA A 447 4.82 10.23 -22.28
CA ALA A 447 6.04 10.30 -23.09
C ALA A 447 7.02 11.36 -22.60
N LEU A 448 6.55 12.30 -21.81
CA LEU A 448 7.39 13.37 -21.28
C LEU A 448 8.21 12.91 -20.08
N ARG A 449 9.54 13.05 -20.16
CA ARG A 449 10.42 12.63 -19.08
C ARG A 449 10.55 13.70 -18.01
N ALA A 450 9.53 13.85 -17.18
CA ALA A 450 9.52 14.85 -16.12
C ALA A 450 8.79 14.35 -14.87
N GLY A 451 9.26 14.78 -13.70
CA GLY A 451 8.69 14.33 -12.45
C GLY A 451 7.27 14.82 -12.22
N SER A 452 6.96 15.98 -12.78
CA SER A 452 5.61 16.53 -12.69
C SER A 452 5.11 16.88 -14.08
N VAL A 453 3.94 16.35 -14.44
CA VAL A 453 3.29 16.72 -15.70
C VAL A 453 1.92 17.30 -15.43
N TRP A 454 1.70 18.53 -15.85
CA TRP A 454 0.42 19.19 -15.62
C TRP A 454 -0.38 19.28 -16.91
N VAL A 455 -1.64 18.84 -16.84
CA VAL A 455 -2.51 18.82 -18.01
C VAL A 455 -3.64 19.84 -17.86
N ASN A 456 -3.74 20.73 -18.84
CA ASN A 456 -4.76 21.79 -18.85
C ASN A 456 -4.71 22.68 -17.60
N GLN A 457 -3.51 22.86 -17.08
CA GLN A 457 -3.25 23.74 -15.95
C GLN A 457 -1.75 23.86 -15.78
N TYR A 458 -1.30 24.82 -14.97
CA TYR A 458 0.11 24.91 -14.67
C TYR A 458 0.36 25.00 -13.16
N ASP A 459 1.50 24.49 -12.73
CA ASP A 459 1.90 24.50 -11.32
C ASP A 459 0.84 23.84 -10.44
N GLY A 460 0.43 22.63 -10.85
CA GLY A 460 -0.60 21.91 -10.13
C GLY A 460 -0.04 20.98 -9.07
N GLY A 461 -0.93 20.31 -8.34
CA GLY A 461 -0.53 19.38 -7.30
C GLY A 461 -0.38 20.02 -5.93
N ASP A 462 -1.02 19.42 -4.93
CA ASP A 462 -0.88 19.89 -3.56
C ASP A 462 0.14 19.03 -2.79
N MET A 463 -0.09 18.85 -1.49
CA MET A 463 0.81 18.03 -0.68
C MET A 463 0.70 16.55 -0.97
N THR A 464 -0.30 16.15 -1.74
CA THR A 464 -0.46 14.74 -2.11
C THR A 464 0.36 14.37 -3.35
N ALA A 465 0.95 15.37 -3.99
CA ALA A 465 1.72 15.14 -5.22
C ALA A 465 3.22 15.15 -4.97
N PRO A 466 3.88 14.02 -5.24
CA PRO A 466 5.34 13.95 -5.14
C PRO A 466 6.00 14.94 -6.10
N PHE A 467 7.09 15.55 -5.67
CA PHE A 467 7.74 16.60 -6.44
C PHE A 467 9.24 16.36 -6.52
N GLY A 468 9.77 16.27 -7.74
CA GLY A 468 11.17 15.99 -7.96
C GLY A 468 11.48 15.84 -9.44
N GLY A 469 12.75 15.66 -9.78
CA GLY A 469 13.14 15.65 -11.18
C GLY A 469 13.60 14.32 -11.76
N PHE A 470 13.53 14.22 -13.08
CA PHE A 470 14.19 13.15 -13.82
C PHE A 470 15.60 13.63 -14.14
N LYS A 471 16.49 12.69 -14.40
CA LYS A 471 17.85 13.01 -14.88
C LYS A 471 18.60 14.01 -14.00
N GLN A 472 19.03 15.12 -14.59
CA GLN A 472 19.85 16.10 -13.87
C GLN A 472 19.03 17.14 -13.12
N SER A 473 17.72 16.92 -13.03
CA SER A 473 16.86 17.78 -12.22
C SER A 473 16.82 17.30 -10.78
N GLY A 474 17.54 16.20 -10.52
CA GLY A 474 17.67 15.69 -9.17
C GLY A 474 17.15 14.27 -9.00
N ASN A 475 17.16 13.79 -7.76
CA ASN A 475 16.64 12.48 -7.42
C ASN A 475 15.81 12.56 -6.14
N GLY A 476 14.87 11.62 -5.98
CA GLY A 476 13.98 11.63 -4.83
C GLY A 476 12.83 12.60 -5.00
N ARG A 477 11.88 12.57 -4.07
CA ARG A 477 10.68 13.38 -4.21
C ARG A 477 10.34 14.13 -2.92
N ASP A 478 9.98 15.40 -3.06
CA ASP A 478 9.42 16.17 -1.95
C ASP A 478 7.90 16.05 -1.95
N LYS A 479 7.28 16.37 -0.81
CA LYS A 479 5.83 16.22 -0.63
C LYS A 479 5.36 14.77 -0.74
N SER A 480 4.06 14.56 -0.55
CA SER A 480 3.46 13.22 -0.50
C SER A 480 4.08 12.35 0.60
N LEU A 481 3.69 11.08 0.64
CA LEU A 481 4.27 10.17 1.62
C LEU A 481 5.63 9.65 1.16
N HIS A 482 5.93 9.89 -0.12
CA HIS A 482 7.22 9.48 -0.70
C HIS A 482 8.38 10.26 -0.10
N ALA A 483 8.10 11.47 0.37
CA ALA A 483 9.12 12.33 0.96
C ALA A 483 9.73 11.69 2.21
N PHE A 484 8.92 10.93 2.94
CA PHE A 484 9.36 10.29 4.18
C PHE A 484 10.48 9.27 3.95
N ASP A 485 10.50 8.67 2.76
CA ASP A 485 11.46 7.62 2.46
C ASP A 485 12.90 8.14 2.41
N LYS A 486 13.06 9.44 2.21
CA LYS A 486 14.37 10.05 2.14
C LYS A 486 15.02 10.19 3.51
N TYR A 487 14.22 9.98 4.55
CA TYR A 487 14.67 10.20 5.92
C TYR A 487 14.51 8.96 6.78
N THR A 488 14.32 7.81 6.12
CA THR A 488 14.21 6.54 6.83
C THR A 488 15.00 5.44 6.16
N GLU A 489 15.34 4.42 6.95
CA GLU A 489 16.00 3.22 6.44
C GLU A 489 15.05 2.03 6.57
N LEU A 490 15.16 1.09 5.65
CA LEU A 490 14.38 -0.14 5.71
C LEU A 490 15.09 -1.19 6.54
N LYS A 491 14.34 -1.87 7.39
CA LYS A 491 14.88 -2.95 8.20
C LYS A 491 14.05 -4.21 8.05
N ALA A 492 14.67 -5.29 7.59
CA ALA A 492 13.98 -6.56 7.47
C ALA A 492 14.29 -7.45 8.67
N THR A 493 13.33 -7.54 9.58
CA THR A 493 13.48 -8.37 10.77
C THR A 493 12.80 -9.73 10.59
N TRP A 494 13.61 -10.75 10.35
CA TRP A 494 13.09 -12.10 10.14
C TRP A 494 13.25 -12.95 11.41
N ILE A 495 12.12 -13.26 12.04
CA ILE A 495 12.10 -13.95 13.31
C ILE A 495 11.68 -15.41 13.14
N LYS A 496 12.56 -16.32 13.52
CA LYS A 496 12.24 -17.74 13.49
C LYS A 496 11.48 -18.14 14.75
N LEU A 497 10.28 -18.68 14.57
CA LEU A 497 9.44 -19.08 15.69
C LEU A 497 9.51 -20.57 15.94
N THR B 3 22.57 -37.48 -9.00
CA THR B 3 23.60 -36.75 -8.29
C THR B 3 24.99 -37.07 -8.83
N LEU B 4 25.61 -36.07 -9.46
CA LEU B 4 26.93 -36.24 -10.04
C LEU B 4 28.00 -36.41 -8.98
N THR B 5 29.05 -37.13 -9.32
CA THR B 5 30.14 -37.40 -8.39
C THR B 5 31.32 -36.47 -8.66
N ARG B 6 32.35 -36.57 -7.83
CA ARG B 6 33.56 -35.79 -7.99
C ARG B 6 34.23 -36.09 -9.33
N ALA B 7 34.20 -37.36 -9.72
CA ALA B 7 34.78 -37.79 -11.00
C ALA B 7 33.98 -37.23 -12.17
N ASP B 8 32.66 -37.14 -11.99
CA ASP B 8 31.78 -36.58 -13.01
C ASP B 8 32.09 -35.11 -13.27
N TRP B 9 32.14 -34.32 -12.20
CA TRP B 9 32.40 -32.89 -12.33
C TRP B 9 33.78 -32.62 -12.90
N GLU B 10 34.78 -33.35 -12.42
CA GLU B 10 36.15 -33.19 -12.89
C GLU B 10 36.28 -33.55 -14.37
N ALA B 11 35.44 -34.47 -14.83
CA ALA B 11 35.43 -34.85 -16.24
C ALA B 11 34.77 -33.78 -17.08
N ARG B 12 33.63 -33.28 -16.62
CA ARG B 12 32.91 -32.22 -17.31
C ARG B 12 33.73 -30.94 -17.36
N ALA B 13 34.55 -30.73 -16.34
CA ALA B 13 35.41 -29.56 -16.27
C ALA B 13 36.44 -29.55 -17.40
N LYS B 14 37.09 -30.69 -17.60
CA LYS B 14 38.11 -30.80 -18.64
C LYS B 14 37.51 -30.74 -20.05
N ASP B 15 36.26 -31.16 -20.19
CA ASP B 15 35.60 -31.17 -21.49
C ASP B 15 34.64 -30.00 -21.67
N LEU B 16 34.84 -28.94 -20.89
CA LEU B 16 33.97 -27.77 -20.95
C LEU B 16 34.52 -26.70 -21.88
N LYS B 17 33.69 -26.23 -22.81
CA LYS B 17 34.07 -25.13 -23.69
C LYS B 17 33.55 -23.81 -23.12
N ILE B 18 34.44 -22.85 -22.95
CA ILE B 18 34.10 -21.62 -22.22
C ILE B 18 34.12 -20.38 -23.13
N GLU B 19 33.05 -19.59 -23.04
CA GLU B 19 32.95 -18.35 -23.78
C GLU B 19 33.52 -17.20 -22.97
N GLY B 20 34.35 -16.37 -23.59
CA GLY B 20 35.01 -15.29 -22.87
C GLY B 20 34.86 -13.92 -23.50
N ARG B 21 34.01 -13.82 -24.52
CA ARG B 21 33.79 -12.54 -25.20
C ARG B 21 32.67 -11.75 -24.51
N ALA B 22 32.61 -10.45 -24.81
CA ALA B 22 31.51 -9.61 -24.35
C ALA B 22 30.26 -9.94 -25.13
N PHE B 23 29.11 -9.47 -24.65
CA PHE B 23 27.85 -9.72 -25.32
C PHE B 23 27.10 -8.41 -25.53
N VAL B 24 27.31 -7.82 -26.70
CA VAL B 24 26.71 -6.52 -27.01
C VAL B 24 25.76 -6.66 -28.19
N ASN B 25 24.56 -6.10 -28.04
CA ASN B 25 23.55 -6.09 -29.10
C ASN B 25 23.20 -7.49 -29.60
N GLY B 26 23.04 -8.42 -28.68
CA GLY B 26 22.60 -9.77 -29.00
C GLY B 26 23.65 -10.68 -29.58
N GLU B 27 24.90 -10.22 -29.61
CA GLU B 27 25.99 -11.01 -30.19
C GLU B 27 27.25 -11.00 -29.34
N TYR B 28 27.97 -12.12 -29.33
CA TYR B 28 29.28 -12.19 -28.71
C TYR B 28 30.31 -11.49 -29.59
N SER B 29 31.23 -10.76 -28.98
CA SER B 29 32.29 -10.07 -29.69
C SER B 29 33.47 -9.73 -28.78
N ASN B 30 34.65 -9.62 -29.37
CA ASN B 30 35.86 -9.27 -28.61
C ASN B 30 35.81 -7.81 -28.15
N ALA B 31 36.76 -7.41 -27.33
CA ALA B 31 36.90 -6.01 -26.96
C ALA B 31 37.34 -5.20 -28.18
N ALA B 32 37.06 -3.91 -28.16
CA ALA B 32 37.43 -3.03 -29.28
C ALA B 32 38.93 -3.01 -29.51
N SER B 33 39.69 -3.10 -28.41
CA SER B 33 41.14 -3.09 -28.49
C SER B 33 41.67 -4.50 -28.73
N GLY B 34 40.78 -5.48 -28.68
CA GLY B 34 41.15 -6.87 -28.88
C GLY B 34 41.87 -7.48 -27.70
N GLU B 35 42.14 -6.66 -26.68
CA GLU B 35 42.84 -7.12 -25.49
C GLU B 35 41.99 -8.08 -24.67
N THR B 36 42.66 -9.01 -24.01
CA THR B 36 41.99 -9.95 -23.13
C THR B 36 42.78 -10.08 -21.82
N PHE B 37 42.19 -10.79 -20.86
CA PHE B 37 42.92 -11.16 -19.65
C PHE B 37 42.71 -12.64 -19.35
N ASP B 38 43.69 -13.27 -18.71
CA ASP B 38 43.59 -14.69 -18.42
C ASP B 38 42.69 -14.97 -17.22
N CYS B 39 41.62 -15.72 -17.47
CA CYS B 39 40.72 -16.15 -16.41
C CYS B 39 41.24 -17.44 -15.81
N LEU B 40 41.74 -17.37 -14.59
CA LEU B 40 42.31 -18.54 -13.93
C LEU B 40 41.41 -19.06 -12.82
N SER B 41 41.55 -20.34 -12.49
CA SER B 41 40.72 -20.95 -11.46
C SER B 41 41.46 -21.03 -10.12
N PRO B 42 40.81 -20.63 -9.04
CA PRO B 42 41.42 -20.73 -7.71
C PRO B 42 41.40 -22.16 -7.17
N VAL B 43 40.76 -23.06 -7.92
CA VAL B 43 40.72 -24.47 -7.55
C VAL B 43 42.12 -25.09 -7.57
N ASP B 44 42.86 -24.81 -8.63
CA ASP B 44 44.19 -25.40 -8.79
C ASP B 44 45.11 -24.54 -9.67
N GLY B 45 44.68 -23.34 -9.99
CA GLY B 45 45.49 -22.40 -10.75
C GLY B 45 45.41 -22.59 -12.25
N ARG B 46 44.54 -23.50 -12.69
CA ARG B 46 44.45 -23.84 -14.11
C ARG B 46 43.90 -22.68 -14.94
N PHE B 47 44.22 -22.72 -16.24
CA PHE B 47 43.70 -21.74 -17.18
C PHE B 47 42.29 -22.16 -17.60
N LEU B 48 41.39 -21.19 -17.69
CA LEU B 48 40.01 -21.46 -18.08
C LEU B 48 39.70 -20.88 -19.46
N ALA B 49 39.87 -19.58 -19.60
CA ALA B 49 39.57 -18.90 -20.87
C ALA B 49 40.23 -17.53 -20.95
N LYS B 50 40.30 -17.00 -22.17
CA LYS B 50 40.73 -15.62 -22.38
C LYS B 50 39.49 -14.74 -22.42
N VAL B 51 39.33 -13.92 -21.39
CA VAL B 51 38.14 -13.09 -21.27
C VAL B 51 38.41 -11.69 -21.81
N ALA B 52 37.45 -11.17 -22.58
CA ALA B 52 37.56 -9.84 -23.17
C ALA B 52 37.80 -8.76 -22.12
N SER B 53 38.84 -7.96 -22.32
CA SER B 53 39.17 -6.87 -21.41
C SER B 53 38.68 -5.54 -21.95
N CYS B 54 37.43 -5.20 -21.65
CA CYS B 54 36.80 -4.02 -22.22
C CYS B 54 37.25 -2.72 -21.56
N ASP B 55 37.04 -1.61 -22.27
CA ASP B 55 37.45 -0.30 -21.79
C ASP B 55 36.40 0.75 -22.17
N LEU B 56 36.81 2.00 -22.26
CA LEU B 56 35.91 3.12 -22.57
C LEU B 56 35.10 2.93 -23.84
N ALA B 57 35.77 2.56 -24.93
CA ALA B 57 35.13 2.46 -26.23
C ALA B 57 34.01 1.43 -26.26
N ASP B 58 34.16 0.37 -25.48
CA ASP B 58 33.15 -0.67 -25.40
C ASP B 58 31.94 -0.19 -24.60
N ALA B 59 32.19 0.62 -23.58
CA ALA B 59 31.11 1.21 -22.79
C ALA B 59 30.30 2.17 -23.65
N GLU B 60 30.98 3.02 -24.40
CA GLU B 60 30.31 4.00 -25.26
C GLU B 60 29.43 3.33 -26.31
N GLN B 61 29.89 2.19 -26.83
CA GLN B 61 29.13 1.45 -27.82
C GLN B 61 27.94 0.72 -27.18
N ALA B 62 28.19 0.10 -26.03
CA ALA B 62 27.14 -0.62 -25.31
C ALA B 62 26.00 0.29 -24.88
N VAL B 63 26.35 1.48 -24.41
CA VAL B 63 25.34 2.45 -23.98
C VAL B 63 24.44 2.88 -25.13
N LYS B 64 25.05 3.22 -26.26
CA LYS B 64 24.30 3.59 -27.46
C LYS B 64 23.33 2.48 -27.85
N VAL B 65 23.82 1.24 -27.82
CA VAL B 65 22.99 0.08 -28.11
C VAL B 65 21.85 -0.06 -27.10
N ALA B 66 22.18 0.11 -25.83
CA ALA B 66 21.18 0.02 -24.77
C ALA B 66 20.16 1.15 -24.87
N ARG B 67 20.63 2.35 -25.21
CA ARG B 67 19.76 3.50 -25.36
C ARG B 67 18.78 3.33 -26.51
N ASN B 68 19.28 2.85 -27.64
CA ASN B 68 18.43 2.61 -28.81
C ASN B 68 17.39 1.55 -28.54
N ALA B 69 17.77 0.51 -27.82
CA ALA B 69 16.86 -0.57 -27.47
C ALA B 69 15.74 -0.06 -26.55
N PHE B 70 16.09 0.81 -25.61
CA PHE B 70 15.12 1.40 -24.71
C PHE B 70 14.15 2.31 -25.45
N ASP B 71 14.68 3.13 -26.34
CA ASP B 71 13.87 4.08 -27.11
C ASP B 71 12.93 3.40 -28.10
N SER B 72 13.34 2.24 -28.61
CA SER B 72 12.52 1.50 -29.57
C SER B 72 11.27 0.93 -28.89
N GLY B 73 11.30 0.83 -27.57
CA GLY B 73 10.15 0.39 -26.80
C GLY B 73 9.85 -1.09 -26.93
N ALA B 74 10.75 -1.83 -27.58
CA ALA B 74 10.56 -3.26 -27.80
C ALA B 74 10.43 -4.03 -26.49
N TRP B 75 11.11 -3.55 -25.46
CA TRP B 75 11.05 -4.17 -24.15
C TRP B 75 10.45 -3.20 -23.12
N SER B 76 10.82 -1.93 -23.23
CA SER B 76 10.36 -0.92 -22.28
C SER B 76 8.87 -0.61 -22.39
N ARG B 77 8.31 -0.80 -23.57
CA ARG B 77 6.87 -0.55 -23.76
C ARG B 77 6.10 -1.82 -24.10
N LEU B 78 6.73 -2.96 -23.88
CA LEU B 78 6.07 -4.26 -24.00
C LEU B 78 5.13 -4.42 -22.83
N ALA B 79 4.00 -5.10 -23.05
CA ALA B 79 3.01 -5.28 -22.00
C ALA B 79 3.60 -5.95 -20.77
N PRO B 80 3.19 -5.50 -19.57
CA PRO B 80 3.69 -6.02 -18.29
C PRO B 80 3.59 -7.54 -18.18
N ALA B 81 2.47 -8.10 -18.65
CA ALA B 81 2.26 -9.55 -18.59
C ALA B 81 3.18 -10.28 -19.56
N LYS B 82 3.57 -9.60 -20.64
CA LYS B 82 4.47 -10.20 -21.62
C LYS B 82 5.91 -10.20 -21.12
N ARG B 83 6.29 -9.17 -20.37
CA ARG B 83 7.61 -9.13 -19.75
C ARG B 83 7.70 -10.20 -18.68
N LYS B 84 6.60 -10.40 -17.96
CA LYS B 84 6.51 -11.44 -16.95
C LYS B 84 6.77 -12.82 -17.53
N GLN B 85 6.07 -13.13 -18.63
CA GLN B 85 6.19 -14.44 -19.26
C GLN B 85 7.57 -14.69 -19.84
N THR B 86 8.19 -13.65 -20.38
CA THR B 86 9.53 -13.78 -20.95
C THR B 86 10.58 -14.03 -19.85
N MET B 87 10.52 -13.25 -18.78
CA MET B 87 11.47 -13.41 -17.69
C MET B 87 11.30 -14.74 -16.97
N ILE B 88 10.10 -15.30 -17.03
CA ILE B 88 9.88 -16.64 -16.49
C ILE B 88 10.58 -17.68 -17.35
N ARG B 89 10.60 -17.46 -18.66
CA ARG B 89 11.34 -18.34 -19.56
C ARG B 89 12.83 -18.19 -19.32
N PHE B 90 13.25 -16.97 -18.98
CA PHE B 90 14.63 -16.69 -18.62
C PHE B 90 15.02 -17.55 -17.43
N ALA B 91 14.18 -17.54 -16.40
CA ALA B 91 14.43 -18.33 -15.19
C ALA B 91 14.54 -19.81 -15.50
N ASP B 92 13.64 -20.31 -16.35
CA ASP B 92 13.64 -21.72 -16.72
C ASP B 92 14.91 -22.14 -17.45
N LEU B 93 15.49 -21.22 -18.21
CA LEU B 93 16.71 -21.50 -18.96
C LEU B 93 17.93 -21.61 -18.04
N LEU B 94 17.86 -20.93 -16.90
CA LEU B 94 18.92 -21.06 -15.91
C LEU B 94 18.89 -22.46 -15.32
N LEU B 95 17.68 -22.98 -15.09
CA LEU B 95 17.49 -24.30 -14.52
C LEU B 95 17.84 -25.40 -15.52
N GLU B 96 17.56 -25.16 -16.79
CA GLU B 96 17.88 -26.11 -17.84
C GLU B 96 19.38 -26.17 -18.10
N ASN B 97 20.10 -25.18 -17.59
CA ASN B 97 21.56 -25.12 -17.73
C ASN B 97 22.24 -25.05 -16.37
N ALA B 98 21.56 -25.55 -15.35
CA ALA B 98 22.02 -25.45 -13.96
C ALA B 98 23.41 -26.05 -13.72
N GLU B 99 23.62 -27.26 -14.22
CA GLU B 99 24.89 -27.96 -14.00
C GLU B 99 26.04 -27.22 -14.67
N GLU B 100 25.79 -26.70 -15.86
CA GLU B 100 26.77 -25.93 -16.60
C GLU B 100 27.11 -24.64 -15.88
N LEU B 101 26.08 -23.92 -15.45
CA LEU B 101 26.25 -22.66 -14.74
C LEU B 101 26.99 -22.86 -13.41
N ALA B 102 26.60 -23.90 -12.68
CA ALA B 102 27.23 -24.21 -11.40
C ALA B 102 28.71 -24.53 -11.56
N LEU B 103 29.05 -25.26 -12.62
CA LEU B 103 30.43 -25.63 -12.88
C LEU B 103 31.27 -24.39 -13.20
N LEU B 104 30.72 -23.50 -14.01
CA LEU B 104 31.40 -22.25 -14.34
C LEU B 104 31.68 -21.43 -13.08
N GLU B 105 30.66 -21.28 -12.25
CA GLU B 105 30.76 -20.55 -10.99
C GLU B 105 31.87 -21.10 -10.10
N THR B 106 31.84 -22.42 -9.88
CA THR B 106 32.83 -23.09 -9.04
C THR B 106 34.25 -22.95 -9.57
N LEU B 107 34.43 -23.21 -10.87
CA LEU B 107 35.73 -23.07 -11.51
C LEU B 107 36.20 -21.61 -11.48
N ASP B 108 35.25 -20.68 -11.62
CA ASP B 108 35.59 -19.26 -11.73
C ASP B 108 36.11 -18.66 -10.42
N MET B 109 35.39 -18.88 -9.33
CA MET B 109 35.72 -18.21 -8.07
C MET B 109 35.94 -19.13 -6.86
N GLY B 110 35.75 -20.43 -7.04
CA GLY B 110 36.22 -21.41 -6.07
C GLY B 110 35.25 -22.01 -5.08
N LYS B 111 34.01 -21.52 -5.05
CA LYS B 111 33.04 -22.03 -4.10
C LYS B 111 32.66 -23.48 -4.42
N PRO B 112 32.23 -24.25 -3.40
CA PRO B 112 31.88 -25.66 -3.57
C PRO B 112 30.83 -25.88 -4.67
N ILE B 113 30.95 -26.99 -5.40
CA ILE B 113 30.04 -27.28 -6.50
C ILE B 113 28.61 -27.47 -6.01
N SER B 114 28.44 -28.06 -4.83
CA SER B 114 27.12 -28.27 -4.25
C SER B 114 26.45 -26.95 -3.91
N ASP B 115 27.24 -25.96 -3.53
CA ASP B 115 26.72 -24.63 -3.23
C ASP B 115 26.28 -23.93 -4.50
N SER B 116 27.11 -23.99 -5.53
CA SER B 116 26.82 -23.37 -6.82
C SER B 116 25.51 -23.91 -7.39
N LEU B 117 25.32 -25.22 -7.30
CA LEU B 117 24.18 -25.89 -7.90
C LEU B 117 22.90 -25.74 -7.08
N HIS B 118 22.94 -26.22 -5.85
CA HIS B 118 21.74 -26.32 -5.03
C HIS B 118 21.37 -25.02 -4.31
N ILE B 119 22.31 -24.10 -4.23
CA ILE B 119 22.05 -22.80 -3.60
C ILE B 119 22.06 -21.65 -4.62
N ASP B 120 23.21 -21.40 -5.22
CA ASP B 120 23.39 -20.24 -6.10
C ASP B 120 22.49 -20.23 -7.35
N VAL B 121 22.55 -21.29 -8.14
CA VAL B 121 21.74 -21.37 -9.37
C VAL B 121 20.25 -21.41 -9.04
N ALA B 122 19.89 -22.22 -8.05
CA ALA B 122 18.50 -22.36 -7.63
C ALA B 122 17.92 -21.03 -7.14
N SER B 123 18.75 -20.25 -6.45
CA SER B 123 18.32 -18.96 -5.91
C SER B 123 18.27 -17.90 -7.01
N ALA B 124 19.23 -17.97 -7.92
CA ALA B 124 19.31 -17.03 -9.04
C ALA B 124 18.05 -17.14 -9.91
N ALA B 125 17.67 -18.38 -10.21
CA ALA B 125 16.49 -18.63 -11.02
C ALA B 125 15.21 -18.22 -10.30
N ASN B 126 15.18 -18.45 -8.98
CA ASN B 126 14.03 -18.05 -8.18
C ASN B 126 13.91 -16.54 -8.07
N SER B 127 15.06 -15.87 -7.91
CA SER B 127 15.11 -14.42 -7.84
C SER B 127 14.54 -13.79 -9.12
N LEU B 128 14.90 -14.35 -10.27
CA LEU B 128 14.38 -13.88 -11.54
C LEU B 128 12.90 -14.18 -11.67
N ARG B 129 12.50 -15.38 -11.26
CA ARG B 129 11.10 -15.79 -11.35
C ARG B 129 10.20 -14.92 -10.47
N TRP B 130 10.66 -14.65 -9.24
CA TRP B 130 9.91 -13.86 -8.28
C TRP B 130 9.68 -12.43 -8.77
N SER B 131 10.73 -11.83 -9.31
CA SER B 131 10.65 -10.48 -9.86
C SER B 131 9.68 -10.43 -11.03
N ALA B 132 9.71 -11.48 -11.85
CA ALA B 132 8.84 -11.55 -13.02
C ALA B 132 7.37 -11.65 -12.60
N GLU B 133 7.11 -12.48 -11.61
CA GLU B 133 5.74 -12.67 -11.11
C GLU B 133 5.20 -11.40 -10.46
N ALA B 134 6.10 -10.51 -10.05
CA ALA B 134 5.71 -9.33 -9.29
C ALA B 134 5.33 -8.13 -10.17
N ILE B 135 5.72 -8.19 -11.44
CA ILE B 135 5.51 -7.08 -12.38
C ILE B 135 4.08 -6.53 -12.41
N ASP B 136 3.12 -7.41 -12.62
CA ASP B 136 1.72 -7.00 -12.74
C ASP B 136 0.94 -7.15 -11.44
N LYS B 137 1.66 -7.24 -10.32
CA LYS B 137 1.06 -7.30 -9.01
C LYS B 137 1.22 -5.96 -8.31
N ILE B 138 2.04 -5.10 -8.90
CA ILE B 138 2.30 -3.77 -8.33
C ILE B 138 1.32 -2.76 -8.88
N TYR B 139 0.75 -1.96 -7.98
CA TYR B 139 -0.16 -0.90 -8.38
C TYR B 139 0.44 0.46 -8.06
N ASP B 140 0.33 1.39 -9.01
CA ASP B 140 0.68 2.78 -8.75
C ASP B 140 -0.47 3.48 -8.03
N GLU B 141 -0.41 4.81 -7.96
CA GLU B 141 -1.31 5.53 -7.08
C GLU B 141 -2.18 6.60 -7.75
N VAL B 142 -3.38 6.78 -7.19
CA VAL B 142 -4.25 7.89 -7.52
C VAL B 142 -4.45 8.73 -6.26
N ALA B 143 -4.09 10.00 -6.31
CA ALA B 143 -4.17 10.86 -5.13
C ALA B 143 -5.61 11.29 -4.81
N ALA B 144 -5.81 11.72 -3.57
CA ALA B 144 -7.08 12.31 -3.17
C ALA B 144 -7.08 13.79 -3.53
N THR B 145 -7.83 14.12 -4.57
CA THR B 145 -7.83 15.47 -5.13
C THR B 145 -9.26 16.01 -5.19
N PRO B 146 -9.42 17.32 -5.41
CA PRO B 146 -10.75 17.87 -5.71
C PRO B 146 -11.40 17.14 -6.89
N HIS B 147 -12.72 17.20 -6.96
CA HIS B 147 -13.50 16.45 -7.94
C HIS B 147 -13.11 16.75 -9.39
N ALA B 148 -12.82 18.01 -9.67
CA ALA B 148 -12.51 18.43 -11.03
C ALA B 148 -11.05 18.16 -11.41
N GLU B 149 -10.40 17.28 -10.66
CA GLU B 149 -8.99 17.00 -10.88
C GLU B 149 -8.68 15.52 -10.78
N LEU B 150 -7.73 15.06 -11.60
CA LEU B 150 -7.26 13.68 -11.53
C LEU B 150 -5.75 13.67 -11.34
N GLY B 151 -5.31 13.09 -10.22
CA GLY B 151 -3.90 13.08 -9.86
C GLY B 151 -3.28 11.70 -9.84
N LEU B 152 -2.46 11.42 -10.85
CA LEU B 152 -1.84 10.11 -10.98
C LEU B 152 -0.40 10.12 -10.46
N VAL B 153 -0.01 9.06 -9.77
CA VAL B 153 1.36 8.90 -9.31
C VAL B 153 1.90 7.57 -9.81
N THR B 154 2.61 7.60 -10.93
CA THR B 154 3.04 6.38 -11.60
C THR B 154 4.55 6.20 -11.62
N ARG B 155 5.00 5.01 -11.99
CA ARG B 155 6.42 4.71 -12.07
C ARG B 155 6.85 4.31 -13.49
N GLU B 156 7.90 4.96 -13.99
CA GLU B 156 8.42 4.69 -15.31
C GLU B 156 9.87 4.23 -15.21
N PRO B 157 10.29 3.32 -16.09
CA PRO B 157 11.68 2.86 -16.13
C PRO B 157 12.66 4.02 -16.37
N VAL B 158 13.82 3.97 -15.72
CA VAL B 158 14.80 5.06 -15.83
C VAL B 158 15.48 5.10 -17.20
N GLY B 159 15.65 3.94 -17.81
CA GLY B 159 16.28 3.86 -19.12
C GLY B 159 17.46 2.92 -19.19
N VAL B 160 18.66 3.48 -19.13
CA VAL B 160 19.89 2.68 -19.20
C VAL B 160 20.47 2.45 -17.81
N VAL B 161 20.60 1.18 -17.42
CA VAL B 161 21.09 0.82 -16.10
C VAL B 161 22.43 0.09 -16.18
N ALA B 162 23.41 0.59 -15.45
CA ALA B 162 24.71 -0.07 -15.37
C ALA B 162 24.83 -0.82 -14.06
N ALA B 163 25.17 -2.10 -14.14
CA ALA B 163 25.26 -2.94 -12.94
C ALA B 163 26.66 -3.52 -12.77
N ILE B 164 27.32 -3.14 -11.69
CA ILE B 164 28.63 -3.66 -11.34
C ILE B 164 28.51 -4.66 -10.18
N VAL B 165 28.69 -5.94 -10.51
CA VAL B 165 28.45 -7.01 -9.54
C VAL B 165 29.76 -7.60 -8.99
N PRO B 166 29.71 -8.15 -7.77
CA PRO B 166 30.91 -8.69 -7.12
C PRO B 166 31.24 -10.10 -7.58
N TRP B 167 32.28 -10.68 -6.99
CA TRP B 167 32.76 -12.00 -7.38
C TRP B 167 32.37 -13.12 -6.41
N ASN B 168 31.84 -12.76 -5.24
CA ASN B 168 31.51 -13.76 -4.23
C ASN B 168 30.24 -14.53 -4.56
N PHE B 169 29.28 -13.86 -5.19
CA PHE B 169 28.08 -14.50 -5.70
C PHE B 169 27.79 -13.98 -7.10
N PRO B 170 28.63 -14.36 -8.09
CA PRO B 170 28.58 -13.78 -9.43
C PRO B 170 27.22 -13.91 -10.10
N LEU B 171 26.64 -15.10 -10.09
CA LEU B 171 25.37 -15.34 -10.75
C LEU B 171 24.17 -14.82 -9.94
N LEU B 172 24.20 -15.05 -8.63
CA LEU B 172 23.09 -14.64 -7.77
C LEU B 172 22.96 -13.13 -7.67
N MET B 173 24.08 -12.44 -7.46
CA MET B 173 24.07 -10.99 -7.37
C MET B 173 23.64 -10.35 -8.69
N SER B 174 23.98 -11.02 -9.79
CA SER B 174 23.59 -10.54 -11.12
C SER B 174 22.08 -10.54 -11.25
N CYS B 175 21.45 -11.65 -10.88
CA CYS B 175 20.01 -11.78 -10.99
C CYS B 175 19.26 -10.91 -9.99
N TRP B 176 19.92 -10.56 -8.88
CA TRP B 176 19.35 -9.63 -7.91
C TRP B 176 19.17 -8.26 -8.54
N LYS B 177 20.04 -7.94 -9.51
CA LYS B 177 19.95 -6.67 -10.22
C LYS B 177 19.10 -6.84 -11.47
N LEU B 178 19.40 -7.87 -12.25
CA LEU B 178 18.69 -8.14 -13.51
C LEU B 178 17.19 -8.27 -13.35
N GLY B 179 16.78 -9.03 -12.34
CA GLY B 179 15.37 -9.25 -12.06
C GLY B 179 14.52 -8.00 -12.10
N PRO B 180 14.68 -7.11 -11.11
CA PRO B 180 13.87 -5.88 -11.04
C PRO B 180 14.19 -4.87 -12.15
N ALA B 181 15.42 -4.85 -12.64
CA ALA B 181 15.80 -3.89 -13.68
C ALA B 181 15.14 -4.24 -15.02
N LEU B 182 15.19 -5.51 -15.39
CA LEU B 182 14.58 -5.97 -16.63
C LEU B 182 13.05 -5.97 -16.53
N ALA B 183 12.54 -6.33 -15.36
CA ALA B 183 11.10 -6.41 -15.13
C ALA B 183 10.43 -5.07 -15.36
N THR B 184 11.11 -4.00 -14.94
CA THR B 184 10.56 -2.65 -15.06
C THR B 184 10.72 -2.08 -16.47
N GLY B 185 11.43 -2.79 -17.33
CA GLY B 185 11.54 -2.43 -18.74
C GLY B 185 12.83 -1.74 -19.16
N ASN B 186 13.81 -1.69 -18.26
CA ASN B 186 15.06 -1.01 -18.55
C ASN B 186 15.99 -1.83 -19.44
N SER B 187 16.92 -1.15 -20.10
CA SER B 187 18.05 -1.83 -20.73
C SER B 187 19.19 -1.89 -19.72
N VAL B 188 19.88 -3.02 -19.67
CA VAL B 188 20.92 -3.23 -18.67
C VAL B 188 22.28 -3.54 -19.29
N ILE B 189 23.31 -2.86 -18.81
CA ILE B 189 24.69 -3.19 -19.15
C ILE B 189 25.37 -3.74 -17.90
N LEU B 190 25.63 -5.04 -17.91
CA LEU B 190 26.20 -5.71 -16.74
C LEU B 190 27.71 -5.81 -16.84
N LYS B 191 28.40 -5.33 -15.82
CA LYS B 191 29.85 -5.43 -15.75
C LYS B 191 30.24 -6.38 -14.61
N PRO B 192 30.53 -7.64 -14.95
CA PRO B 192 30.92 -8.64 -13.95
C PRO B 192 32.32 -8.39 -13.43
N SER B 193 32.61 -8.88 -12.23
CA SER B 193 33.94 -8.75 -11.65
C SER B 193 34.96 -9.47 -12.52
N GLU B 194 36.15 -8.90 -12.65
CA GLU B 194 37.21 -9.52 -13.44
C GLU B 194 37.67 -10.83 -12.79
N LYS B 195 37.32 -11.01 -11.53
CA LYS B 195 37.66 -12.23 -10.80
C LYS B 195 36.63 -13.33 -11.04
N SER B 196 35.52 -12.99 -11.70
CA SER B 196 34.47 -13.98 -11.99
C SER B 196 33.53 -13.53 -13.10
N PRO B 197 34.01 -13.50 -14.35
CA PRO B 197 33.18 -13.00 -15.45
C PRO B 197 32.35 -14.06 -16.16
N LEU B 198 32.65 -15.34 -15.93
CA LEU B 198 32.13 -16.43 -16.76
C LEU B 198 30.60 -16.59 -16.80
N THR B 199 29.96 -16.64 -15.62
CA THR B 199 28.53 -16.87 -15.56
C THR B 199 27.70 -15.73 -16.17
N ALA B 200 28.18 -14.49 -16.01
CA ALA B 200 27.50 -13.34 -16.59
C ALA B 200 27.51 -13.41 -18.11
N ILE B 201 28.63 -13.84 -18.66
CA ILE B 201 28.80 -13.99 -20.09
C ILE B 201 27.85 -15.04 -20.66
N ARG B 202 27.64 -16.11 -19.90
CA ARG B 202 26.82 -17.22 -20.36
C ARG B 202 25.33 -16.89 -20.41
N ILE B 203 24.80 -16.32 -19.33
CA ILE B 203 23.36 -16.07 -19.24
C ILE B 203 22.88 -14.98 -20.20
N ALA B 204 23.83 -14.24 -20.76
CA ALA B 204 23.51 -13.20 -21.73
C ALA B 204 22.86 -13.83 -22.96
N GLN B 205 23.41 -14.95 -23.39
CA GLN B 205 22.86 -15.70 -24.51
C GLN B 205 21.55 -16.36 -24.11
N LEU B 206 21.43 -16.76 -22.85
CA LEU B 206 20.21 -17.38 -22.35
C LEU B 206 19.07 -16.38 -22.33
N ALA B 207 19.40 -15.11 -22.16
CA ALA B 207 18.38 -14.06 -22.11
C ALA B 207 17.70 -13.88 -23.46
N VAL B 208 18.49 -13.81 -24.52
CA VAL B 208 17.93 -13.62 -25.86
C VAL B 208 17.15 -14.85 -26.33
N GLU B 209 17.56 -16.03 -25.90
CA GLU B 209 16.84 -17.26 -26.21
C GLU B 209 15.46 -17.25 -25.56
N ALA B 210 15.37 -16.65 -24.38
CA ALA B 210 14.13 -16.60 -23.63
C ALA B 210 13.12 -15.63 -24.26
N GLY B 211 13.63 -14.59 -24.92
CA GLY B 211 12.77 -13.62 -25.56
C GLY B 211 13.16 -12.18 -25.29
N ILE B 212 14.23 -11.98 -24.52
CA ILE B 212 14.75 -10.64 -24.29
C ILE B 212 15.28 -10.07 -25.60
N PRO B 213 14.73 -8.92 -26.03
CA PRO B 213 15.16 -8.26 -27.27
C PRO B 213 16.65 -7.93 -27.26
N LYS B 214 17.25 -7.89 -28.45
CA LYS B 214 18.67 -7.62 -28.58
C LYS B 214 19.02 -6.20 -28.14
N GLY B 215 20.10 -6.09 -27.37
CA GLY B 215 20.57 -4.79 -26.91
C GLY B 215 20.01 -4.39 -25.55
N VAL B 216 19.04 -5.15 -25.07
CA VAL B 216 18.40 -4.87 -23.78
C VAL B 216 19.26 -5.35 -22.61
N PHE B 217 19.90 -6.50 -22.79
CA PHE B 217 20.79 -7.04 -21.78
C PHE B 217 22.19 -7.22 -22.37
N ASN B 218 23.12 -6.40 -21.93
CA ASN B 218 24.50 -6.47 -22.41
C ASN B 218 25.48 -6.77 -21.29
N VAL B 219 26.57 -7.46 -21.62
CA VAL B 219 27.60 -7.81 -20.64
C VAL B 219 28.98 -7.38 -21.09
N LEU B 220 29.62 -6.54 -20.28
CA LEU B 220 30.97 -6.04 -20.57
C LEU B 220 31.97 -6.50 -19.54
N PRO B 221 32.65 -7.62 -19.81
CA PRO B 221 33.71 -8.10 -18.91
C PRO B 221 34.96 -7.23 -19.00
N GLY B 222 35.73 -7.18 -17.92
CA GLY B 222 36.90 -6.32 -17.88
C GLY B 222 37.21 -5.86 -16.47
N TYR B 223 38.07 -4.86 -16.34
CA TYR B 223 38.48 -4.36 -15.04
C TYR B 223 37.60 -3.22 -14.55
N GLY B 224 37.62 -2.96 -13.25
CA GLY B 224 36.82 -1.90 -12.67
C GLY B 224 37.36 -0.52 -12.99
N HIS B 225 38.68 -0.40 -13.06
CA HIS B 225 39.33 0.88 -13.29
C HIS B 225 39.33 1.24 -14.77
N THR B 226 38.89 0.32 -15.62
CA THR B 226 38.79 0.56 -17.05
C THR B 226 37.34 0.72 -17.50
N VAL B 227 36.62 -0.39 -17.62
CA VAL B 227 35.24 -0.36 -18.14
C VAL B 227 34.21 0.03 -17.07
N GLY B 228 34.48 -0.32 -15.82
CA GLY B 228 33.60 0.05 -14.73
C GLY B 228 33.58 1.56 -14.54
N LYS B 229 34.76 2.17 -14.63
CA LYS B 229 34.92 3.61 -14.48
C LYS B 229 34.25 4.36 -15.63
N ALA B 230 34.29 3.77 -16.83
CA ALA B 230 33.71 4.38 -18.02
C ALA B 230 32.19 4.43 -17.93
N LEU B 231 31.59 3.36 -17.43
CA LEU B 231 30.15 3.31 -17.24
C LEU B 231 29.71 4.28 -16.15
N ALA B 232 30.51 4.37 -15.09
CA ALA B 232 30.20 5.26 -13.97
C ALA B 232 30.32 6.73 -14.37
N LEU B 233 31.14 7.01 -15.36
CA LEU B 233 31.36 8.38 -15.81
C LEU B 233 30.57 8.73 -17.06
N HIS B 234 29.88 7.74 -17.62
CA HIS B 234 29.16 7.96 -18.87
C HIS B 234 27.98 8.92 -18.68
N MET B 235 27.83 9.85 -19.62
CA MET B 235 26.82 10.90 -19.49
C MET B 235 25.40 10.46 -19.86
N ASP B 236 25.26 9.26 -20.42
CA ASP B 236 23.96 8.77 -20.87
C ASP B 236 23.50 7.53 -20.10
N VAL B 237 24.19 7.23 -18.99
CA VAL B 237 23.75 6.17 -18.10
C VAL B 237 22.89 6.75 -16.99
N ASP B 238 21.64 6.30 -16.90
CA ASP B 238 20.68 6.90 -15.97
C ASP B 238 20.89 6.47 -14.53
N THR B 239 21.26 5.21 -14.33
CA THR B 239 21.36 4.65 -12.98
C THR B 239 22.52 3.67 -12.88
N LEU B 240 23.24 3.74 -11.77
CA LEU B 240 24.33 2.81 -11.49
C LEU B 240 24.09 2.03 -10.20
N VAL B 241 24.00 0.71 -10.30
CA VAL B 241 23.86 -0.13 -9.12
C VAL B 241 25.15 -0.93 -8.91
N PHE B 242 25.46 -1.22 -7.65
CA PHE B 242 26.76 -1.80 -7.32
C PHE B 242 26.74 -2.61 -6.04
N THR B 243 27.57 -3.64 -5.99
CA THR B 243 27.78 -4.41 -4.78
C THR B 243 29.25 -4.77 -4.67
N GLY B 244 29.88 -4.35 -3.58
CA GLY B 244 31.30 -4.61 -3.36
C GLY B 244 31.81 -3.96 -2.10
N SER B 245 32.98 -3.33 -2.21
CA SER B 245 33.62 -2.72 -1.06
C SER B 245 33.19 -1.28 -0.87
N THR B 246 33.36 -0.78 0.35
CA THR B 246 33.03 0.60 0.68
C THR B 246 33.90 1.58 -0.10
N LYS B 247 35.17 1.25 -0.23
CA LYS B 247 36.12 2.09 -0.94
C LYS B 247 35.74 2.30 -2.41
N ILE B 248 35.43 1.21 -3.10
CA ILE B 248 35.01 1.30 -4.51
C ILE B 248 33.67 2.02 -4.63
N ALA B 249 32.76 1.73 -3.71
CA ALA B 249 31.44 2.36 -3.72
C ALA B 249 31.54 3.88 -3.58
N LYS B 250 32.52 4.34 -2.80
CA LYS B 250 32.77 5.77 -2.63
C LYS B 250 33.28 6.42 -3.92
N GLN B 251 34.15 5.71 -4.64
CA GLN B 251 34.70 6.22 -5.90
C GLN B 251 33.59 6.39 -6.94
N LEU B 252 32.69 5.43 -7.00
CA LEU B 252 31.59 5.45 -7.95
C LEU B 252 30.65 6.62 -7.68
N MET B 253 30.45 6.93 -6.41
CA MET B 253 29.59 8.03 -6.02
C MET B 253 30.23 9.36 -6.41
N VAL B 254 31.56 9.39 -6.42
CA VAL B 254 32.31 10.54 -6.88
C VAL B 254 32.20 10.68 -8.40
N TYR B 255 32.33 9.55 -9.10
CA TYR B 255 32.25 9.53 -10.56
C TYR B 255 30.92 10.07 -11.05
N ALA B 256 29.86 9.72 -10.33
CA ALA B 256 28.51 10.16 -10.68
C ALA B 256 28.37 11.66 -10.49
N GLY B 257 28.95 12.17 -9.40
CA GLY B 257 28.92 13.59 -9.12
C GLY B 257 29.73 14.39 -10.12
N GLU B 258 30.69 13.72 -10.76
CA GLU B 258 31.53 14.37 -11.76
C GLU B 258 30.90 14.32 -13.14
N SER B 259 30.00 13.37 -13.36
CA SER B 259 29.40 13.18 -14.67
C SER B 259 28.02 13.80 -14.79
N ASN B 260 26.98 12.97 -14.75
CA ASN B 260 25.63 13.42 -15.01
C ASN B 260 24.68 13.30 -13.82
N MET B 261 25.26 13.14 -12.63
CA MET B 261 24.49 13.05 -11.39
C MET B 261 23.56 11.83 -11.41
N LYS B 262 24.01 10.77 -12.06
CA LYS B 262 23.20 9.55 -12.18
C LYS B 262 22.88 8.96 -10.80
N ARG B 263 21.75 8.28 -10.71
CA ARG B 263 21.36 7.63 -9.47
C ARG B 263 22.32 6.51 -9.14
N VAL B 264 22.78 6.47 -7.89
CA VAL B 264 23.72 5.44 -7.47
C VAL B 264 23.17 4.66 -6.27
N TRP B 265 23.03 3.35 -6.46
CA TRP B 265 22.57 2.46 -5.41
C TRP B 265 23.67 1.49 -5.05
N LEU B 266 24.20 1.62 -3.83
CA LEU B 266 25.38 0.86 -3.43
C LEU B 266 25.08 -0.19 -2.36
N GLU B 267 25.81 -1.29 -2.43
N GLU B 267 25.80 -1.30 -2.42
CA GLU B 267 25.74 -2.34 -1.42
CA GLU B 267 25.73 -2.32 -1.38
C GLU B 267 27.17 -2.66 -0.97
C GLU B 267 27.14 -2.67 -0.94
N ALA B 268 27.66 -1.92 0.00
CA ALA B 268 29.06 -2.07 0.44
C ALA B 268 29.27 -3.22 1.42
N GLY B 269 30.39 -3.15 2.15
CA GLY B 269 30.77 -4.21 3.06
C GLY B 269 30.00 -4.19 4.35
N GLY B 270 30.44 -5.01 5.30
CA GLY B 270 29.80 -5.08 6.59
C GLY B 270 30.66 -5.76 7.64
N LYS B 271 30.27 -5.61 8.91
CA LYS B 271 30.92 -6.28 10.01
C LYS B 271 29.84 -6.74 10.96
N SER B 272 29.03 -7.68 10.49
CA SER B 272 27.80 -8.08 11.17
C SER B 272 28.03 -8.76 12.51
N PRO B 273 27.43 -8.21 13.57
CA PRO B 273 27.47 -8.81 14.92
C PRO B 273 26.44 -9.94 15.06
N ASN B 274 26.90 -11.07 15.57
CA ASN B 274 26.03 -12.21 15.85
C ASN B 274 25.83 -12.35 17.35
N ILE B 275 24.77 -11.73 17.88
CA ILE B 275 24.57 -11.64 19.31
C ILE B 275 23.85 -12.85 19.91
N VAL B 276 24.54 -13.54 20.82
CA VAL B 276 23.99 -14.73 21.46
C VAL B 276 23.80 -14.49 22.96
N PHE B 277 22.53 -14.44 23.40
CA PHE B 277 22.23 -14.24 24.81
C PHE B 277 22.24 -15.57 25.57
N ALA B 278 22.27 -15.46 26.90
CA ALA B 278 22.32 -16.63 27.76
C ALA B 278 21.03 -17.45 27.67
N ASP B 279 19.92 -16.77 27.40
CA ASP B 279 18.61 -17.44 27.37
C ASP B 279 18.17 -17.78 25.95
N ALA B 280 19.14 -18.13 25.10
CA ALA B 280 18.82 -18.59 23.75
C ALA B 280 18.11 -19.94 23.82
N PRO B 281 17.11 -20.14 22.95
CA PRO B 281 16.30 -21.36 22.93
C PRO B 281 17.14 -22.63 22.78
N ASP B 282 17.97 -22.66 21.75
CA ASP B 282 18.84 -23.81 21.50
C ASP B 282 20.29 -23.33 21.36
N LEU B 283 21.11 -23.65 22.35
CA LEU B 283 22.49 -23.19 22.37
C LEU B 283 23.34 -23.96 21.36
N LYS B 284 22.94 -25.19 21.07
CA LYS B 284 23.64 -26.02 20.09
C LYS B 284 23.41 -25.46 18.69
N ALA B 285 22.16 -25.10 18.41
CA ALA B 285 21.79 -24.54 17.13
C ALA B 285 22.45 -23.18 16.91
N ALA B 286 22.59 -22.42 18.00
CA ALA B 286 23.21 -21.11 17.95
C ALA B 286 24.69 -21.23 17.61
N ALA B 287 25.34 -22.25 18.16
CA ALA B 287 26.75 -22.49 17.91
C ALA B 287 26.96 -23.02 16.50
N GLU B 288 26.09 -23.92 16.06
CA GLU B 288 26.16 -24.46 14.71
C GLU B 288 25.96 -23.36 13.67
N ALA B 289 25.05 -22.45 13.96
CA ALA B 289 24.77 -21.34 13.05
C ALA B 289 25.90 -20.31 13.06
N ALA B 290 26.51 -20.10 14.23
CA ALA B 290 27.60 -19.15 14.37
C ALA B 290 28.80 -19.59 13.55
N ALA B 291 29.07 -20.89 13.54
CA ALA B 291 30.19 -21.44 12.79
C ALA B 291 29.92 -21.33 11.29
N GLY B 292 28.69 -21.62 10.89
CA GLY B 292 28.29 -21.51 9.50
C GLY B 292 28.23 -20.07 9.03
N ALA B 293 28.05 -19.14 9.96
CA ALA B 293 27.95 -17.72 9.63
C ALA B 293 29.28 -17.14 9.21
N ILE B 294 30.37 -17.84 9.51
CA ILE B 294 31.70 -17.35 9.16
C ILE B 294 32.41 -18.27 8.17
N ALA B 295 31.97 -19.53 8.11
CA ALA B 295 32.62 -20.52 7.26
C ALA B 295 31.94 -20.68 5.89
N PHE B 296 30.64 -20.40 5.82
CA PHE B 296 29.91 -20.53 4.57
C PHE B 296 30.45 -19.59 3.50
N ASN B 297 30.61 -20.11 2.30
CA ASN B 297 31.21 -19.38 1.18
C ASN B 297 32.55 -18.75 1.57
N GLN B 298 33.36 -19.54 2.27
CA GLN B 298 34.73 -19.16 2.65
C GLN B 298 34.80 -17.82 3.37
N GLY B 299 33.71 -17.46 4.06
CA GLY B 299 33.65 -16.19 4.77
C GLY B 299 33.53 -15.00 3.84
N GLU B 300 33.50 -15.27 2.54
CA GLU B 300 33.38 -14.22 1.53
C GLU B 300 31.92 -13.82 1.36
N VAL B 301 31.30 -13.44 2.47
CA VAL B 301 29.91 -13.00 2.50
C VAL B 301 29.88 -11.67 3.23
N CYS B 302 29.19 -10.69 2.66
CA CYS B 302 29.14 -9.36 3.26
C CYS B 302 28.33 -9.37 4.56
N THR B 303 27.46 -10.36 4.70
CA THR B 303 26.66 -10.49 5.91
C THR B 303 27.16 -11.64 6.79
N ALA B 304 28.45 -11.93 6.69
CA ALA B 304 29.05 -12.97 7.52
C ALA B 304 29.14 -12.49 8.97
N GLY B 305 28.87 -13.40 9.91
CA GLY B 305 28.95 -13.09 11.32
C GLY B 305 30.38 -13.01 11.81
N SER B 306 31.12 -12.03 11.29
CA SER B 306 32.54 -11.86 11.63
C SER B 306 32.74 -11.46 13.09
N ARG B 307 31.70 -10.92 13.72
CA ARG B 307 31.76 -10.59 15.14
C ARG B 307 30.75 -11.41 15.92
N LEU B 308 31.24 -12.38 16.70
CA LEU B 308 30.37 -13.17 17.55
C LEU B 308 30.29 -12.56 18.95
N LEU B 309 29.10 -12.11 19.32
CA LEU B 309 28.88 -11.52 20.64
C LEU B 309 28.21 -12.51 21.58
N VAL B 310 28.95 -12.91 22.62
CA VAL B 310 28.46 -13.88 23.59
C VAL B 310 28.37 -13.26 24.97
N GLU B 311 27.31 -13.57 25.70
CA GLU B 311 27.17 -13.06 27.06
C GLU B 311 28.17 -13.77 27.97
N ARG B 312 28.62 -13.07 29.01
CA ARG B 312 29.67 -13.57 29.88
C ARG B 312 29.26 -14.86 30.60
N SER B 313 28.01 -14.94 31.02
CA SER B 313 27.53 -16.09 31.81
C SER B 313 27.44 -17.39 31.00
N ILE B 314 27.73 -17.33 29.71
CA ILE B 314 27.66 -18.52 28.87
C ILE B 314 28.85 -18.68 27.93
N LYS B 315 29.76 -17.72 27.93
CA LYS B 315 30.87 -17.72 26.97
C LYS B 315 31.77 -18.95 27.06
N ASP B 316 32.12 -19.34 28.29
CA ASP B 316 33.03 -20.47 28.50
C ASP B 316 32.39 -21.79 28.08
N LYS B 317 31.07 -21.83 28.04
CA LYS B 317 30.33 -23.02 27.65
C LYS B 317 29.94 -22.98 26.18
N PHE B 318 29.82 -21.77 25.63
CA PHE B 318 29.38 -21.59 24.26
C PHE B 318 30.53 -21.70 23.26
N LEU B 319 31.71 -21.21 23.66
CA LEU B 319 32.88 -21.19 22.78
C LEU B 319 33.34 -22.58 22.29
N PRO B 320 33.47 -23.56 23.19
CA PRO B 320 33.86 -24.89 22.69
C PRO B 320 32.83 -25.50 21.74
N LEU B 321 31.57 -25.11 21.90
CA LEU B 321 30.52 -25.57 20.99
C LEU B 321 30.73 -25.00 19.60
N VAL B 322 31.19 -23.76 19.53
CA VAL B 322 31.46 -23.09 18.26
C VAL B 322 32.69 -23.71 17.60
N ILE B 323 33.72 -23.98 18.39
CA ILE B 323 34.94 -24.60 17.89
C ILE B 323 34.64 -26.00 17.35
N GLU B 324 33.79 -26.74 18.05
CA GLU B 324 33.42 -28.09 17.64
C GLU B 324 32.57 -28.07 16.36
N ALA B 325 31.66 -27.12 16.27
CA ALA B 325 30.79 -27.00 15.11
C ALA B 325 31.59 -26.62 13.86
N LEU B 326 32.62 -25.80 14.05
CA LEU B 326 33.45 -25.32 12.96
C LEU B 326 34.26 -26.44 12.31
N LYS B 327 34.47 -27.53 13.06
CA LYS B 327 35.27 -28.65 12.56
C LYS B 327 34.57 -29.39 11.43
N GLY B 328 33.26 -29.21 11.33
CA GLY B 328 32.49 -29.81 10.25
C GLY B 328 32.73 -29.12 8.93
N TRP B 329 33.21 -27.88 8.99
CA TRP B 329 33.48 -27.09 7.80
C TRP B 329 34.94 -27.22 7.39
N LYS B 330 35.23 -28.19 6.52
CA LYS B 330 36.59 -28.48 6.10
C LYS B 330 36.86 -28.03 4.68
N PRO B 331 37.89 -27.19 4.49
CA PRO B 331 38.33 -26.81 3.14
C PRO B 331 38.75 -28.04 2.34
N GLY B 332 38.45 -28.04 1.04
CA GLY B 332 38.80 -29.16 0.20
C GLY B 332 38.49 -28.92 -1.27
N ASN B 333 38.59 -29.98 -2.08
CA ASN B 333 38.33 -29.90 -3.51
C ASN B 333 36.91 -29.41 -3.80
N PRO B 334 36.81 -28.22 -4.42
CA PRO B 334 35.50 -27.62 -4.73
C PRO B 334 34.68 -28.45 -5.72
N LEU B 335 35.34 -29.28 -6.51
CA LEU B 335 34.65 -30.12 -7.48
C LEU B 335 34.11 -31.40 -6.85
N ASP B 336 34.35 -31.54 -5.55
CA ASP B 336 33.83 -32.67 -4.79
C ASP B 336 32.52 -32.26 -4.13
N PRO B 337 31.42 -32.97 -4.45
CA PRO B 337 30.07 -32.68 -3.97
C PRO B 337 29.94 -32.58 -2.45
N GLU B 338 30.86 -33.20 -1.70
CA GLU B 338 30.75 -33.21 -0.25
C GLU B 338 31.61 -32.14 0.43
N THR B 339 32.23 -31.29 -0.38
CA THR B 339 32.99 -30.16 0.14
C THR B 339 32.04 -29.04 0.54
N ASN B 340 32.24 -28.48 1.73
CA ASN B 340 31.40 -27.38 2.20
C ASN B 340 32.15 -26.05 2.29
N VAL B 341 33.48 -26.12 2.25
CA VAL B 341 34.31 -24.92 2.24
C VAL B 341 35.28 -24.99 1.07
N GLY B 342 35.15 -24.05 0.14
CA GLY B 342 35.98 -24.04 -1.04
C GLY B 342 37.23 -23.20 -0.89
N ALA B 343 37.70 -22.65 -2.01
CA ALA B 343 38.89 -21.81 -2.01
C ALA B 343 38.51 -20.34 -2.01
N LEU B 344 39.46 -19.50 -1.59
CA LEU B 344 39.30 -18.06 -1.73
C LEU B 344 39.45 -17.71 -3.20
N VAL B 345 38.96 -16.54 -3.61
CA VAL B 345 38.87 -16.19 -5.03
C VAL B 345 40.22 -16.16 -5.77
N ASP B 346 41.26 -15.62 -5.13
CA ASP B 346 42.58 -15.58 -5.74
C ASP B 346 43.67 -15.34 -4.70
N THR B 347 44.90 -15.16 -5.19
CA THR B 347 46.06 -15.01 -4.31
C THR B 347 45.98 -13.74 -3.47
N GLN B 348 45.56 -12.64 -4.10
CA GLN B 348 45.42 -11.36 -3.42
C GLN B 348 44.48 -11.44 -2.20
N GLN B 349 43.39 -12.17 -2.37
CA GLN B 349 42.42 -12.33 -1.29
C GLN B 349 42.99 -13.18 -0.17
N MET B 350 43.76 -14.20 -0.55
CA MET B 350 44.35 -15.10 0.43
C MET B 350 45.40 -14.37 1.27
N ASN B 351 46.22 -13.56 0.60
CA ASN B 351 47.23 -12.77 1.29
C ASN B 351 46.60 -11.77 2.24
N THR B 352 45.47 -11.21 1.81
CA THR B 352 44.72 -10.26 2.62
C THR B 352 44.18 -10.92 3.89
N VAL B 353 43.58 -12.10 3.74
CA VAL B 353 43.03 -12.84 4.86
C VAL B 353 44.13 -13.25 5.84
N LEU B 354 45.23 -13.76 5.29
CA LEU B 354 46.38 -14.15 6.10
C LEU B 354 46.98 -12.94 6.83
N SER B 355 46.91 -11.78 6.20
CA SER B 355 47.42 -10.55 6.80
C SER B 355 46.60 -10.14 8.01
N TYR B 356 45.30 -10.40 7.98
CA TYR B 356 44.42 -10.08 9.11
C TYR B 356 44.57 -11.09 10.25
N ILE B 357 44.93 -12.32 9.91
CA ILE B 357 45.18 -13.34 10.92
C ILE B 357 46.43 -12.97 11.72
N GLU B 358 47.42 -12.42 11.04
CA GLU B 358 48.63 -11.95 11.70
C GLU B 358 48.30 -10.71 12.52
N ALA B 359 47.36 -9.91 12.03
CA ALA B 359 46.91 -8.71 12.73
C ALA B 359 46.18 -9.08 14.02
N GLY B 360 45.52 -10.23 14.01
CA GLY B 360 44.85 -10.73 15.19
C GLY B 360 45.84 -11.06 16.28
N HIS B 361 46.94 -11.69 15.90
CA HIS B 361 48.03 -12.00 16.82
C HIS B 361 48.64 -10.72 17.37
N ASN B 362 48.84 -9.74 16.49
CA ASN B 362 49.42 -8.45 16.87
C ASN B 362 48.57 -7.66 17.84
N ASP B 363 47.25 -7.76 17.70
CA ASP B 363 46.31 -7.05 18.56
C ASP B 363 46.27 -7.65 19.97
N GLY B 364 46.73 -8.89 20.10
CA GLY B 364 46.75 -9.56 21.37
C GLY B 364 45.63 -10.56 21.55
N ALA B 365 45.00 -10.95 20.44
CA ALA B 365 43.92 -11.94 20.48
C ALA B 365 44.50 -13.35 20.56
N LYS B 366 43.65 -14.32 20.92
CA LYS B 366 44.09 -15.69 21.11
C LYS B 366 43.55 -16.63 20.03
N LEU B 367 44.46 -17.18 19.22
CA LEU B 367 44.09 -18.14 18.20
C LEU B 367 43.66 -19.45 18.82
N VAL B 368 42.39 -19.80 18.65
CA VAL B 368 41.84 -21.00 19.27
C VAL B 368 41.33 -22.01 18.24
N ALA B 369 41.41 -21.64 16.95
CA ALA B 369 40.98 -22.52 15.87
C ALA B 369 41.52 -22.05 14.52
N GLY B 370 42.10 -22.98 13.77
CA GLY B 370 42.63 -22.67 12.45
C GLY B 370 43.77 -21.67 12.48
N GLY B 371 43.77 -20.76 11.51
CA GLY B 371 44.73 -19.67 11.48
C GLY B 371 45.85 -19.82 10.46
N LYS B 372 45.75 -20.84 9.60
CA LYS B 372 46.81 -21.11 8.63
C LYS B 372 46.30 -21.34 7.22
N ARG B 373 47.18 -21.15 6.24
CA ARG B 373 46.88 -21.50 4.87
C ARG B 373 46.94 -23.02 4.74
N THR B 374 46.11 -23.58 3.87
CA THR B 374 46.07 -25.03 3.68
C THR B 374 45.98 -25.41 2.20
N LEU B 375 46.21 -26.68 1.91
CA LEU B 375 46.12 -27.21 0.55
C LEU B 375 47.00 -26.46 -0.45
N GLU B 376 48.17 -26.03 -0.01
CA GLU B 376 49.09 -25.26 -0.85
C GLU B 376 49.62 -26.10 -2.01
N GLU B 377 49.65 -27.42 -1.82
CA GLU B 377 50.18 -28.33 -2.81
C GLU B 377 49.31 -28.44 -4.08
N THR B 378 48.05 -28.01 -3.97
CA THR B 378 47.10 -28.15 -5.07
C THR B 378 47.26 -27.07 -6.13
N GLY B 379 47.98 -26.01 -5.79
CA GLY B 379 48.13 -24.86 -6.67
C GLY B 379 47.00 -23.87 -6.50
N GLY B 380 46.03 -24.21 -5.65
CA GLY B 380 44.93 -23.33 -5.36
C GLY B 380 45.19 -22.46 -4.14
N THR B 381 44.22 -21.60 -3.81
CA THR B 381 44.36 -20.71 -2.66
C THR B 381 43.32 -21.03 -1.58
N TYR B 382 43.75 -21.70 -0.51
CA TYR B 382 42.85 -22.13 0.55
C TYR B 382 43.29 -21.64 1.92
N VAL B 383 42.33 -21.24 2.75
CA VAL B 383 42.60 -20.88 4.14
C VAL B 383 41.56 -21.54 5.04
N GLU B 384 42.03 -22.21 6.09
CA GLU B 384 41.14 -22.90 7.02
C GLU B 384 40.38 -21.90 7.89
N PRO B 385 39.13 -22.24 8.27
CA PRO B 385 38.31 -21.39 9.15
C PRO B 385 39.04 -21.04 10.44
N THR B 386 39.05 -19.75 10.77
CA THR B 386 39.86 -19.25 11.88
C THR B 386 39.01 -18.55 12.94
N ILE B 387 39.27 -18.84 14.21
CA ILE B 387 38.59 -18.18 15.32
C ILE B 387 39.57 -17.51 16.27
N PHE B 388 39.35 -16.22 16.53
CA PHE B 388 40.13 -15.49 17.51
C PHE B 388 39.30 -15.21 18.75
N ASP B 389 39.84 -15.54 19.91
CA ASP B 389 39.17 -15.31 21.18
C ASP B 389 39.81 -14.15 21.93
N GLY B 390 39.10 -13.56 22.88
CA GLY B 390 39.60 -12.44 23.64
C GLY B 390 39.74 -11.19 22.80
N VAL B 391 38.79 -11.00 21.89
CA VAL B 391 38.79 -9.84 21.00
C VAL B 391 37.96 -8.71 21.59
N THR B 392 38.52 -7.50 21.57
CA THR B 392 37.77 -6.31 21.95
C THR B 392 37.38 -5.53 20.70
N ASN B 393 36.36 -4.69 20.82
CA ASN B 393 35.83 -3.97 19.65
C ASN B 393 36.76 -2.86 19.17
N ALA B 394 37.92 -2.73 19.80
CA ALA B 394 38.90 -1.72 19.41
C ALA B 394 39.98 -2.34 18.51
N MET B 395 40.14 -3.65 18.61
CA MET B 395 41.13 -4.36 17.80
C MET B 395 40.83 -4.24 16.32
N LYS B 396 41.87 -4.35 15.50
CA LYS B 396 41.75 -4.19 14.06
C LYS B 396 40.84 -5.24 13.43
N ILE B 397 40.91 -6.47 13.94
CA ILE B 397 40.13 -7.57 13.37
C ILE B 397 38.65 -7.51 13.75
N ALA B 398 38.29 -6.55 14.58
CA ALA B 398 36.90 -6.40 14.99
C ALA B 398 36.23 -5.25 14.23
N ARG B 399 37.03 -4.33 13.72
CA ARG B 399 36.50 -3.12 13.09
C ARG B 399 36.50 -3.20 11.57
N GLU B 400 37.59 -3.73 11.01
CA GLU B 400 37.74 -3.79 9.56
C GLU B 400 37.24 -5.11 8.99
N GLU B 401 36.57 -5.04 7.84
CA GLU B 401 36.07 -6.23 7.17
C GLU B 401 37.22 -7.05 6.60
N ILE B 402 37.22 -8.35 6.88
CA ILE B 402 38.29 -9.22 6.44
C ILE B 402 37.91 -9.94 5.14
N PHE B 403 36.63 -10.28 5.01
CA PHE B 403 36.12 -11.03 3.86
C PHE B 403 36.80 -12.39 3.72
N GLY B 404 36.94 -13.08 4.85
CA GLY B 404 37.47 -14.42 4.90
C GLY B 404 36.86 -15.16 6.08
N PRO B 405 37.15 -16.45 6.22
CA PRO B 405 36.57 -17.26 7.29
C PRO B 405 37.26 -17.00 8.63
N VAL B 406 37.30 -15.73 9.06
CA VAL B 406 37.95 -15.36 10.30
C VAL B 406 36.96 -14.78 11.30
N LEU B 407 36.77 -15.48 12.42
CA LEU B 407 35.79 -15.09 13.42
C LEU B 407 36.41 -14.35 14.61
N SER B 408 35.82 -13.21 14.98
CA SER B 408 36.23 -12.49 16.18
C SER B 408 35.20 -12.67 17.29
N VAL B 409 35.61 -13.29 18.39
CA VAL B 409 34.70 -13.52 19.52
C VAL B 409 34.84 -12.43 20.58
N ILE B 410 33.78 -11.63 20.73
CA ILE B 410 33.74 -10.54 21.69
C ILE B 410 32.63 -10.83 22.70
N GLU B 411 32.87 -10.51 23.97
CA GLU B 411 31.85 -10.75 24.98
C GLU B 411 31.35 -9.48 25.67
N PHE B 412 30.14 -9.56 26.20
CA PHE B 412 29.49 -8.41 26.83
C PHE B 412 28.83 -8.82 28.13
N GLU B 413 28.54 -7.84 28.98
CA GLU B 413 27.91 -8.10 30.27
C GLU B 413 26.40 -8.25 30.15
N ASP B 414 25.75 -7.23 29.59
CA ASP B 414 24.29 -7.22 29.46
C ASP B 414 23.84 -6.78 28.07
N ALA B 415 22.52 -6.68 27.91
CA ALA B 415 21.92 -6.34 26.62
C ALA B 415 22.33 -4.95 26.15
N GLU B 416 22.52 -4.03 27.08
CA GLU B 416 22.88 -2.66 26.74
C GLU B 416 24.29 -2.59 26.14
N GLU B 417 25.23 -3.35 26.71
CA GLU B 417 26.59 -3.36 26.20
C GLU B 417 26.66 -4.05 24.84
N ALA B 418 25.87 -5.11 24.68
CA ALA B 418 25.80 -5.83 23.41
C ALA B 418 25.36 -4.90 22.29
N VAL B 419 24.32 -4.11 22.56
CA VAL B 419 23.81 -3.15 21.59
C VAL B 419 24.85 -2.07 21.27
N ARG B 420 25.52 -1.57 22.31
CA ARG B 420 26.54 -0.54 22.13
C ARG B 420 27.70 -1.04 21.26
N ILE B 421 28.16 -2.26 21.52
CA ILE B 421 29.26 -2.84 20.76
C ILE B 421 28.82 -3.14 19.32
N ALA B 422 27.62 -3.68 19.18
CA ALA B 422 27.08 -4.04 17.87
C ALA B 422 26.96 -2.83 16.95
N ASN B 423 26.50 -1.71 17.49
CA ASN B 423 26.33 -0.49 16.70
C ASN B 423 27.61 0.32 16.60
N ASP B 424 28.64 -0.09 17.33
CA ASP B 424 29.93 0.59 17.29
C ASP B 424 30.72 0.15 16.05
N THR B 425 30.25 0.60 14.89
CA THR B 425 30.86 0.23 13.61
C THR B 425 30.33 1.16 12.52
N PRO B 426 31.18 1.48 11.54
CA PRO B 426 30.74 2.30 10.41
C PRO B 426 29.78 1.53 9.50
N TYR B 427 29.67 0.23 9.70
CA TYR B 427 28.80 -0.61 8.89
C TYR B 427 27.42 -0.80 9.52
N GLY B 428 26.56 -1.53 8.82
CA GLY B 428 25.20 -1.77 9.28
C GLY B 428 24.40 -2.58 8.28
N LEU B 429 24.96 -3.70 7.86
CA LEU B 429 24.37 -4.52 6.81
C LEU B 429 23.48 -5.62 7.40
N ALA B 430 23.96 -6.28 8.44
CA ALA B 430 23.20 -7.35 9.07
C ALA B 430 23.56 -7.51 10.54
N ALA B 431 22.71 -8.24 11.26
CA ALA B 431 22.93 -8.55 12.67
C ALA B 431 22.00 -9.68 13.08
N ALA B 432 22.38 -10.42 14.12
CA ALA B 432 21.53 -11.51 14.60
C ALA B 432 21.39 -11.48 16.12
N VAL B 433 20.21 -11.89 16.59
CA VAL B 433 19.91 -11.91 18.01
C VAL B 433 19.34 -13.26 18.41
N TRP B 434 19.95 -13.88 19.41
CA TRP B 434 19.51 -15.19 19.88
C TRP B 434 18.99 -15.10 21.33
N THR B 435 17.68 -15.22 21.49
CA THR B 435 17.06 -15.18 22.81
C THR B 435 15.64 -15.75 22.76
N SER B 436 15.15 -16.19 23.90
CA SER B 436 13.80 -16.76 23.98
C SER B 436 12.82 -15.77 24.60
N ASN B 437 13.33 -14.63 25.03
CA ASN B 437 12.51 -13.60 25.65
C ASN B 437 11.87 -12.67 24.62
N LEU B 438 10.57 -12.45 24.76
CA LEU B 438 9.80 -11.65 23.82
C LEU B 438 10.27 -10.21 23.73
N SER B 439 10.27 -9.52 24.86
CA SER B 439 10.64 -8.11 24.90
C SER B 439 12.10 -7.88 24.50
N LYS B 440 13.00 -8.72 24.99
CA LYS B 440 14.42 -8.55 24.70
C LYS B 440 14.72 -8.77 23.21
N ALA B 441 14.01 -9.72 22.59
CA ALA B 441 14.20 -10.01 21.17
C ALA B 441 13.82 -8.82 20.30
N HIS B 442 12.63 -8.27 20.53
CA HIS B 442 12.14 -7.16 19.73
C HIS B 442 12.87 -5.84 20.01
N LEU B 443 13.11 -5.55 21.29
CA LEU B 443 13.74 -4.28 21.66
C LEU B 443 15.21 -4.20 21.23
N THR B 444 15.88 -5.35 21.16
CA THR B 444 17.25 -5.38 20.66
C THR B 444 17.25 -5.21 19.14
N ALA B 445 16.33 -5.92 18.47
CA ALA B 445 16.23 -5.85 17.02
C ALA B 445 15.94 -4.44 16.55
N LYS B 446 15.07 -3.73 17.27
CA LYS B 446 14.74 -2.35 16.93
C LYS B 446 15.90 -1.41 17.22
N ALA B 447 16.79 -1.82 18.12
CA ALA B 447 17.93 -1.00 18.52
C ALA B 447 19.13 -1.16 17.60
N LEU B 448 19.20 -2.28 16.90
CA LEU B 448 20.33 -2.57 16.02
C LEU B 448 20.22 -1.83 14.70
N ARG B 449 21.27 -1.11 14.33
CA ARG B 449 21.29 -0.36 13.08
C ARG B 449 21.75 -1.23 11.92
N ALA B 450 20.89 -2.14 11.49
CA ALA B 450 21.22 -3.04 10.38
C ALA B 450 20.03 -3.24 9.45
N GLY B 451 20.31 -3.35 8.16
CA GLY B 451 19.26 -3.53 7.16
C GLY B 451 18.52 -4.84 7.36
N SER B 452 19.26 -5.85 7.81
CA SER B 452 18.67 -7.15 8.09
C SER B 452 18.97 -7.55 9.53
N VAL B 453 17.94 -7.98 10.26
CA VAL B 453 18.14 -8.50 11.61
C VAL B 453 17.47 -9.86 11.75
N TRP B 454 18.27 -10.89 12.04
CA TRP B 454 17.76 -12.24 12.13
C TRP B 454 17.67 -12.72 13.57
N VAL B 455 16.45 -13.07 14.00
CA VAL B 455 16.22 -13.51 15.37
C VAL B 455 16.10 -15.04 15.44
N ASN B 456 16.92 -15.64 16.31
CA ASN B 456 16.95 -17.10 16.49
C ASN B 456 17.20 -17.88 15.20
N GLN B 457 18.03 -17.29 14.34
CA GLN B 457 18.47 -17.93 13.09
C GLN B 457 19.56 -17.05 12.50
N TYR B 458 20.19 -17.51 11.42
CA TYR B 458 21.14 -16.66 10.71
C TYR B 458 20.92 -16.75 9.19
N ASP B 459 21.22 -15.65 8.50
CA ASP B 459 21.10 -15.57 7.05
C ASP B 459 19.67 -15.89 6.61
N GLY B 460 18.70 -15.24 7.25
CA GLY B 460 17.30 -15.48 6.96
C GLY B 460 16.71 -14.51 5.96
N GLY B 461 15.48 -14.80 5.52
CA GLY B 461 14.79 -13.97 4.55
C GLY B 461 14.90 -14.52 3.13
N ASP B 462 13.76 -14.59 2.45
CA ASP B 462 13.74 -15.03 1.06
C ASP B 462 13.63 -13.84 0.11
N MET B 463 12.90 -14.00 -0.99
CA MET B 463 12.74 -12.90 -1.94
C MET B 463 11.73 -11.86 -1.47
N THR B 464 11.06 -12.13 -0.36
CA THR B 464 10.11 -11.18 0.20
C THR B 464 10.79 -10.17 1.10
N ALA B 465 12.03 -10.48 1.50
CA ALA B 465 12.79 -9.63 2.42
C ALA B 465 13.74 -8.69 1.69
N PRO B 466 13.59 -7.37 1.93
CA PRO B 466 14.53 -6.41 1.35
C PRO B 466 15.90 -6.56 1.99
N PHE B 467 16.96 -6.25 1.23
CA PHE B 467 18.32 -6.49 1.67
C PHE B 467 19.23 -5.30 1.34
N GLY B 468 19.87 -4.75 2.35
CA GLY B 468 20.74 -3.60 2.19
C GLY B 468 21.29 -3.17 3.53
N GLY B 469 21.98 -2.03 3.56
CA GLY B 469 22.65 -1.61 4.78
C GLY B 469 22.37 -0.20 5.26
N PHE B 470 22.63 0.03 6.54
CA PHE B 470 22.63 1.37 7.11
C PHE B 470 24.02 1.95 6.92
N LYS B 471 24.15 3.26 7.12
CA LYS B 471 25.46 3.94 7.13
C LYS B 471 26.33 3.62 5.92
N GLN B 472 27.53 3.09 6.17
CA GLN B 472 28.49 2.87 5.09
C GLN B 472 28.38 1.47 4.47
N SER B 473 27.33 0.75 4.80
CA SER B 473 27.08 -0.56 4.19
C SER B 473 26.35 -0.39 2.86
N GLY B 474 25.94 0.84 2.56
CA GLY B 474 25.31 1.13 1.29
C GLY B 474 23.94 1.78 1.44
N ASN B 475 23.29 1.99 0.31
CA ASN B 475 21.93 2.56 0.28
C ASN B 475 21.05 1.78 -0.69
N GLY B 476 19.74 1.83 -0.47
CA GLY B 476 18.82 1.08 -1.30
C GLY B 476 18.72 -0.37 -0.87
N ARG B 477 17.76 -1.10 -1.43
CA ARG B 477 17.54 -2.48 -1.06
C ARG B 477 17.42 -3.38 -2.29
N ASP B 478 18.00 -4.58 -2.21
CA ASP B 478 17.78 -5.62 -3.20
C ASP B 478 16.67 -6.54 -2.69
N LYS B 479 16.12 -7.37 -3.58
CA LYS B 479 15.00 -8.25 -3.28
C LYS B 479 13.73 -7.49 -2.87
N SER B 480 12.67 -8.23 -2.54
CA SER B 480 11.34 -7.67 -2.25
C SER B 480 10.80 -6.81 -3.40
N LEU B 481 9.77 -6.01 -3.11
CA LEU B 481 9.19 -5.12 -4.12
C LEU B 481 9.91 -3.78 -4.10
N HIS B 482 10.69 -3.55 -3.05
CA HIS B 482 11.41 -2.29 -2.88
C HIS B 482 12.58 -2.15 -3.87
N ALA B 483 13.08 -3.28 -4.36
CA ALA B 483 14.19 -3.26 -5.32
C ALA B 483 13.78 -2.64 -6.65
N PHE B 484 12.48 -2.67 -6.94
CA PHE B 484 11.95 -2.12 -8.17
C PHE B 484 12.11 -0.60 -8.24
N ASP B 485 12.11 0.05 -7.08
CA ASP B 485 12.17 1.51 -7.01
C ASP B 485 13.53 2.08 -7.39
N LYS B 486 14.56 1.23 -7.39
CA LYS B 486 15.89 1.66 -7.77
C LYS B 486 16.03 1.83 -9.29
N TYR B 487 15.04 1.32 -10.03
CA TYR B 487 15.09 1.33 -11.48
C TYR B 487 13.89 2.04 -12.09
N THR B 488 13.15 2.78 -11.27
CA THR B 488 12.02 3.54 -11.76
C THR B 488 12.06 4.99 -11.27
N GLU B 489 11.37 5.86 -12.00
CA GLU B 489 11.19 7.25 -11.59
C GLU B 489 9.72 7.51 -11.31
N LEU B 490 9.45 8.33 -10.30
CA LEU B 490 8.08 8.72 -9.99
C LEU B 490 7.63 9.88 -10.87
N LYS B 491 6.40 9.79 -11.37
CA LYS B 491 5.80 10.88 -12.13
C LYS B 491 4.45 11.26 -11.55
N ALA B 492 4.27 12.54 -11.26
CA ALA B 492 2.99 13.05 -10.78
C ALA B 492 2.25 13.78 -11.89
N THR B 493 1.24 13.14 -12.46
CA THR B 493 0.46 13.74 -13.53
C THR B 493 -0.85 14.31 -13.00
N TRP B 494 -0.91 15.64 -12.89
CA TRP B 494 -2.11 16.31 -12.39
C TRP B 494 -2.94 16.90 -13.52
N ILE B 495 -4.13 16.33 -13.71
CA ILE B 495 -4.99 16.68 -14.85
C ILE B 495 -6.20 17.51 -14.42
N LYS B 496 -6.29 18.73 -14.95
CA LYS B 496 -7.43 19.59 -14.68
C LYS B 496 -8.61 19.21 -15.56
N LEU B 497 -9.71 18.82 -14.94
CA LEU B 497 -10.92 18.43 -15.67
C LEU B 497 -11.88 19.61 -15.76
N THR C 3 -7.33 -25.07 -34.83
CA THR C 3 -6.77 -25.96 -35.84
C THR C 3 -7.66 -27.19 -36.09
N LEU C 4 -8.44 -27.56 -35.09
CA LEU C 4 -9.35 -28.69 -35.21
C LEU C 4 -10.64 -28.28 -35.92
N THR C 5 -11.10 -29.13 -36.84
CA THR C 5 -12.28 -28.82 -37.64
C THR C 5 -13.58 -29.20 -36.91
N ARG C 6 -14.70 -29.03 -37.59
CA ARG C 6 -16.00 -29.34 -37.00
C ARG C 6 -16.17 -30.83 -36.78
N ALA C 7 -15.74 -31.62 -37.77
CA ALA C 7 -15.84 -33.06 -37.69
C ALA C 7 -15.02 -33.62 -36.53
N ASP C 8 -13.91 -32.94 -36.23
CA ASP C 8 -13.03 -33.36 -35.15
C ASP C 8 -13.72 -33.23 -33.80
N TRP C 9 -14.38 -32.10 -33.58
CA TRP C 9 -15.05 -31.85 -32.30
C TRP C 9 -16.28 -32.74 -32.14
N GLU C 10 -16.97 -33.02 -33.24
CA GLU C 10 -18.15 -33.87 -33.19
C GLU C 10 -17.77 -35.33 -33.00
N ALA C 11 -16.58 -35.69 -33.46
CA ALA C 11 -16.05 -37.03 -33.25
C ALA C 11 -15.63 -37.22 -31.79
N ARG C 12 -14.96 -36.22 -31.23
CA ARG C 12 -14.50 -36.27 -29.85
C ARG C 12 -15.67 -36.26 -28.88
N ALA C 13 -16.79 -35.67 -29.30
CA ALA C 13 -17.97 -35.55 -28.46
C ALA C 13 -18.71 -36.89 -28.34
N LYS C 14 -18.51 -37.77 -29.31
CA LYS C 14 -19.18 -39.07 -29.30
C LYS C 14 -18.34 -40.11 -28.56
N ASP C 15 -17.04 -39.84 -28.45
CA ASP C 15 -16.12 -40.74 -27.76
C ASP C 15 -15.72 -40.22 -26.39
N LEU C 16 -16.43 -39.19 -25.93
CA LEU C 16 -16.10 -38.55 -24.66
C LEU C 16 -16.71 -39.28 -23.48
N LYS C 17 -15.89 -39.62 -22.50
CA LYS C 17 -16.36 -40.26 -21.28
C LYS C 17 -16.49 -39.21 -20.17
N ILE C 18 -17.72 -38.95 -19.75
CA ILE C 18 -18.00 -37.86 -18.83
C ILE C 18 -18.23 -38.34 -17.40
N GLU C 19 -17.53 -37.72 -16.45
CA GLU C 19 -17.74 -38.02 -15.04
C GLU C 19 -18.93 -37.20 -14.51
N GLY C 20 -19.72 -37.80 -13.63
CA GLY C 20 -20.90 -37.15 -13.11
C GLY C 20 -21.00 -37.18 -11.60
N ARG C 21 -20.05 -37.84 -10.96
CA ARG C 21 -20.06 -37.97 -9.50
C ARG C 21 -19.59 -36.69 -8.82
N ALA C 22 -19.83 -36.62 -7.51
CA ALA C 22 -19.31 -35.54 -6.68
C ALA C 22 -17.87 -35.86 -6.31
N PHE C 23 -17.12 -34.83 -5.91
CA PHE C 23 -15.73 -35.03 -5.52
C PHE C 23 -15.52 -34.61 -4.07
N VAL C 24 -15.38 -35.59 -3.19
CA VAL C 24 -15.21 -35.32 -1.77
C VAL C 24 -13.97 -36.03 -1.24
N ASN C 25 -13.14 -35.27 -0.54
CA ASN C 25 -11.94 -35.81 0.12
C ASN C 25 -11.02 -36.59 -0.82
N GLY C 26 -10.78 -36.05 -2.01
CA GLY C 26 -9.81 -36.61 -2.92
C GLY C 26 -10.31 -37.77 -3.77
N GLU C 27 -11.59 -38.11 -3.62
CA GLU C 27 -12.18 -39.23 -4.35
C GLU C 27 -13.54 -38.88 -4.93
N TYR C 28 -13.84 -39.46 -6.10
CA TYR C 28 -15.17 -39.34 -6.69
C TYR C 28 -16.14 -40.26 -5.96
N SER C 29 -17.36 -39.76 -5.73
CA SER C 29 -18.37 -40.54 -5.02
C SER C 29 -19.78 -40.08 -5.35
N ASN C 30 -20.71 -41.02 -5.42
CA ASN C 30 -22.12 -40.71 -5.66
C ASN C 30 -22.71 -39.97 -4.46
N ALA C 31 -23.89 -39.41 -4.64
CA ALA C 31 -24.59 -38.78 -3.53
C ALA C 31 -24.95 -39.83 -2.50
N ALA C 32 -25.09 -39.41 -1.25
CA ALA C 32 -25.42 -40.34 -0.16
C ALA C 32 -26.73 -41.06 -0.41
N SER C 33 -27.64 -40.41 -1.12
CA SER C 33 -28.93 -41.00 -1.45
C SER C 33 -28.83 -41.89 -2.69
N GLY C 34 -27.72 -41.74 -3.42
CA GLY C 34 -27.52 -42.49 -4.65
C GLY C 34 -28.28 -41.89 -5.81
N GLU C 35 -29.07 -40.86 -5.52
CA GLU C 35 -29.90 -40.21 -6.54
C GLU C 35 -29.09 -39.32 -7.46
N THR C 36 -29.55 -39.20 -8.69
CA THR C 36 -28.88 -38.40 -9.70
C THR C 36 -29.89 -37.55 -10.48
N PHE C 37 -29.38 -36.65 -11.32
CA PHE C 37 -30.21 -35.94 -12.28
C PHE C 37 -29.56 -36.04 -13.65
N ASP C 38 -30.37 -35.91 -14.70
CA ASP C 38 -29.86 -36.01 -16.06
C ASP C 38 -29.24 -34.69 -16.50
N CYS C 39 -28.05 -34.77 -17.10
CA CYS C 39 -27.41 -33.60 -17.68
C CYS C 39 -27.54 -33.65 -19.19
N LEU C 40 -28.31 -32.72 -19.75
CA LEU C 40 -28.56 -32.69 -21.19
C LEU C 40 -27.76 -31.58 -21.86
N SER C 41 -27.57 -31.71 -23.17
CA SER C 41 -26.84 -30.71 -23.93
C SER C 41 -27.79 -29.81 -24.70
N PRO C 42 -27.72 -28.49 -24.47
CA PRO C 42 -28.55 -27.53 -25.20
C PRO C 42 -28.11 -27.35 -26.65
N VAL C 43 -27.06 -28.06 -27.05
CA VAL C 43 -26.62 -28.07 -28.43
C VAL C 43 -27.68 -28.72 -29.33
N ASP C 44 -28.18 -29.88 -28.90
CA ASP C 44 -29.19 -30.59 -29.66
C ASP C 44 -30.09 -31.47 -28.79
N GLY C 45 -30.08 -31.24 -27.49
CA GLY C 45 -30.94 -31.97 -26.57
C GLY C 45 -30.47 -33.38 -26.29
N ARG C 46 -29.21 -33.67 -26.61
CA ARG C 46 -28.67 -35.01 -26.40
C ARG C 46 -28.38 -35.26 -24.92
N PHE C 47 -28.20 -36.53 -24.58
CA PHE C 47 -27.84 -36.92 -23.22
C PHE C 47 -26.33 -36.86 -23.05
N LEU C 48 -25.88 -36.41 -21.88
CA LEU C 48 -24.45 -36.34 -21.58
C LEU C 48 -24.07 -37.39 -20.54
N ALA C 49 -24.55 -37.20 -19.31
CA ALA C 49 -24.23 -38.10 -18.22
C ALA C 49 -25.18 -37.91 -17.04
N LYS C 50 -25.27 -38.93 -16.19
CA LYS C 50 -26.02 -38.80 -14.95
C LYS C 50 -25.15 -38.15 -13.89
N VAL C 51 -25.60 -37.01 -13.39
CA VAL C 51 -24.84 -36.25 -12.40
C VAL C 51 -25.45 -36.40 -11.01
N ALA C 52 -24.61 -36.65 -10.03
CA ALA C 52 -25.04 -36.86 -8.65
C ALA C 52 -25.82 -35.68 -8.11
N SER C 53 -26.97 -35.97 -7.49
CA SER C 53 -27.81 -34.94 -6.89
C SER C 53 -27.61 -34.93 -5.38
N CYS C 54 -26.65 -34.13 -4.92
CA CYS C 54 -26.32 -34.09 -3.51
C CYS C 54 -27.40 -33.40 -2.69
N ASP C 55 -27.32 -33.53 -1.37
CA ASP C 55 -28.31 -32.96 -0.47
C ASP C 55 -27.65 -32.53 0.84
N LEU C 56 -28.48 -32.36 1.87
CA LEU C 56 -28.00 -31.91 3.18
C LEU C 56 -26.96 -32.83 3.79
N ALA C 57 -27.15 -34.14 3.61
CA ALA C 57 -26.22 -35.12 4.16
C ALA C 57 -24.85 -34.99 3.52
N ASP C 58 -24.83 -34.87 2.19
CA ASP C 58 -23.59 -34.72 1.44
C ASP C 58 -22.86 -33.45 1.84
N ALA C 59 -23.60 -32.35 1.98
CA ALA C 59 -23.04 -31.08 2.39
C ALA C 59 -22.48 -31.18 3.81
N GLU C 60 -23.19 -31.90 4.67
CA GLU C 60 -22.77 -32.11 6.05
C GLU C 60 -21.43 -32.84 6.10
N GLN C 61 -21.27 -33.82 5.21
CA GLN C 61 -20.05 -34.60 5.14
C GLN C 61 -18.88 -33.78 4.61
N ALA C 62 -19.12 -33.01 3.55
CA ALA C 62 -18.07 -32.21 2.92
C ALA C 62 -17.53 -31.10 3.83
N VAL C 63 -18.40 -30.53 4.65
CA VAL C 63 -17.98 -29.46 5.56
C VAL C 63 -16.99 -29.98 6.61
N LYS C 64 -17.32 -31.12 7.21
CA LYS C 64 -16.42 -31.76 8.17
C LYS C 64 -15.09 -32.13 7.49
N VAL C 65 -15.19 -32.64 6.27
CA VAL C 65 -14.01 -32.96 5.48
C VAL C 65 -13.17 -31.71 5.22
N ALA C 66 -13.82 -30.62 4.82
CA ALA C 66 -13.15 -29.35 4.58
C ALA C 66 -12.58 -28.76 5.87
N ARG C 67 -13.34 -28.86 6.96
CA ARG C 67 -12.90 -28.35 8.25
C ARG C 67 -11.66 -29.10 8.75
N ASN C 68 -11.70 -30.43 8.65
CA ASN C 68 -10.57 -31.26 9.07
C ASN C 68 -9.32 -30.99 8.23
N ALA C 69 -9.50 -30.78 6.93
CA ALA C 69 -8.39 -30.46 6.05
C ALA C 69 -7.77 -29.12 6.44
N PHE C 70 -8.62 -28.16 6.78
CA PHE C 70 -8.16 -26.84 7.20
C PHE C 70 -7.45 -26.88 8.55
N ASP C 71 -7.95 -27.70 9.47
CA ASP C 71 -7.36 -27.81 10.80
C ASP C 71 -6.02 -28.56 10.78
N SER C 72 -5.87 -29.49 9.84
CA SER C 72 -4.64 -30.26 9.71
C SER C 72 -3.49 -29.35 9.32
N GLY C 73 -3.77 -28.38 8.48
CA GLY C 73 -2.77 -27.40 8.06
C GLY C 73 -1.99 -27.85 6.85
N ALA C 74 -2.44 -28.91 6.20
CA ALA C 74 -1.76 -29.45 5.02
C ALA C 74 -1.71 -28.44 3.88
N TRP C 75 -2.68 -27.53 3.89
CA TRP C 75 -2.75 -26.48 2.87
C TRP C 75 -2.80 -25.11 3.54
N SER C 76 -3.56 -25.01 4.63
CA SER C 76 -3.78 -23.73 5.30
C SER C 76 -2.50 -23.19 5.95
N ARG C 77 -1.62 -24.09 6.35
CA ARG C 77 -0.37 -23.70 7.00
C ARG C 77 0.85 -24.07 6.16
N LEU C 78 0.63 -24.40 4.90
CA LEU C 78 1.73 -24.65 3.97
C LEU C 78 2.37 -23.32 3.59
N ALA C 79 3.68 -23.34 3.34
CA ALA C 79 4.40 -22.12 2.96
C ALA C 79 3.80 -21.47 1.72
N PRO C 80 3.66 -20.14 1.74
CA PRO C 80 3.07 -19.35 0.65
C PRO C 80 3.68 -19.65 -0.71
N ALA C 81 5.01 -19.78 -0.75
CA ALA C 81 5.71 -20.05 -2.00
C ALA C 81 5.39 -21.44 -2.54
N LYS C 82 5.10 -22.37 -1.63
CA LYS C 82 4.78 -23.74 -2.02
C LYS C 82 3.33 -23.85 -2.52
N ARG C 83 2.45 -23.07 -1.92
CA ARG C 83 1.07 -22.99 -2.39
C ARG C 83 1.05 -22.37 -3.79
N LYS C 84 1.94 -21.41 -4.00
CA LYS C 84 2.09 -20.77 -5.31
C LYS C 84 2.45 -21.82 -6.38
N GLN C 85 3.47 -22.61 -6.10
CA GLN C 85 3.96 -23.62 -7.03
C GLN C 85 2.88 -24.63 -7.40
N THR C 86 2.11 -25.05 -6.41
CA THR C 86 1.04 -26.01 -6.61
C THR C 86 -0.06 -25.40 -7.49
N MET C 87 -0.50 -24.20 -7.16
CA MET C 87 -1.54 -23.50 -7.92
C MET C 87 -1.14 -23.26 -9.38
N ILE C 88 0.14 -22.99 -9.59
CA ILE C 88 0.67 -22.81 -10.94
C ILE C 88 0.60 -24.15 -11.67
N ARG C 89 0.87 -25.23 -10.95
CA ARG C 89 0.77 -26.57 -11.52
C ARG C 89 -0.69 -26.89 -11.86
N PHE C 90 -1.60 -26.41 -11.01
CA PHE C 90 -3.03 -26.52 -11.26
C PHE C 90 -3.39 -25.79 -12.56
N ALA C 91 -2.87 -24.58 -12.70
CA ALA C 91 -3.14 -23.76 -13.89
C ALA C 91 -2.64 -24.46 -15.15
N ASP C 92 -1.44 -25.04 -15.07
CA ASP C 92 -0.86 -25.75 -16.20
C ASP C 92 -1.69 -26.95 -16.63
N LEU C 93 -2.28 -27.64 -15.65
CA LEU C 93 -3.07 -28.83 -15.93
C LEU C 93 -4.35 -28.49 -16.71
N LEU C 94 -4.88 -27.30 -16.50
CA LEU C 94 -6.04 -26.84 -17.25
C LEU C 94 -5.69 -26.63 -18.72
N LEU C 95 -4.45 -26.21 -18.97
CA LEU C 95 -4.00 -26.01 -20.34
C LEU C 95 -3.74 -27.34 -21.05
N GLU C 96 -3.27 -28.34 -20.30
CA GLU C 96 -3.00 -29.65 -20.86
C GLU C 96 -4.29 -30.38 -21.24
N ASN C 97 -5.34 -30.16 -20.45
CA ASN C 97 -6.65 -30.72 -20.73
C ASN C 97 -7.60 -29.67 -21.29
N ALA C 98 -7.04 -28.73 -22.05
CA ALA C 98 -7.80 -27.57 -22.53
C ALA C 98 -8.97 -27.96 -23.45
N GLU C 99 -8.69 -28.83 -24.41
CA GLU C 99 -9.69 -29.21 -25.41
C GLU C 99 -10.83 -30.03 -24.79
N GLU C 100 -10.51 -30.88 -23.83
CA GLU C 100 -11.54 -31.65 -23.12
C GLU C 100 -12.42 -30.73 -22.28
N LEU C 101 -11.80 -29.77 -21.59
CA LEU C 101 -12.54 -28.83 -20.77
C LEU C 101 -13.38 -27.89 -21.63
N ALA C 102 -12.87 -27.58 -22.81
CA ALA C 102 -13.60 -26.74 -23.76
C ALA C 102 -14.79 -27.49 -24.32
N LEU C 103 -14.59 -28.77 -24.60
CA LEU C 103 -15.64 -29.62 -25.15
C LEU C 103 -16.73 -29.86 -24.12
N LEU C 104 -16.32 -30.08 -22.86
CA LEU C 104 -17.27 -30.25 -21.78
C LEU C 104 -18.12 -29.01 -21.57
N GLU C 105 -17.47 -27.84 -21.63
CA GLU C 105 -18.14 -26.57 -21.43
C GLU C 105 -19.18 -26.30 -22.52
N THR C 106 -18.78 -26.54 -23.77
CA THR C 106 -19.65 -26.30 -24.92
C THR C 106 -20.89 -27.22 -24.90
N LEU C 107 -20.67 -28.50 -24.67
CA LEU C 107 -21.77 -29.46 -24.61
C LEU C 107 -22.69 -29.18 -23.43
N ASP C 108 -22.10 -28.76 -22.31
CA ASP C 108 -22.86 -28.58 -21.08
C ASP C 108 -23.86 -27.42 -21.14
N MET C 109 -23.41 -26.26 -21.63
CA MET C 109 -24.27 -25.06 -21.59
C MET C 109 -24.44 -24.33 -22.93
N GLY C 110 -23.74 -24.78 -23.98
CA GLY C 110 -24.07 -24.35 -25.32
C GLY C 110 -23.17 -23.36 -26.04
N LYS C 111 -22.25 -22.71 -25.31
CA LYS C 111 -21.40 -21.70 -25.92
C LYS C 111 -20.51 -22.29 -27.02
N PRO C 112 -20.16 -21.48 -28.02
CA PRO C 112 -19.32 -21.95 -29.13
C PRO C 112 -18.00 -22.53 -28.66
N ILE C 113 -17.51 -23.56 -29.36
CA ILE C 113 -16.30 -24.27 -28.95
C ILE C 113 -15.05 -23.37 -28.99
N SER C 114 -15.01 -22.45 -29.95
CA SER C 114 -13.88 -21.53 -30.06
C SER C 114 -13.82 -20.57 -28.88
N ASP C 115 -14.99 -20.22 -28.35
CA ASP C 115 -15.08 -19.39 -27.16
C ASP C 115 -14.62 -20.17 -25.93
N SER C 116 -15.03 -21.42 -25.83
CA SER C 116 -14.67 -22.28 -24.70
C SER C 116 -13.17 -22.51 -24.63
N LEU C 117 -12.55 -22.74 -25.78
CA LEU C 117 -11.14 -23.07 -25.84
C LEU C 117 -10.24 -21.83 -25.69
N HIS C 118 -10.43 -20.86 -26.56
CA HIS C 118 -9.53 -19.72 -26.66
C HIS C 118 -9.80 -18.61 -25.64
N ILE C 119 -11.00 -18.59 -25.06
CA ILE C 119 -11.32 -17.57 -24.09
C ILE C 119 -11.49 -18.15 -22.68
N ASP C 120 -12.46 -19.05 -22.52
CA ASP C 120 -12.80 -19.58 -21.20
C ASP C 120 -11.66 -20.35 -20.53
N VAL C 121 -11.17 -21.38 -21.19
CA VAL C 121 -10.11 -22.21 -20.61
C VAL C 121 -8.83 -21.40 -20.41
N ALA C 122 -8.51 -20.57 -21.38
CA ALA C 122 -7.32 -19.72 -21.31
C ALA C 122 -7.39 -18.74 -20.14
N SER C 123 -8.54 -18.07 -19.99
CA SER C 123 -8.72 -17.09 -18.93
C SER C 123 -8.77 -17.74 -17.55
N ALA C 124 -9.34 -18.94 -17.49
CA ALA C 124 -9.45 -19.66 -16.23
C ALA C 124 -8.08 -20.06 -15.72
N ALA C 125 -7.25 -20.59 -16.62
CA ALA C 125 -5.89 -20.96 -16.28
C ALA C 125 -5.08 -19.74 -15.86
N ASN C 126 -5.26 -18.64 -16.60
CA ASN C 126 -4.62 -17.38 -16.28
C ASN C 126 -5.07 -16.86 -14.92
N SER C 127 -6.34 -17.03 -14.62
CA SER C 127 -6.90 -16.57 -13.35
C SER C 127 -6.25 -17.30 -12.18
N LEU C 128 -6.02 -18.59 -12.35
CA LEU C 128 -5.38 -19.40 -11.32
C LEU C 128 -3.91 -19.04 -11.17
N ARG C 129 -3.23 -18.90 -12.30
CA ARG C 129 -1.80 -18.59 -12.30
C ARG C 129 -1.53 -17.22 -11.70
N TRP C 130 -2.36 -16.25 -12.06
CA TRP C 130 -2.19 -14.89 -11.58
C TRP C 130 -2.36 -14.81 -10.07
N SER C 131 -3.41 -15.46 -9.56
CA SER C 131 -3.65 -15.48 -8.12
C SER C 131 -2.53 -16.20 -7.39
N ALA C 132 -1.98 -17.24 -8.03
CA ALA C 132 -0.85 -17.99 -7.49
C ALA C 132 0.37 -17.09 -7.37
N GLU C 133 0.69 -16.38 -8.45
CA GLU C 133 1.83 -15.48 -8.49
C GLU C 133 1.71 -14.36 -7.46
N ALA C 134 0.48 -14.07 -7.04
CA ALA C 134 0.22 -12.94 -6.16
C ALA C 134 0.38 -13.27 -4.68
N ILE C 135 0.41 -14.56 -4.35
CA ILE C 135 0.40 -15.02 -2.97
C ILE C 135 1.52 -14.42 -2.11
N ASP C 136 2.76 -14.54 -2.57
CA ASP C 136 3.89 -14.07 -1.76
C ASP C 136 4.33 -12.65 -2.12
N LYS C 137 3.46 -11.92 -2.82
CA LYS C 137 3.74 -10.53 -3.21
C LYS C 137 2.89 -9.57 -2.39
N ILE C 138 1.96 -10.12 -1.62
CA ILE C 138 1.09 -9.33 -0.76
C ILE C 138 1.71 -9.17 0.62
N TYR C 139 1.72 -7.94 1.13
CA TYR C 139 2.29 -7.65 2.44
C TYR C 139 1.21 -7.17 3.40
N ASP C 140 1.28 -7.64 4.64
CA ASP C 140 0.38 -7.16 5.68
C ASP C 140 0.96 -5.87 6.29
N GLU C 141 0.44 -5.48 7.45
CA GLU C 141 0.73 -4.15 7.97
C GLU C 141 1.36 -4.13 9.36
N VAL C 142 2.18 -3.11 9.60
CA VAL C 142 2.69 -2.79 10.93
C VAL C 142 2.35 -1.33 11.25
N ALA C 143 1.52 -1.12 12.26
CA ALA C 143 1.05 0.21 12.60
C ALA C 143 2.12 1.08 13.26
N ALA C 144 1.97 2.39 13.12
CA ALA C 144 2.83 3.34 13.81
C ALA C 144 2.44 3.39 15.28
N THR C 145 3.28 2.81 16.13
CA THR C 145 2.96 2.68 17.55
C THR C 145 4.06 3.30 18.41
N PRO C 146 3.79 3.51 19.71
CA PRO C 146 4.87 3.92 20.62
C PRO C 146 6.02 2.92 20.61
N HIS C 147 7.22 3.39 20.98
CA HIS C 147 8.43 2.59 20.85
C HIS C 147 8.41 1.27 21.63
N ALA C 148 7.66 1.24 22.74
CA ALA C 148 7.61 0.06 23.58
C ALA C 148 6.43 -0.85 23.22
N GLU C 149 6.05 -0.85 21.95
CA GLU C 149 4.89 -1.62 21.51
C GLU C 149 4.98 -2.00 20.04
N LEU C 150 4.47 -3.20 19.72
CA LEU C 150 4.44 -3.66 18.34
C LEU C 150 3.00 -3.95 17.90
N GLY C 151 2.53 -3.23 16.89
CA GLY C 151 1.17 -3.40 16.41
C GLY C 151 1.11 -4.08 15.05
N LEU C 152 0.82 -5.38 15.06
CA LEU C 152 0.74 -6.15 13.83
C LEU C 152 -0.69 -6.21 13.31
N VAL C 153 -0.85 -6.01 12.00
CA VAL C 153 -2.15 -6.16 11.35
C VAL C 153 -2.02 -7.16 10.20
N THR C 154 -2.51 -8.38 10.41
CA THR C 154 -2.31 -9.46 9.46
C THR C 154 -3.62 -10.08 8.97
N ARG C 155 -3.51 -10.94 7.98
CA ARG C 155 -4.67 -11.62 7.41
C ARG C 155 -4.53 -13.14 7.47
N GLU C 156 -5.63 -13.80 7.81
CA GLU C 156 -5.66 -15.25 7.94
C GLU C 156 -6.83 -15.82 7.16
N PRO C 157 -6.70 -17.04 6.64
CA PRO C 157 -7.81 -17.68 5.92
C PRO C 157 -9.01 -17.89 6.85
N VAL C 158 -10.21 -17.71 6.33
CA VAL C 158 -11.43 -17.82 7.13
C VAL C 158 -11.71 -19.25 7.58
N GLY C 159 -11.39 -20.22 6.73
CA GLY C 159 -11.57 -21.62 7.05
C GLY C 159 -12.23 -22.41 5.94
N VAL C 160 -13.53 -22.66 6.10
CA VAL C 160 -14.30 -23.36 5.09
C VAL C 160 -15.05 -22.35 4.24
N VAL C 161 -14.90 -22.45 2.93
CA VAL C 161 -15.52 -21.51 2.00
C VAL C 161 -16.44 -22.23 1.03
N ALA C 162 -17.71 -21.82 1.01
CA ALA C 162 -18.68 -22.39 0.09
C ALA C 162 -18.77 -21.53 -1.17
N ALA C 163 -18.81 -22.16 -2.33
CA ALA C 163 -18.84 -21.43 -3.60
C ALA C 163 -19.96 -21.90 -4.52
N ILE C 164 -20.95 -21.03 -4.72
CA ILE C 164 -22.03 -21.29 -5.65
C ILE C 164 -21.78 -20.57 -6.98
N VAL C 165 -21.60 -21.36 -8.03
CA VAL C 165 -21.11 -20.86 -9.32
C VAL C 165 -22.20 -20.89 -10.40
N PRO C 166 -22.34 -19.80 -11.16
CA PRO C 166 -23.34 -19.70 -12.24
C PRO C 166 -23.04 -20.62 -13.42
N TRP C 167 -23.91 -20.57 -14.43
CA TRP C 167 -23.82 -21.47 -15.57
C TRP C 167 -23.33 -20.81 -16.86
N ASN C 168 -23.29 -19.49 -16.88
CA ASN C 168 -22.89 -18.76 -18.08
C ASN C 168 -21.40 -18.86 -18.38
N PHE C 169 -20.59 -18.88 -17.32
CA PHE C 169 -19.15 -19.13 -17.44
C PHE C 169 -18.72 -20.10 -16.35
N PRO C 170 -19.08 -21.37 -16.49
CA PRO C 170 -18.87 -22.39 -15.45
C PRO C 170 -17.41 -22.51 -14.99
N LEU C 171 -16.49 -22.64 -15.93
CA LEU C 171 -15.08 -22.82 -15.61
C LEU C 171 -14.45 -21.54 -15.09
N LEU C 172 -14.65 -20.45 -15.83
CA LEU C 172 -14.05 -19.16 -15.51
C LEU C 172 -14.51 -18.60 -14.16
N MET C 173 -15.81 -18.68 -13.89
CA MET C 173 -16.34 -18.15 -12.63
C MET C 173 -15.89 -19.00 -11.46
N SER C 174 -15.69 -20.29 -11.71
CA SER C 174 -15.18 -21.20 -10.69
C SER C 174 -13.75 -20.83 -10.31
N CYS C 175 -12.94 -20.51 -11.32
CA CYS C 175 -11.55 -20.15 -11.09
C CYS C 175 -11.39 -18.75 -10.51
N TRP C 176 -12.32 -17.85 -10.81
CA TRP C 176 -12.32 -16.53 -10.19
C TRP C 176 -12.51 -16.66 -8.69
N LYS C 177 -13.22 -17.70 -8.27
CA LYS C 177 -13.42 -17.98 -6.85
C LYS C 177 -12.29 -18.85 -6.32
N LEU C 178 -12.03 -19.97 -7.00
CA LEU C 178 -11.00 -20.93 -6.58
C LEU C 178 -9.62 -20.30 -6.42
N GLY C 179 -9.25 -19.44 -7.37
CA GLY C 179 -7.96 -18.78 -7.36
C GLY C 179 -7.59 -18.15 -6.02
N PRO C 180 -8.26 -17.06 -5.65
CA PRO C 180 -7.98 -16.36 -4.39
C PRO C 180 -8.34 -17.18 -3.15
N ALA C 181 -9.38 -18.01 -3.24
CA ALA C 181 -9.81 -18.79 -2.09
C ALA C 181 -8.78 -19.85 -1.70
N LEU C 182 -8.25 -20.55 -2.70
CA LEU C 182 -7.22 -21.56 -2.46
C LEU C 182 -5.87 -20.92 -2.15
N ALA C 183 -5.58 -19.79 -2.80
CA ALA C 183 -4.31 -19.10 -2.60
C ALA C 183 -4.15 -18.65 -1.16
N THR C 184 -5.25 -18.20 -0.55
CA THR C 184 -5.21 -17.76 0.84
C THR C 184 -5.13 -18.93 1.83
N GLY C 185 -5.36 -20.13 1.34
CA GLY C 185 -5.20 -21.32 2.15
C GLY C 185 -6.48 -21.90 2.73
N ASN C 186 -7.62 -21.47 2.19
CA ASN C 186 -8.91 -21.96 2.68
C ASN C 186 -9.29 -23.31 2.07
N SER C 187 -10.21 -24.01 2.73
CA SER C 187 -10.80 -25.21 2.16
C SER C 187 -12.08 -24.81 1.42
N VAL C 188 -12.23 -25.31 0.20
CA VAL C 188 -13.32 -24.87 -0.66
C VAL C 188 -14.30 -25.98 -1.00
N ILE C 189 -15.59 -25.69 -0.86
CA ILE C 189 -16.65 -26.58 -1.31
C ILE C 189 -17.41 -25.92 -2.45
N LEU C 190 -17.18 -26.41 -3.67
CA LEU C 190 -17.77 -25.80 -4.85
C LEU C 190 -19.11 -26.46 -5.19
N LYS C 191 -20.12 -25.63 -5.42
CA LYS C 191 -21.42 -26.12 -5.86
C LYS C 191 -21.75 -25.49 -7.20
N PRO C 192 -21.55 -26.24 -8.29
CA PRO C 192 -21.81 -25.76 -9.64
C PRO C 192 -23.30 -25.70 -9.94
N SER C 193 -23.67 -24.93 -10.95
CA SER C 193 -25.07 -24.84 -11.37
C SER C 193 -25.55 -26.18 -11.91
N GLU C 194 -26.80 -26.51 -11.66
CA GLU C 194 -27.36 -27.78 -12.15
C GLU C 194 -27.48 -27.75 -13.68
N LYS C 195 -27.39 -26.56 -14.25
CA LYS C 195 -27.43 -26.39 -15.70
C LYS C 195 -26.06 -26.65 -16.33
N SER C 196 -25.02 -26.70 -15.51
CA SER C 196 -23.67 -26.93 -16.02
C SER C 196 -22.69 -27.35 -14.91
N PRO C 197 -22.70 -28.65 -14.56
CA PRO C 197 -21.85 -29.14 -13.47
C PRO C 197 -20.55 -29.80 -13.92
N LEU C 198 -20.41 -30.07 -15.21
CA LEU C 198 -19.33 -30.94 -15.70
C LEU C 198 -17.90 -30.46 -15.46
N THR C 199 -17.59 -29.22 -15.84
CA THR C 199 -16.22 -28.72 -15.72
C THR C 199 -15.77 -28.61 -14.27
N ALA C 200 -16.69 -28.32 -13.37
CA ALA C 200 -16.37 -28.25 -11.94
C ALA C 200 -16.00 -29.63 -11.40
N ILE C 201 -16.70 -30.65 -11.90
CA ILE C 201 -16.43 -32.03 -11.52
C ILE C 201 -15.05 -32.45 -12.02
N ARG C 202 -14.75 -32.10 -13.27
CA ARG C 202 -13.50 -32.50 -13.91
C ARG C 202 -12.25 -31.90 -13.25
N ILE C 203 -12.26 -30.58 -13.00
CA ILE C 203 -11.09 -29.89 -12.49
C ILE C 203 -10.75 -30.28 -11.05
N ALA C 204 -11.70 -30.87 -10.35
CA ALA C 204 -11.48 -31.33 -8.98
C ALA C 204 -10.43 -32.43 -8.96
N GLN C 205 -10.41 -33.23 -10.03
CA GLN C 205 -9.42 -34.28 -10.19
C GLN C 205 -8.07 -33.67 -10.54
N LEU C 206 -8.09 -32.62 -11.35
CA LEU C 206 -6.85 -31.97 -11.78
C LEU C 206 -6.16 -31.26 -10.62
N ALA C 207 -6.94 -30.74 -9.68
CA ALA C 207 -6.39 -30.06 -8.52
C ALA C 207 -5.53 -31.00 -7.67
N VAL C 208 -6.06 -32.17 -7.35
CA VAL C 208 -5.31 -33.13 -6.53
C VAL C 208 -4.13 -33.72 -7.30
N GLU C 209 -4.24 -33.75 -8.63
CA GLU C 209 -3.12 -34.16 -9.47
C GLU C 209 -2.01 -33.11 -9.43
N ALA C 210 -2.41 -31.87 -9.18
CA ALA C 210 -1.46 -30.76 -9.13
C ALA C 210 -0.76 -30.67 -7.78
N GLY C 211 -1.41 -31.19 -6.74
CA GLY C 211 -0.81 -31.21 -5.42
C GLY C 211 -1.70 -30.67 -4.31
N ILE C 212 -2.92 -30.28 -4.67
CA ILE C 212 -3.88 -29.84 -3.67
C ILE C 212 -4.26 -31.02 -2.78
N PRO C 213 -3.98 -30.92 -1.47
CA PRO C 213 -4.26 -31.99 -0.52
C PRO C 213 -5.73 -32.38 -0.51
N LYS C 214 -6.01 -33.63 -0.11
CA LYS C 214 -7.37 -34.15 -0.08
C LYS C 214 -8.24 -33.35 0.90
N GLY C 215 -9.46 -33.05 0.46
CA GLY C 215 -10.42 -32.35 1.30
C GLY C 215 -10.36 -30.84 1.21
N VAL C 216 -9.32 -30.33 0.56
CA VAL C 216 -9.14 -28.88 0.42
C VAL C 216 -10.07 -28.30 -0.64
N PHE C 217 -10.25 -29.04 -1.73
CA PHE C 217 -11.16 -28.62 -2.79
C PHE C 217 -12.19 -29.71 -3.12
N ASN C 218 -13.43 -29.48 -2.72
CA ASN C 218 -14.52 -30.44 -2.94
C ASN C 218 -15.62 -29.88 -3.84
N VAL C 219 -16.22 -30.76 -4.64
CA VAL C 219 -17.29 -30.36 -5.56
C VAL C 219 -18.57 -31.14 -5.31
N LEU C 220 -19.66 -30.43 -5.05
CA LEU C 220 -20.96 -31.07 -4.81
C LEU C 220 -22.02 -30.59 -5.80
N PRO C 221 -22.24 -31.35 -6.88
CA PRO C 221 -23.30 -31.05 -7.83
C PRO C 221 -24.68 -31.20 -7.19
N GLY C 222 -25.70 -30.56 -7.74
CA GLY C 222 -27.04 -30.66 -7.20
C GLY C 222 -27.87 -29.42 -7.46
N TYR C 223 -28.92 -29.24 -6.65
CA TYR C 223 -29.81 -28.09 -6.80
C TYR C 223 -29.57 -27.05 -5.72
N GLY C 224 -29.90 -25.80 -6.04
CA GLY C 224 -29.68 -24.70 -5.11
C GLY C 224 -30.49 -24.82 -3.83
N HIS C 225 -31.74 -25.24 -3.95
CA HIS C 225 -32.63 -25.32 -2.79
C HIS C 225 -32.33 -26.54 -1.91
N THR C 226 -31.45 -27.41 -2.38
CA THR C 226 -31.04 -28.58 -1.59
C THR C 226 -29.63 -28.40 -1.02
N VAL C 227 -28.62 -28.68 -1.85
CA VAL C 227 -27.24 -28.58 -1.39
C VAL C 227 -26.78 -27.14 -1.20
N GLY C 228 -27.21 -26.25 -2.10
CA GLY C 228 -26.88 -24.84 -2.00
C GLY C 228 -27.47 -24.22 -0.74
N LYS C 229 -28.73 -24.56 -0.46
CA LYS C 229 -29.41 -24.08 0.74
C LYS C 229 -28.74 -24.60 2.00
N ALA C 230 -28.27 -25.85 1.93
CA ALA C 230 -27.65 -26.50 3.07
C ALA C 230 -26.32 -25.85 3.43
N LEU C 231 -25.53 -25.51 2.40
CA LEU C 231 -24.26 -24.84 2.61
C LEU C 231 -24.47 -23.42 3.16
N ALA C 232 -25.55 -22.78 2.72
CA ALA C 232 -25.87 -21.43 3.13
C ALA C 232 -26.37 -21.37 4.57
N LEU C 233 -26.86 -22.51 5.07
CA LEU C 233 -27.44 -22.58 6.40
C LEU C 233 -26.53 -23.32 7.40
N HIS C 234 -25.41 -23.84 6.89
CA HIS C 234 -24.51 -24.60 7.74
C HIS C 234 -23.79 -23.71 8.75
N MET C 235 -23.74 -24.15 10.00
CA MET C 235 -23.17 -23.36 11.09
C MET C 235 -21.65 -23.40 11.11
N ASP C 236 -21.05 -24.22 10.28
CA ASP C 236 -19.59 -24.35 10.27
C ASP C 236 -18.94 -23.83 8.99
N VAL C 237 -19.76 -23.27 8.10
CA VAL C 237 -19.24 -22.63 6.90
C VAL C 237 -18.96 -21.16 7.20
N ASP C 238 -17.73 -20.74 6.99
CA ASP C 238 -17.30 -19.39 7.38
C ASP C 238 -17.70 -18.32 6.38
N THR C 239 -17.65 -18.65 5.09
CA THR C 239 -17.89 -17.67 4.04
C THR C 239 -18.61 -18.29 2.85
N LEU C 240 -19.50 -17.52 2.25
CA LEU C 240 -20.22 -17.94 1.05
C LEU C 240 -20.00 -16.93 -0.06
N VAL C 241 -19.60 -17.43 -1.22
CA VAL C 241 -19.47 -16.58 -2.40
C VAL C 241 -20.46 -17.05 -3.47
N PHE C 242 -20.98 -16.12 -4.25
CA PHE C 242 -22.06 -16.44 -5.19
C PHE C 242 -22.11 -15.49 -6.37
N THR C 243 -22.51 -16.03 -7.51
CA THR C 243 -22.78 -15.23 -8.69
C THR C 243 -24.03 -15.76 -9.38
N GLY C 244 -25.05 -14.93 -9.48
CA GLY C 244 -26.30 -15.35 -10.11
C GLY C 244 -27.36 -14.26 -10.12
N SER C 245 -28.59 -14.67 -9.80
CA SER C 245 -29.72 -13.76 -9.83
C SER C 245 -29.87 -12.99 -8.53
N THR C 246 -30.52 -11.83 -8.61
CA THR C 246 -30.76 -10.98 -7.44
C THR C 246 -31.64 -11.68 -6.42
N LYS C 247 -32.67 -12.38 -6.90
CA LYS C 247 -33.60 -13.07 -6.01
C LYS C 247 -32.90 -14.11 -5.14
N ILE C 248 -32.09 -14.96 -5.78
CA ILE C 248 -31.34 -15.99 -5.06
C ILE C 248 -30.30 -15.37 -4.12
N ALA C 249 -29.60 -14.36 -4.62
CA ALA C 249 -28.58 -13.66 -3.84
C ALA C 249 -29.18 -13.07 -2.57
N LYS C 250 -30.34 -12.45 -2.70
CA LYS C 250 -31.04 -11.88 -1.55
C LYS C 250 -31.45 -12.98 -0.57
N GLN C 251 -31.85 -14.13 -1.12
CA GLN C 251 -32.27 -15.27 -0.30
C GLN C 251 -31.10 -15.88 0.48
N LEU C 252 -29.92 -15.88 -0.14
CA LEU C 252 -28.73 -16.41 0.49
C LEU C 252 -28.31 -15.57 1.71
N MET C 253 -28.53 -14.26 1.62
CA MET C 253 -28.18 -13.36 2.71
C MET C 253 -29.07 -13.61 3.93
N VAL C 254 -30.33 -13.98 3.66
CA VAL C 254 -31.26 -14.33 4.73
C VAL C 254 -30.83 -15.61 5.42
N TYR C 255 -30.39 -16.58 4.63
CA TYR C 255 -29.90 -17.85 5.16
C TYR C 255 -28.74 -17.64 6.14
N ALA C 256 -27.90 -16.66 5.87
CA ALA C 256 -26.77 -16.34 6.72
C ALA C 256 -27.23 -15.74 8.03
N GLY C 257 -28.22 -14.85 7.96
CA GLY C 257 -28.78 -14.22 9.15
C GLY C 257 -29.53 -15.22 10.00
N GLU C 258 -30.08 -16.24 9.35
CA GLU C 258 -30.79 -17.30 10.06
C GLU C 258 -29.83 -18.30 10.68
N SER C 259 -28.66 -18.46 10.07
CA SER C 259 -27.69 -19.45 10.54
C SER C 259 -26.61 -18.85 11.45
N ASN C 260 -25.37 -18.85 10.96
CA ASN C 260 -24.22 -18.49 11.79
C ASN C 260 -23.63 -17.13 11.48
N MET C 261 -24.41 -16.28 10.80
CA MET C 261 -23.98 -14.93 10.44
C MET C 261 -22.73 -14.98 9.54
N LYS C 262 -22.66 -15.99 8.68
CA LYS C 262 -21.49 -16.19 7.82
C LYS C 262 -21.32 -15.03 6.85
N ARG C 263 -20.07 -14.77 6.46
CA ARG C 263 -19.76 -13.72 5.50
C ARG C 263 -20.31 -14.08 4.13
N VAL C 264 -21.04 -13.16 3.52
CA VAL C 264 -21.63 -13.40 2.21
C VAL C 264 -21.15 -12.40 1.18
N TRP C 265 -20.67 -12.91 0.05
CA TRP C 265 -20.20 -12.06 -1.04
C TRP C 265 -20.94 -12.43 -2.31
N LEU C 266 -21.79 -11.52 -2.77
CA LEU C 266 -22.68 -11.82 -3.89
C LEU C 266 -22.40 -10.95 -5.10
N GLU C 267 -22.61 -11.52 -6.28
N GLU C 267 -22.60 -11.52 -6.28
CA GLU C 267 -22.52 -10.77 -7.53
CA GLU C 267 -22.54 -10.78 -7.53
C GLU C 267 -23.75 -11.06 -8.38
C GLU C 267 -23.80 -11.09 -8.32
N ALA C 268 -24.70 -10.13 -8.38
CA ALA C 268 -25.99 -10.32 -9.05
C ALA C 268 -25.94 -9.93 -10.54
N GLY C 269 -27.12 -9.63 -11.08
CA GLY C 269 -27.23 -9.28 -12.48
C GLY C 269 -26.89 -7.83 -12.75
N GLY C 270 -27.20 -7.37 -13.96
CA GLY C 270 -26.95 -6.00 -14.34
C GLY C 270 -27.67 -5.57 -15.61
N LYS C 271 -27.87 -4.27 -15.75
CA LYS C 271 -28.42 -3.69 -16.96
C LYS C 271 -27.47 -2.61 -17.45
N SER C 272 -26.29 -3.04 -17.89
CA SER C 272 -25.19 -2.13 -18.19
C SER C 272 -25.46 -1.20 -19.36
N PRO C 273 -25.33 0.11 -19.12
CA PRO C 273 -25.51 1.12 -20.17
C PRO C 273 -24.24 1.35 -20.97
N ASN C 274 -24.36 1.31 -22.29
CA ASN C 274 -23.23 1.55 -23.19
C ASN C 274 -23.41 2.89 -23.88
N ILE C 275 -22.75 3.91 -23.34
CA ILE C 275 -22.96 5.29 -23.78
C ILE C 275 -22.04 5.70 -24.92
N VAL C 276 -22.63 6.03 -26.07
CA VAL C 276 -21.86 6.48 -27.22
C VAL C 276 -22.14 7.95 -27.53
N PHE C 277 -21.12 8.79 -27.36
CA PHE C 277 -21.24 10.21 -27.66
C PHE C 277 -20.94 10.50 -29.12
N ALA C 278 -21.21 11.73 -29.54
CA ALA C 278 -20.99 12.16 -30.91
C ALA C 278 -19.51 12.21 -31.26
N ASP C 279 -18.70 12.65 -30.31
CA ASP C 279 -17.27 12.84 -30.54
C ASP C 279 -16.45 11.60 -30.22
N ALA C 280 -17.05 10.42 -30.37
CA ALA C 280 -16.33 9.17 -30.20
C ALA C 280 -15.20 9.09 -31.23
N PRO C 281 -14.04 8.55 -30.83
CA PRO C 281 -12.86 8.45 -31.69
C PRO C 281 -13.16 7.71 -33.00
N ASP C 282 -13.98 6.67 -32.92
CA ASP C 282 -14.31 5.86 -34.08
C ASP C 282 -15.71 5.25 -33.94
N LEU C 283 -16.67 5.79 -34.68
CA LEU C 283 -18.05 5.34 -34.61
C LEU C 283 -18.21 3.90 -35.09
N LYS C 284 -17.44 3.53 -36.11
CA LYS C 284 -17.45 2.17 -36.64
C LYS C 284 -17.02 1.17 -35.57
N ALA C 285 -15.91 1.45 -34.91
CA ALA C 285 -15.40 0.57 -33.86
C ALA C 285 -16.38 0.47 -32.70
N ALA C 286 -17.03 1.59 -32.38
CA ALA C 286 -18.02 1.61 -31.31
C ALA C 286 -19.24 0.78 -31.70
N ALA C 287 -19.54 0.76 -32.99
CA ALA C 287 -20.66 -0.02 -33.51
C ALA C 287 -20.37 -1.51 -33.40
N GLU C 288 -19.13 -1.88 -33.71
CA GLU C 288 -18.70 -3.27 -33.58
C GLU C 288 -18.76 -3.73 -32.13
N ALA C 289 -18.27 -2.87 -31.24
CA ALA C 289 -18.28 -3.17 -29.81
C ALA C 289 -19.69 -3.22 -29.26
N ALA C 290 -20.58 -2.38 -29.79
CA ALA C 290 -21.97 -2.36 -29.35
C ALA C 290 -22.69 -3.66 -29.74
N ALA C 291 -22.37 -4.17 -30.93
CA ALA C 291 -22.94 -5.43 -31.38
C ALA C 291 -22.40 -6.59 -30.55
N GLY C 292 -21.09 -6.57 -30.32
CA GLY C 292 -20.45 -7.62 -29.56
C GLY C 292 -20.86 -7.64 -28.09
N ALA C 293 -21.23 -6.47 -27.56
CA ALA C 293 -21.60 -6.35 -26.16
C ALA C 293 -22.93 -7.02 -25.82
N ILE C 294 -23.66 -7.45 -26.85
CA ILE C 294 -24.96 -8.08 -26.64
C ILE C 294 -25.01 -9.48 -27.26
N ALA C 295 -24.15 -9.74 -28.24
CA ALA C 295 -24.17 -11.01 -28.94
C ALA C 295 -23.22 -12.05 -28.35
N PHE C 296 -22.12 -11.59 -27.78
CA PHE C 296 -21.12 -12.49 -27.21
C PHE C 296 -21.69 -13.34 -26.09
N ASN C 297 -21.43 -14.65 -26.15
CA ASN C 297 -21.97 -15.62 -25.21
C ASN C 297 -23.49 -15.57 -25.10
N GLN C 298 -24.13 -15.38 -26.26
CA GLN C 298 -25.59 -15.40 -26.38
C GLN C 298 -26.30 -14.39 -25.49
N GLY C 299 -25.61 -13.31 -25.14
CA GLY C 299 -26.18 -12.29 -24.27
C GLY C 299 -26.36 -12.76 -22.83
N GLU C 300 -25.92 -13.98 -22.56
CA GLU C 300 -26.01 -14.54 -21.21
C GLU C 300 -24.82 -14.05 -20.40
N VAL C 301 -24.69 -12.74 -20.33
CA VAL C 301 -23.54 -12.10 -19.74
C VAL C 301 -24.00 -11.01 -18.77
N THR C 303 -22.44 -8.41 -17.58
CA THR C 303 -22.07 -7.07 -18.02
C THR C 303 -22.34 -6.87 -19.51
N ALA C 304 -23.35 -7.55 -20.02
CA ALA C 304 -23.73 -7.38 -21.42
C ALA C 304 -24.26 -5.96 -21.62
N GLY C 305 -23.91 -5.36 -22.75
CA GLY C 305 -24.38 -4.03 -23.08
C GLY C 305 -25.82 -4.08 -23.56
N SER C 306 -26.75 -4.27 -22.64
CA SER C 306 -28.15 -4.44 -22.98
C SER C 306 -28.85 -3.10 -23.24
N ARG C 307 -28.27 -2.02 -22.71
CA ARG C 307 -28.78 -0.68 -22.97
C ARG C 307 -27.77 0.15 -23.75
N LEU C 308 -28.00 0.30 -25.06
CA LEU C 308 -27.16 1.15 -25.88
C LEU C 308 -27.66 2.59 -25.86
N LEU C 309 -26.89 3.46 -25.20
CA LEU C 309 -27.25 4.87 -25.09
C LEU C 309 -26.54 5.71 -26.14
N VAL C 310 -27.31 6.20 -27.11
CA VAL C 310 -26.74 6.97 -28.22
C VAL C 310 -27.18 8.42 -28.16
N GLU C 311 -26.22 9.33 -28.40
CA GLU C 311 -26.55 10.75 -28.49
C GLU C 311 -27.42 10.99 -29.71
N ARG C 312 -28.41 11.87 -29.57
CA ARG C 312 -29.41 12.10 -30.60
C ARG C 312 -28.85 12.57 -31.94
N SER C 313 -27.80 13.39 -31.88
CA SER C 313 -27.23 13.99 -33.09
C SER C 313 -26.56 12.99 -34.04
N ILE C 314 -26.21 11.82 -33.52
CA ILE C 314 -25.57 10.79 -34.34
C ILE C 314 -26.38 9.50 -34.41
N LYS C 315 -27.57 9.51 -33.84
CA LYS C 315 -28.37 8.30 -33.74
C LYS C 315 -28.75 7.72 -35.10
N ASP C 316 -29.05 8.59 -36.07
CA ASP C 316 -29.48 8.14 -37.38
C ASP C 316 -28.36 7.48 -38.19
N LYS C 317 -27.11 7.81 -37.85
CA LYS C 317 -25.96 7.26 -38.56
C LYS C 317 -25.37 6.06 -37.83
N PHE C 318 -25.44 6.09 -36.50
CA PHE C 318 -24.82 5.07 -35.68
C PHE C 318 -25.68 3.80 -35.59
N LEU C 319 -26.99 3.97 -35.58
CA LEU C 319 -27.92 2.84 -35.51
C LEU C 319 -27.76 1.81 -36.63
N PRO C 320 -27.69 2.25 -37.91
CA PRO C 320 -27.47 1.27 -38.98
C PRO C 320 -26.15 0.52 -38.85
N LEU C 321 -25.12 1.20 -38.37
CA LEU C 321 -23.80 0.60 -38.19
C LEU C 321 -23.86 -0.56 -37.20
N VAL C 322 -24.65 -0.40 -36.14
CA VAL C 322 -24.82 -1.44 -35.14
C VAL C 322 -25.58 -2.63 -35.71
N ILE C 323 -26.61 -2.35 -36.49
CA ILE C 323 -27.39 -3.39 -37.16
C ILE C 323 -26.52 -4.18 -38.13
N GLU C 324 -25.74 -3.46 -38.94
CA GLU C 324 -24.84 -4.10 -39.90
C GLU C 324 -23.78 -4.95 -39.18
N ALA C 325 -23.30 -4.46 -38.05
CA ALA C 325 -22.28 -5.17 -37.28
C ALA C 325 -22.85 -6.43 -36.62
N LEU C 326 -24.13 -6.36 -36.25
CA LEU C 326 -24.78 -7.48 -35.58
C LEU C 326 -24.97 -8.66 -36.54
N LYS C 327 -24.95 -8.37 -37.84
CA LYS C 327 -25.05 -9.41 -38.86
C LYS C 327 -23.89 -10.39 -38.78
N GLY C 328 -22.76 -9.93 -38.26
CA GLY C 328 -21.57 -10.75 -38.15
C GLY C 328 -21.70 -11.86 -37.12
N TRP C 329 -22.69 -11.73 -36.24
CA TRP C 329 -22.90 -12.72 -35.19
C TRP C 329 -24.06 -13.65 -35.52
N LYS C 330 -23.74 -14.77 -36.18
CA LYS C 330 -24.74 -15.76 -36.56
C LYS C 330 -24.84 -16.91 -35.57
N PRO C 331 -26.05 -17.19 -35.08
CA PRO C 331 -26.30 -18.39 -34.26
C PRO C 331 -26.11 -19.65 -35.09
N GLY C 332 -25.25 -20.55 -34.64
CA GLY C 332 -24.97 -21.76 -35.39
C GLY C 332 -24.54 -22.93 -34.52
N ASN C 333 -23.97 -23.95 -35.17
CA ASN C 333 -23.49 -25.14 -34.49
C ASN C 333 -22.29 -24.83 -33.60
N PRO C 334 -22.47 -24.94 -32.27
CA PRO C 334 -21.43 -24.61 -31.29
C PRO C 334 -20.16 -25.44 -31.44
N LEU C 335 -20.28 -26.62 -32.03
CA LEU C 335 -19.12 -27.49 -32.26
C LEU C 335 -18.37 -27.12 -33.54
N ASP C 336 -18.84 -26.10 -34.24
CA ASP C 336 -18.14 -25.57 -35.39
C ASP C 336 -17.27 -24.40 -34.93
N PRO C 337 -15.96 -24.47 -35.20
CA PRO C 337 -14.98 -23.45 -34.81
C PRO C 337 -15.33 -22.04 -35.28
N GLU C 338 -16.05 -21.93 -36.38
CA GLU C 338 -16.37 -20.62 -36.95
C GLU C 338 -17.57 -19.97 -36.28
N THR C 339 -18.36 -20.76 -35.56
CA THR C 339 -19.54 -20.25 -34.88
C THR C 339 -19.16 -19.28 -33.76
N ASN C 340 -19.78 -18.10 -33.77
CA ASN C 340 -19.51 -17.10 -32.75
C ASN C 340 -20.69 -16.87 -31.81
N VAL C 341 -21.84 -17.46 -32.14
CA VAL C 341 -23.01 -17.42 -31.27
C VAL C 341 -23.58 -18.82 -31.09
N GLY C 342 -23.54 -19.31 -29.86
CA GLY C 342 -23.98 -20.66 -29.56
C GLY C 342 -25.44 -20.74 -29.13
N ALA C 343 -25.77 -21.79 -28.38
CA ALA C 343 -27.14 -22.00 -27.92
C ALA C 343 -27.36 -21.36 -26.56
N LEU C 344 -28.62 -21.27 -26.16
CA LEU C 344 -28.97 -20.84 -24.82
C LEU C 344 -28.94 -22.06 -23.91
N VAL C 345 -28.74 -21.83 -22.62
CA VAL C 345 -28.47 -22.93 -21.69
C VAL C 345 -29.55 -24.01 -21.64
N ASP C 346 -30.82 -23.61 -21.77
CA ASP C 346 -31.93 -24.58 -21.79
C ASP C 346 -33.22 -23.97 -22.31
N THR C 347 -34.28 -24.78 -22.32
CA THR C 347 -35.59 -24.37 -22.82
C THR C 347 -36.15 -23.19 -22.03
N GLN C 348 -36.07 -23.28 -20.70
CA GLN C 348 -36.62 -22.24 -19.83
C GLN C 348 -35.96 -20.88 -20.05
N GLN C 349 -34.65 -20.89 -20.28
CA GLN C 349 -33.91 -19.66 -20.55
C GLN C 349 -34.36 -19.07 -21.88
N MET C 350 -34.60 -19.95 -22.85
CA MET C 350 -35.06 -19.52 -24.17
C MET C 350 -36.44 -18.87 -24.07
N ASN C 351 -37.31 -19.48 -23.28
CA ASN C 351 -38.66 -18.98 -23.10
C ASN C 351 -38.67 -17.63 -22.39
N THR C 352 -37.73 -17.43 -21.48
CA THR C 352 -37.59 -16.17 -20.77
C THR C 352 -37.16 -15.07 -21.74
N VAL C 353 -36.24 -15.40 -22.63
CA VAL C 353 -35.77 -14.46 -23.65
C VAL C 353 -36.89 -14.13 -24.62
N LEU C 354 -37.60 -15.15 -25.09
CA LEU C 354 -38.69 -14.96 -26.04
C LEU C 354 -39.83 -14.15 -25.42
N SER C 355 -40.06 -14.34 -24.12
CA SER C 355 -41.11 -13.61 -23.41
C SER C 355 -40.76 -12.13 -23.27
N TYR C 356 -39.47 -11.83 -23.21
CA TYR C 356 -39.01 -10.44 -23.14
C TYR C 356 -39.08 -9.76 -24.50
N ILE C 357 -38.87 -10.52 -25.56
CA ILE C 357 -39.01 -10.00 -26.92
C ILE C 357 -40.47 -9.61 -27.18
N GLU C 358 -41.38 -10.43 -26.66
CA GLU C 358 -42.81 -10.13 -26.72
C GLU C 358 -43.11 -8.85 -25.95
N ALA C 359 -42.45 -8.72 -24.79
CA ALA C 359 -42.59 -7.53 -23.97
C ALA C 359 -42.05 -6.31 -24.69
N GLY C 360 -41.07 -6.52 -25.56
CA GLY C 360 -40.50 -5.45 -26.35
C GLY C 360 -41.52 -4.83 -27.28
N HIS C 361 -42.27 -5.68 -27.97
CA HIS C 361 -43.31 -5.22 -28.87
C HIS C 361 -44.42 -4.51 -28.10
N ASN C 362 -44.84 -5.09 -26.98
CA ASN C 362 -45.93 -4.55 -26.19
C ASN C 362 -45.62 -3.22 -25.51
N ASP C 363 -44.33 -2.90 -25.38
CA ASP C 363 -43.93 -1.62 -24.82
C ASP C 363 -43.97 -0.53 -25.88
N GLY C 364 -44.06 -0.95 -27.14
CA GLY C 364 -44.15 -0.02 -28.26
C GLY C 364 -42.84 0.15 -29.01
N ALA C 365 -41.82 -0.59 -28.57
CA ALA C 365 -40.51 -0.49 -29.19
C ALA C 365 -40.50 -1.07 -30.60
N LYS C 366 -39.66 -0.52 -31.46
CA LYS C 366 -39.58 -0.95 -32.85
C LYS C 366 -38.49 -1.99 -33.07
N LEU C 367 -38.90 -3.21 -33.42
CA LEU C 367 -37.96 -4.28 -33.72
C LEU C 367 -37.24 -4.01 -35.04
N VAL C 368 -35.92 -3.92 -34.99
CA VAL C 368 -35.13 -3.61 -36.18
C VAL C 368 -34.09 -4.69 -36.50
N ALA C 369 -34.02 -5.72 -35.66
CA ALA C 369 -33.09 -6.83 -35.89
C ALA C 369 -33.49 -8.08 -35.09
N GLY C 370 -33.47 -9.23 -35.75
CA GLY C 370 -33.77 -10.50 -35.11
C GLY C 370 -35.20 -10.57 -34.58
N GLY C 371 -35.35 -11.17 -33.39
CA GLY C 371 -36.64 -11.19 -32.71
C GLY C 371 -37.36 -12.52 -32.73
N LYS C 372 -36.69 -13.56 -33.24
CA LYS C 372 -37.32 -14.87 -33.35
C LYS C 372 -36.42 -16.02 -32.90
N ARG C 373 -37.02 -17.17 -32.63
CA ARG C 373 -36.29 -18.39 -32.32
C ARG C 373 -35.75 -19.02 -33.60
N THR C 374 -34.53 -19.54 -33.54
CA THR C 374 -33.90 -20.12 -34.73
C THR C 374 -33.34 -21.51 -34.48
N LEU C 375 -33.04 -22.21 -35.56
CA LEU C 375 -32.43 -23.55 -35.51
C LEU C 375 -33.19 -24.55 -34.64
N GLU C 376 -34.51 -24.55 -34.76
CA GLU C 376 -35.35 -25.45 -33.97
C GLU C 376 -35.19 -26.91 -34.40
N GLU C 377 -34.88 -27.10 -35.68
CA GLU C 377 -34.73 -28.44 -36.25
C GLU C 377 -33.53 -29.19 -35.68
N THR C 378 -32.59 -28.45 -35.09
CA THR C 378 -31.38 -29.04 -34.53
C THR C 378 -31.67 -29.79 -33.23
N GLY C 379 -32.72 -29.37 -32.54
CA GLY C 379 -33.06 -29.96 -31.25
C GLY C 379 -32.47 -29.19 -30.10
N GLY C 380 -31.73 -28.13 -30.41
CA GLY C 380 -31.15 -27.25 -29.40
C GLY C 380 -31.89 -25.93 -29.32
N THR C 381 -31.71 -25.22 -28.21
CA THR C 381 -32.37 -23.93 -28.00
C THR C 381 -31.51 -22.77 -28.48
N TYR C 382 -31.97 -22.09 -29.52
CA TYR C 382 -31.24 -20.95 -30.08
C TYR C 382 -32.17 -19.76 -30.28
N VAL C 383 -31.58 -18.57 -30.39
CA VAL C 383 -32.36 -17.36 -30.63
C VAL C 383 -31.53 -16.34 -31.42
N GLU C 384 -32.21 -15.52 -32.23
CA GLU C 384 -31.54 -14.49 -33.01
C GLU C 384 -31.16 -13.32 -32.13
N PRO C 385 -29.95 -12.77 -32.32
CA PRO C 385 -29.56 -11.50 -31.68
C PRO C 385 -30.58 -10.42 -32.04
N THR C 386 -31.10 -9.74 -31.01
CA THR C 386 -32.26 -8.88 -31.19
C THR C 386 -31.99 -7.41 -30.81
N ILE C 387 -32.38 -6.50 -31.69
CA ILE C 387 -32.28 -5.07 -31.40
C ILE C 387 -33.65 -4.40 -31.39
N PHE C 388 -33.91 -3.61 -30.36
CA PHE C 388 -35.12 -2.80 -30.30
C PHE C 388 -34.77 -1.31 -30.33
N ASP C 389 -35.50 -0.56 -31.13
CA ASP C 389 -35.28 0.87 -31.27
C ASP C 389 -36.46 1.64 -30.68
N GLY C 390 -36.24 2.92 -30.36
CA GLY C 390 -37.28 3.75 -29.78
C GLY C 390 -37.64 3.34 -28.37
N VAL C 391 -36.64 2.89 -27.63
CA VAL C 391 -36.85 2.42 -26.27
C VAL C 391 -36.62 3.54 -25.26
N THR C 392 -37.51 3.64 -24.27
CA THR C 392 -37.31 4.57 -23.17
C THR C 392 -36.85 3.79 -21.95
N ASN C 393 -36.24 4.48 -21.00
CA ASN C 393 -35.72 3.82 -19.80
C ASN C 393 -36.82 3.42 -18.82
N ALA C 394 -38.07 3.70 -19.19
CA ALA C 394 -39.20 3.32 -18.35
C ALA C 394 -39.80 2.00 -18.79
N MET C 395 -39.48 1.57 -20.01
CA MET C 395 -40.00 0.33 -20.57
C MET C 395 -39.49 -0.90 -19.82
N LYS C 396 -40.20 -2.02 -20.01
CA LYS C 396 -39.90 -3.25 -19.30
C LYS C 396 -38.56 -3.87 -19.71
N ILE C 397 -38.28 -3.84 -21.02
CA ILE C 397 -37.06 -4.44 -21.54
C ILE C 397 -35.83 -3.59 -21.23
N ALA C 398 -36.04 -2.36 -20.80
CA ALA C 398 -34.94 -1.45 -20.50
C ALA C 398 -34.53 -1.50 -19.03
N ARG C 399 -35.43 -1.96 -18.17
CA ARG C 399 -35.17 -1.99 -16.73
C ARG C 399 -34.85 -3.38 -16.21
N GLU C 400 -35.49 -4.39 -16.79
CA GLU C 400 -35.29 -5.76 -16.33
C GLU C 400 -34.23 -6.49 -17.15
N GLU C 401 -33.41 -7.28 -16.45
CA GLU C 401 -32.38 -8.07 -17.10
C GLU C 401 -33.01 -9.21 -17.88
N ILE C 402 -32.61 -9.33 -19.14
CA ILE C 402 -33.17 -10.35 -20.03
C ILE C 402 -32.26 -11.59 -20.07
N PHE C 403 -30.96 -11.35 -19.98
CA PHE C 403 -29.96 -12.40 -20.03
C PHE C 403 -29.99 -13.14 -21.37
N GLY C 404 -30.35 -12.41 -22.42
CA GLY C 404 -30.30 -12.91 -23.78
C GLY C 404 -29.68 -11.86 -24.68
N PRO C 405 -29.59 -12.15 -25.98
CA PRO C 405 -29.02 -11.19 -26.92
C PRO C 405 -30.05 -10.15 -27.37
N VAL C 406 -30.72 -9.51 -26.40
CA VAL C 406 -31.74 -8.51 -26.71
C VAL C 406 -31.28 -7.12 -26.32
N LEU C 407 -31.11 -6.25 -27.32
CA LEU C 407 -30.57 -4.91 -27.12
C LEU C 407 -31.66 -3.83 -27.09
N SER C 408 -31.53 -2.89 -26.16
CA SER C 408 -32.44 -1.74 -26.10
C SER C 408 -31.68 -0.46 -26.45
N VAL C 409 -32.12 0.22 -27.50
CA VAL C 409 -31.49 1.47 -27.91
C VAL C 409 -32.24 2.68 -27.37
N ILE C 410 -31.56 3.48 -26.55
CA ILE C 410 -32.17 4.65 -25.93
C ILE C 410 -31.41 5.91 -26.34
N GLU C 411 -32.15 6.96 -26.72
CA GLU C 411 -31.54 8.22 -27.11
C GLU C 411 -31.39 9.17 -25.93
N PHE C 412 -30.35 10.00 -25.97
CA PHE C 412 -30.20 11.07 -24.99
C PHE C 412 -29.77 12.36 -25.69
N GLU C 413 -29.95 13.49 -25.02
CA GLU C 413 -29.65 14.78 -25.61
C GLU C 413 -28.21 15.21 -25.35
N ASP C 414 -27.83 15.26 -24.07
CA ASP C 414 -26.49 15.67 -23.69
C ASP C 414 -25.90 14.74 -22.63
N ALA C 415 -24.71 15.09 -22.13
CA ALA C 415 -23.99 14.27 -21.17
C ALA C 415 -24.76 14.10 -19.87
N GLU C 416 -25.51 15.14 -19.48
CA GLU C 416 -26.26 15.10 -18.23
C GLU C 416 -27.40 14.10 -18.29
N GLU C 417 -28.09 14.02 -19.43
CA GLU C 417 -29.18 13.07 -19.58
C GLU C 417 -28.67 11.64 -19.66
N ALA C 418 -27.56 11.46 -20.38
CA ALA C 418 -26.95 10.13 -20.51
C ALA C 418 -26.60 9.55 -19.14
N VAL C 419 -25.97 10.36 -18.31
CA VAL C 419 -25.62 9.93 -16.95
C VAL C 419 -26.86 9.59 -16.14
N ARG C 420 -27.91 10.41 -16.27
CA ARG C 420 -29.17 10.16 -15.57
C ARG C 420 -29.81 8.84 -15.99
N ILE C 421 -29.88 8.61 -17.30
CA ILE C 421 -30.46 7.38 -17.83
C ILE C 421 -29.64 6.17 -17.42
N ALA C 422 -28.31 6.32 -17.45
CA ALA C 422 -27.39 5.25 -17.09
C ALA C 422 -27.54 4.82 -15.63
N ASN C 423 -27.67 5.80 -14.74
CA ASN C 423 -27.74 5.52 -13.31
C ASN C 423 -29.15 5.20 -12.85
N ASP C 424 -30.13 5.39 -13.72
CA ASP C 424 -31.52 5.08 -13.40
C ASP C 424 -31.77 3.58 -13.54
N THR C 425 -31.31 2.84 -12.55
CA THR C 425 -31.41 1.39 -12.53
C THR C 425 -31.06 0.89 -11.13
N PRO C 426 -31.67 -0.23 -10.71
CA PRO C 426 -31.31 -0.82 -9.43
C PRO C 426 -29.96 -1.51 -9.50
N TYR C 427 -29.43 -1.67 -10.71
CA TYR C 427 -28.16 -2.35 -10.93
C TYR C 427 -26.98 -1.36 -10.97
N GLY C 428 -25.78 -1.91 -11.10
CA GLY C 428 -24.57 -1.10 -11.14
C GLY C 428 -23.32 -1.96 -11.22
N LEU C 429 -23.27 -2.80 -12.25
CA LEU C 429 -22.19 -3.75 -12.42
C LEU C 429 -21.15 -3.27 -13.43
N ALA C 430 -21.61 -2.64 -14.50
CA ALA C 430 -20.71 -2.11 -15.51
C ALA C 430 -21.34 -0.99 -16.32
N ALA C 431 -20.50 -0.24 -17.03
CA ALA C 431 -20.93 0.84 -17.90
C ALA C 431 -19.81 1.14 -18.88
N ALA C 432 -20.13 1.84 -19.97
CA ALA C 432 -19.12 2.18 -20.97
C ALA C 432 -19.33 3.58 -21.54
N VAL C 433 -18.22 4.28 -21.76
CA VAL C 433 -18.26 5.62 -22.32
C VAL C 433 -17.41 5.72 -23.58
N TRP C 434 -17.98 6.27 -24.65
CA TRP C 434 -17.27 6.44 -25.91
C TRP C 434 -17.14 7.91 -26.30
N THR C 435 -15.95 8.45 -26.14
CA THR C 435 -15.70 9.86 -26.45
C THR C 435 -14.20 10.12 -26.60
N SER C 436 -13.86 11.23 -27.24
CA SER C 436 -12.46 11.59 -27.41
C SER C 436 -12.09 12.79 -26.54
N ASN C 437 -13.09 13.37 -25.87
CA ASN C 437 -12.88 14.52 -25.01
C ASN C 437 -12.37 14.11 -23.63
N LEU C 438 -11.25 14.70 -23.23
CA LEU C 438 -10.61 14.38 -21.95
C LEU C 438 -11.53 14.56 -20.75
N SER C 439 -12.01 15.79 -20.56
CA SER C 439 -12.85 16.13 -19.41
C SER C 439 -14.13 15.30 -19.37
N LYS C 440 -14.80 15.18 -20.51
CA LYS C 440 -16.08 14.48 -20.58
C LYS C 440 -15.92 12.98 -20.30
N ALA C 441 -14.82 12.40 -20.77
CA ALA C 441 -14.55 10.99 -20.51
C ALA C 441 -14.40 10.71 -19.02
N HIS C 442 -13.57 11.50 -18.34
CA HIS C 442 -13.28 11.27 -16.93
C HIS C 442 -14.43 11.66 -16.01
N LEU C 443 -15.09 12.78 -16.29
CA LEU C 443 -16.18 13.26 -15.47
C LEU C 443 -17.41 12.35 -15.56
N THR C 444 -17.64 11.82 -16.75
CA THR C 444 -18.73 10.86 -16.94
C THR C 444 -18.43 9.58 -16.17
N ALA C 445 -17.22 9.05 -16.36
CA ALA C 445 -16.81 7.81 -15.72
C ALA C 445 -16.91 7.89 -14.19
N LYS C 446 -16.62 9.07 -13.64
CA LYS C 446 -16.74 9.28 -12.20
C LYS C 446 -18.20 9.31 -11.76
N ALA C 447 -19.07 9.80 -12.64
CA ALA C 447 -20.48 10.01 -12.29
C ALA C 447 -21.31 8.72 -12.41
N LEU C 448 -20.79 7.75 -13.16
CA LEU C 448 -21.49 6.47 -13.32
C LEU C 448 -21.33 5.60 -12.09
N ARG C 449 -22.44 4.99 -11.65
CA ARG C 449 -22.42 4.12 -10.48
C ARG C 449 -22.28 2.66 -10.90
N ALA C 450 -21.10 2.30 -11.39
CA ALA C 450 -20.84 0.94 -11.85
C ALA C 450 -19.47 0.47 -11.39
N GLY C 451 -19.35 -0.82 -11.10
CA GLY C 451 -18.10 -1.39 -10.64
C GLY C 451 -17.01 -1.36 -11.69
N SER C 452 -17.41 -1.33 -12.96
CA SER C 452 -16.47 -1.26 -14.06
C SER C 452 -16.92 -0.22 -15.08
N VAL C 453 -16.05 0.73 -15.38
CA VAL C 453 -16.34 1.70 -16.42
C VAL C 453 -15.31 1.62 -17.53
N TRP C 454 -15.75 1.18 -18.70
CA TRP C 454 -14.85 1.06 -19.84
C TRP C 454 -14.95 2.27 -20.77
N VAL C 455 -13.81 2.85 -21.08
CA VAL C 455 -13.76 4.05 -21.91
C VAL C 455 -13.12 3.75 -23.26
N ASN C 456 -13.86 4.04 -24.34
CA ASN C 456 -13.43 3.77 -25.71
C ASN C 456 -13.11 2.29 -25.96
N GLN C 457 -13.83 1.43 -25.25
CA GLN C 457 -13.73 -0.01 -25.42
C GLN C 457 -14.87 -0.64 -24.62
N TYR C 458 -15.15 -1.92 -24.89
CA TYR C 458 -16.10 -2.65 -24.07
C TYR C 458 -15.50 -3.95 -23.56
N ASP C 459 -15.93 -4.38 -22.38
CA ASP C 459 -15.47 -5.61 -21.75
C ASP C 459 -13.96 -5.59 -21.57
N GLY C 460 -13.45 -4.52 -20.95
CA GLY C 460 -12.02 -4.36 -20.74
C GLY C 460 -11.60 -4.80 -19.35
N GLY C 461 -10.29 -4.80 -19.12
CA GLY C 461 -9.75 -5.19 -17.83
C GLY C 461 -9.34 -6.64 -17.77
N ASP C 462 -8.15 -6.89 -17.23
CA ASP C 462 -7.66 -8.26 -17.07
C ASP C 462 -7.72 -8.68 -15.60
N MET C 463 -6.79 -9.52 -15.19
CA MET C 463 -6.77 -10.01 -13.81
C MET C 463 -6.37 -8.93 -12.81
N THR C 464 -5.93 -7.77 -13.32
CA THR C 464 -5.55 -6.66 -12.45
C THR C 464 -6.72 -5.74 -12.16
N ALA C 465 -7.83 -5.94 -12.88
CA ALA C 465 -9.01 -5.10 -12.74
C ALA C 465 -10.05 -5.74 -11.82
N PRO C 466 -10.27 -5.14 -10.64
CA PRO C 466 -11.31 -5.65 -9.73
C PRO C 466 -12.69 -5.63 -10.40
N PHE C 467 -13.48 -6.67 -10.16
CA PHE C 467 -14.75 -6.87 -10.85
C PHE C 467 -15.87 -7.12 -9.86
N GLY C 468 -16.90 -6.29 -9.89
CA GLY C 468 -18.03 -6.40 -8.98
C GLY C 468 -19.07 -5.33 -9.23
N GLY C 469 -20.06 -5.22 -8.35
CA GLY C 469 -21.18 -4.32 -8.59
C GLY C 469 -21.46 -3.26 -7.54
N PHE C 470 -22.05 -2.16 -7.98
CA PHE C 470 -22.62 -1.16 -7.09
C PHE C 470 -24.07 -1.59 -6.83
N LYS C 471 -24.62 -1.13 -5.72
CA LYS C 471 -26.04 -1.35 -5.41
C LYS C 471 -26.47 -2.82 -5.45
N GLN C 472 -27.52 -3.12 -6.21
CA GLN C 472 -28.07 -4.48 -6.22
C GLN C 472 -27.42 -5.39 -7.28
N SER C 473 -26.26 -4.98 -7.79
CA SER C 473 -25.49 -5.84 -8.68
C SER C 473 -24.53 -6.70 -7.86
N GLY C 474 -24.46 -6.42 -6.57
CA GLY C 474 -23.70 -7.24 -5.66
C GLY C 474 -22.75 -6.48 -4.77
N ASN C 475 -21.94 -7.21 -4.01
CA ASN C 475 -20.91 -6.63 -3.17
C ASN C 475 -19.64 -7.46 -3.28
N GLY C 476 -18.51 -6.86 -2.91
CA GLY C 476 -17.23 -7.53 -3.04
C GLY C 476 -16.73 -7.52 -4.48
N ARG C 477 -15.46 -7.86 -4.66
CA ARG C 477 -14.84 -7.81 -5.98
C ARG C 477 -14.12 -9.10 -6.33
N ASP C 478 -14.31 -9.56 -7.57
CA ASP C 478 -13.50 -10.65 -8.11
C ASP C 478 -12.29 -10.07 -8.85
N LYS C 479 -11.30 -10.93 -9.09
CA LYS C 479 -10.04 -10.53 -9.72
C LYS C 479 -9.28 -9.47 -8.91
N SER C 480 -8.12 -9.07 -9.43
CA SER C 480 -7.19 -8.19 -8.71
C SER C 480 -6.74 -8.80 -7.38
N LEU C 481 -6.04 -8.00 -6.58
CA LEU C 481 -5.62 -8.44 -5.26
C LEU C 481 -6.78 -8.32 -4.26
N HIS C 482 -7.81 -7.57 -4.64
CA HIS C 482 -8.95 -7.31 -3.77
C HIS C 482 -9.81 -8.55 -3.54
N ALA C 483 -9.75 -9.49 -4.48
CA ALA C 483 -10.52 -10.73 -4.37
C ALA C 483 -10.09 -11.55 -3.17
N PHE C 484 -8.82 -11.42 -2.79
CA PHE C 484 -8.26 -12.15 -1.66
C PHE C 484 -8.92 -11.75 -0.34
N ASP C 485 -9.37 -10.50 -0.27
CA ASP C 485 -9.96 -9.97 0.96
C ASP C 485 -11.31 -10.62 1.31
N LYS C 486 -11.90 -11.32 0.34
CA LYS C 486 -13.18 -11.99 0.57
C LYS C 486 -13.01 -13.33 1.28
N TYR C 487 -11.75 -13.76 1.42
CA TYR C 487 -11.46 -15.06 1.99
C TYR C 487 -10.50 -14.98 3.17
N THR C 488 -10.33 -13.78 3.72
CA THR C 488 -9.43 -13.59 4.85
C THR C 488 -10.05 -12.77 5.98
N GLU C 489 -9.45 -12.86 7.16
CA GLU C 489 -9.89 -12.10 8.31
C GLU C 489 -8.75 -11.26 8.87
N LEU C 490 -9.04 -10.01 9.17
CA LEU C 490 -8.04 -9.10 9.73
C LEU C 490 -7.86 -9.36 11.22
N LYS C 491 -6.61 -9.42 11.65
CA LYS C 491 -6.29 -9.55 13.07
C LYS C 491 -5.31 -8.46 13.49
N ALA C 492 -5.68 -7.73 14.54
CA ALA C 492 -4.80 -6.71 15.10
C ALA C 492 -4.08 -7.24 16.34
N THR C 493 -2.81 -7.60 16.19
CA THR C 493 -2.03 -8.10 17.31
C THR C 493 -1.16 -7.00 17.91
N TRP C 494 -1.57 -6.47 19.05
CA TRP C 494 -0.81 -5.42 19.73
C TRP C 494 0.01 -5.98 20.88
N ILE C 495 1.33 -5.98 20.70
CA ILE C 495 2.24 -6.59 21.64
C ILE C 495 2.92 -5.55 22.52
N LYS C 496 2.71 -5.67 23.82
CA LYS C 496 3.38 -4.79 24.78
C LYS C 496 4.81 -5.26 25.02
N LEU C 497 5.76 -4.35 24.86
CA LEU C 497 7.17 -4.69 25.06
C LEU C 497 7.69 -4.12 26.38
N THR D 3 -10.00 20.43 37.95
CA THR D 3 -10.84 19.26 38.19
C THR D 3 -12.11 19.63 38.93
N LEU D 4 -13.24 19.10 38.46
CA LEU D 4 -14.53 19.37 39.08
C LEU D 4 -14.81 18.45 40.27
N THR D 5 -15.48 19.00 41.27
CA THR D 5 -15.83 18.25 42.48
C THR D 5 -17.14 17.49 42.25
N ARG D 6 -17.40 16.51 43.11
CA ARG D 6 -18.64 15.73 43.06
C ARG D 6 -19.84 16.67 43.21
N ALA D 7 -19.69 17.67 44.06
CA ALA D 7 -20.75 18.64 44.31
C ALA D 7 -21.00 19.50 43.07
N ASP D 8 -19.95 19.74 42.31
CA ASP D 8 -20.04 20.54 41.08
C ASP D 8 -20.83 19.79 40.00
N TRP D 9 -20.59 18.48 39.91
CA TRP D 9 -21.27 17.65 38.91
C TRP D 9 -22.76 17.54 39.20
N GLU D 10 -23.11 17.35 40.47
CA GLU D 10 -24.50 17.26 40.87
C GLU D 10 -25.21 18.59 40.68
N ALA D 11 -24.47 19.68 40.90
CA ALA D 11 -25.00 21.02 40.70
C ALA D 11 -25.32 21.26 39.23
N ARG D 12 -24.39 20.86 38.36
CA ARG D 12 -24.58 21.00 36.92
C ARG D 12 -25.63 20.04 36.40
N ALA D 13 -25.80 18.91 37.09
CA ALA D 13 -26.79 17.92 36.70
C ALA D 13 -28.21 18.48 36.84
N LYS D 14 -28.42 19.32 37.84
CA LYS D 14 -29.71 19.96 38.04
C LYS D 14 -29.92 21.11 37.08
N ASP D 15 -28.90 21.94 36.93
CA ASP D 15 -28.93 23.04 35.97
C ASP D 15 -28.48 22.52 34.60
N LEU D 16 -29.23 21.58 34.06
CA LEU D 16 -28.89 21.00 32.77
C LEU D 16 -30.13 20.84 31.89
N LYS D 17 -30.22 21.68 30.86
CA LYS D 17 -31.32 21.61 29.91
C LYS D 17 -31.00 20.58 28.84
N ILE D 18 -31.88 19.59 28.67
CA ILE D 18 -31.59 18.47 27.78
C ILE D 18 -32.54 18.44 26.58
N GLU D 19 -31.95 18.36 25.38
CA GLU D 19 -32.71 18.25 24.15
C GLU D 19 -33.05 16.79 23.87
N GLY D 20 -34.31 16.55 23.49
CA GLY D 20 -34.77 15.19 23.25
C GLY D 20 -35.36 14.98 21.86
N ARG D 21 -35.36 16.04 21.06
CA ARG D 21 -35.92 15.98 19.72
C ARG D 21 -34.97 15.30 18.72
N ALA D 22 -35.54 14.82 17.61
CA ALA D 22 -34.75 14.26 16.52
C ALA D 22 -34.07 15.39 15.74
N PHE D 23 -33.08 15.03 14.94
CA PHE D 23 -32.35 16.01 14.15
C PHE D 23 -32.33 15.64 12.67
N VAL D 24 -33.15 16.32 11.88
CA VAL D 24 -33.26 16.03 10.45
C VAL D 24 -33.10 17.31 9.62
N ASN D 25 -32.27 17.23 8.59
CA ASN D 25 -32.08 18.33 7.65
C ASN D 25 -31.60 19.61 8.30
N GLY D 26 -30.77 19.47 9.33
CA GLY D 26 -30.18 20.62 10.00
C GLY D 26 -31.09 21.27 11.03
N GLU D 27 -32.21 20.63 11.32
CA GLU D 27 -33.18 21.18 12.26
C GLU D 27 -33.64 20.15 13.29
N TYR D 28 -33.79 20.57 14.54
CA TYR D 28 -34.39 19.73 15.57
C TYR D 28 -35.90 19.67 15.40
N SER D 29 -36.45 18.47 15.48
CA SER D 29 -37.90 18.30 15.32
C SER D 29 -38.41 17.09 16.07
N ASN D 30 -39.73 17.02 16.25
CA ASN D 30 -40.36 15.88 16.89
C ASN D 30 -40.64 14.78 15.86
N ALA D 31 -40.99 13.60 16.35
CA ALA D 31 -41.37 12.50 15.46
C ALA D 31 -42.65 12.87 14.73
N ALA D 32 -42.89 12.22 13.59
CA ALA D 32 -44.07 12.48 12.79
C ALA D 32 -45.35 12.21 13.58
N SER D 33 -45.30 11.20 14.43
CA SER D 33 -46.43 10.85 15.27
C SER D 33 -46.52 11.76 16.49
N GLY D 34 -45.40 12.39 16.82
CA GLY D 34 -45.33 13.27 17.98
C GLY D 34 -45.13 12.48 19.26
N GLU D 35 -45.06 11.17 19.14
CA GLU D 35 -44.93 10.29 20.28
C GLU D 35 -43.54 10.35 20.90
N THR D 36 -43.41 9.86 22.13
CA THR D 36 -42.21 10.07 22.91
C THR D 36 -42.05 9.03 24.02
N PHE D 37 -40.82 8.63 24.31
CA PHE D 37 -40.53 7.79 25.46
C PHE D 37 -39.71 8.57 26.50
N ASP D 38 -39.75 8.12 27.74
CA ASP D 38 -39.04 8.81 28.82
C ASP D 38 -37.60 8.34 28.96
N CYS D 39 -36.69 9.29 29.08
CA CYS D 39 -35.27 8.98 29.25
C CYS D 39 -34.94 8.91 30.75
N LEU D 40 -34.81 7.68 31.25
CA LEU D 40 -34.55 7.45 32.66
C LEU D 40 -33.06 7.30 32.95
N SER D 41 -32.61 7.88 34.06
CA SER D 41 -31.23 7.78 34.49
C SER D 41 -31.03 6.61 35.44
N PRO D 42 -30.09 5.71 35.12
CA PRO D 42 -29.84 4.54 35.97
C PRO D 42 -29.06 4.88 37.24
N VAL D 43 -28.68 6.14 37.38
CA VAL D 43 -27.98 6.60 38.58
C VAL D 43 -28.88 6.55 39.81
N ASP D 44 -30.06 7.16 39.70
CA ASP D 44 -30.99 7.24 40.82
C ASP D 44 -32.45 7.18 40.36
N GLY D 45 -32.66 6.70 39.15
CA GLY D 45 -34.00 6.55 38.60
C GLY D 45 -34.69 7.87 38.32
N ARG D 46 -33.90 8.93 38.18
CA ARG D 46 -34.45 10.26 37.95
C ARG D 46 -34.92 10.45 36.51
N PHE D 47 -35.67 11.52 36.28
CA PHE D 47 -36.11 11.87 34.93
C PHE D 47 -35.11 12.82 34.30
N LEU D 48 -34.69 12.50 33.08
CA LEU D 48 -33.74 13.36 32.37
C LEU D 48 -34.47 14.22 31.35
N ALA D 49 -35.09 13.56 30.37
CA ALA D 49 -35.82 14.27 29.32
C ALA D 49 -36.79 13.34 28.61
N LYS D 50 -37.60 13.93 27.74
CA LYS D 50 -38.53 13.16 26.93
C LYS D 50 -38.01 13.09 25.49
N VAL D 51 -37.66 11.89 25.05
CA VAL D 51 -36.99 11.69 23.78
C VAL D 51 -37.94 11.25 22.68
N ALA D 52 -37.87 11.94 21.54
CA ALA D 52 -38.72 11.63 20.38
C ALA D 52 -38.63 10.16 19.98
N SER D 53 -39.78 9.55 19.75
CA SER D 53 -39.84 8.15 19.36
C SER D 53 -40.18 8.00 17.88
N CYS D 54 -39.15 7.95 17.04
CA CYS D 54 -39.34 7.89 15.60
C CYS D 54 -39.81 6.52 15.11
N ASP D 55 -40.36 6.49 13.90
CA ASP D 55 -40.85 5.26 13.29
C ASP D 55 -40.57 5.29 11.79
N LEU D 56 -41.32 4.49 11.03
CA LEU D 56 -41.15 4.36 9.59
C LEU D 56 -41.23 5.69 8.85
N ALA D 57 -42.18 6.53 9.25
CA ALA D 57 -42.41 7.80 8.58
C ALA D 57 -41.20 8.72 8.70
N ASP D 58 -40.59 8.74 9.87
CA ASP D 58 -39.41 9.56 10.12
C ASP D 58 -38.21 9.03 9.34
N ALA D 59 -38.12 7.71 9.23
CA ALA D 59 -37.03 7.08 8.50
C ALA D 59 -37.12 7.36 7.00
N GLU D 60 -38.35 7.29 6.47
CA GLU D 60 -38.58 7.60 5.06
C GLU D 60 -38.21 9.04 4.75
N GLN D 61 -38.54 9.94 5.66
CA GLN D 61 -38.22 11.36 5.49
C GLN D 61 -36.72 11.61 5.58
N ALA D 62 -36.07 10.96 6.55
CA ALA D 62 -34.64 11.12 6.76
C ALA D 62 -33.80 10.60 5.58
N VAL D 63 -34.26 9.52 4.96
CA VAL D 63 -33.55 8.95 3.82
C VAL D 63 -33.61 9.86 2.60
N LYS D 64 -34.79 10.41 2.32
CA LYS D 64 -34.96 11.36 1.23
C LYS D 64 -34.07 12.57 1.42
N VAL D 65 -34.01 13.08 2.65
CA VAL D 65 -33.16 14.22 2.97
C VAL D 65 -31.69 13.85 2.81
N ALA D 66 -31.32 12.67 3.30
CA ALA D 66 -29.95 12.19 3.18
C ALA D 66 -29.53 11.98 1.74
N ARG D 67 -30.41 11.35 0.95
CA ARG D 67 -30.13 11.09 -0.46
C ARG D 67 -29.98 12.38 -1.26
N ASN D 68 -30.87 13.34 -1.02
CA ASN D 68 -30.82 14.61 -1.72
C ASN D 68 -29.55 15.38 -1.40
N ALA D 69 -29.15 15.37 -0.13
CA ALA D 69 -27.93 16.03 0.31
C ALA D 69 -26.70 15.38 -0.34
N PHE D 70 -26.74 14.06 -0.49
CA PHE D 70 -25.64 13.34 -1.11
C PHE D 70 -25.52 13.71 -2.58
N ASP D 71 -26.66 13.74 -3.27
CA ASP D 71 -26.69 14.01 -4.71
C ASP D 71 -26.35 15.47 -5.03
N SER D 72 -26.67 16.37 -4.12
CA SER D 72 -26.36 17.78 -4.28
C SER D 72 -24.85 17.98 -4.41
N GLY D 73 -24.09 17.21 -3.63
CA GLY D 73 -22.65 17.25 -3.69
C GLY D 73 -22.02 18.21 -2.70
N ALA D 74 -22.84 18.80 -1.84
CA ALA D 74 -22.37 19.75 -0.86
C ALA D 74 -21.30 19.15 0.05
N TRP D 75 -21.39 17.85 0.29
CA TRP D 75 -20.41 17.16 1.11
C TRP D 75 -19.72 16.04 0.34
N SER D 76 -20.49 15.29 -0.44
CA SER D 76 -19.97 14.14 -1.17
C SER D 76 -18.93 14.50 -2.23
N ARG D 77 -19.04 15.70 -2.79
CA ARG D 77 -18.10 16.15 -3.81
C ARG D 77 -17.29 17.37 -3.35
N LEU D 78 -17.33 17.63 -2.06
CA LEU D 78 -16.49 18.67 -1.46
C LEU D 78 -15.04 18.17 -1.44
N ALA D 79 -14.09 19.10 -1.62
CA ALA D 79 -12.67 18.75 -1.65
C ALA D 79 -12.24 17.99 -0.40
N PRO D 80 -11.45 16.92 -0.58
CA PRO D 80 -11.00 16.04 0.51
C PRO D 80 -10.35 16.81 1.65
N ALA D 81 -9.50 17.78 1.32
CA ALA D 81 -8.80 18.58 2.31
C ALA D 81 -9.76 19.48 3.08
N LYS D 82 -10.86 19.85 2.44
CA LYS D 82 -11.88 20.69 3.08
C LYS D 82 -12.76 19.89 4.03
N ARG D 83 -13.10 18.66 3.64
CA ARG D 83 -13.84 17.77 4.53
C ARG D 83 -13.01 17.45 5.76
N LYS D 84 -11.69 17.38 5.57
CA LYS D 84 -10.77 17.13 6.66
C LYS D 84 -10.85 18.24 7.70
N GLN D 85 -10.77 19.48 7.23
CA GLN D 85 -10.80 20.64 8.11
C GLN D 85 -12.14 20.80 8.82
N THR D 86 -13.22 20.40 8.14
CA THR D 86 -14.55 20.46 8.72
C THR D 86 -14.70 19.46 9.87
N MET D 87 -14.22 18.24 9.66
CA MET D 87 -14.33 17.20 10.67
C MET D 87 -13.40 17.43 11.85
N ILE D 88 -12.31 18.16 11.60
CA ILE D 88 -11.41 18.54 12.68
C ILE D 88 -12.08 19.56 13.59
N ARG D 89 -12.80 20.51 12.99
CA ARG D 89 -13.59 21.46 13.75
C ARG D 89 -14.70 20.75 14.51
N PHE D 90 -15.26 19.71 13.89
CA PHE D 90 -16.24 18.85 14.55
C PHE D 90 -15.63 18.22 15.80
N ALA D 91 -14.42 17.70 15.66
CA ALA D 91 -13.70 17.09 16.78
C ALA D 91 -13.39 18.14 17.84
N ASP D 92 -12.94 19.31 17.40
CA ASP D 92 -12.62 20.41 18.31
C ASP D 92 -13.84 20.85 19.11
N LEU D 93 -15.00 20.84 18.48
CA LEU D 93 -16.25 21.23 19.14
C LEU D 93 -16.68 20.21 20.20
N LEU D 94 -16.28 18.95 20.02
CA LEU D 94 -16.56 17.92 21.01
C LEU D 94 -15.75 18.17 22.27
N LEU D 95 -14.54 18.68 22.11
CA LEU D 95 -13.68 18.99 23.25
C LEU D 95 -14.10 20.29 23.93
N GLU D 96 -14.66 21.22 23.16
CA GLU D 96 -15.11 22.49 23.72
C GLU D 96 -16.35 22.28 24.59
N ASN D 97 -17.16 21.29 24.23
CA ASN D 97 -18.35 20.95 24.98
C ASN D 97 -18.18 19.61 25.70
N ALA D 98 -16.95 19.32 26.10
CA ALA D 98 -16.60 18.04 26.70
C ALA D 98 -17.36 17.76 28.00
N GLU D 99 -17.40 18.76 28.87
CA GLU D 99 -18.00 18.59 30.19
C GLU D 99 -19.49 18.30 30.12
N GLU D 100 -20.20 18.96 29.21
CA GLU D 100 -21.63 18.72 29.01
C GLU D 100 -21.86 17.32 28.44
N LEU D 101 -21.06 16.96 27.46
CA LEU D 101 -21.19 15.66 26.81
C LEU D 101 -20.91 14.52 27.77
N ALA D 102 -19.93 14.72 28.65
CA ALA D 102 -19.59 13.73 29.66
C ALA D 102 -20.73 13.55 30.67
N LEU D 103 -21.30 14.67 31.11
CA LEU D 103 -22.40 14.66 32.06
C LEU D 103 -23.64 14.02 31.45
N LEU D 104 -23.90 14.33 30.17
CA LEU D 104 -25.04 13.74 29.48
C LEU D 104 -24.94 12.23 29.43
N GLU D 105 -23.75 11.73 29.13
CA GLU D 105 -23.52 10.30 28.99
C GLU D 105 -23.64 9.57 30.32
N THR D 106 -23.00 10.12 31.35
CA THR D 106 -23.06 9.56 32.69
C THR D 106 -24.50 9.44 33.18
N LEU D 107 -25.26 10.52 33.05
CA LEU D 107 -26.67 10.50 33.43
C LEU D 107 -27.48 9.55 32.56
N ASP D 108 -27.04 9.36 31.31
CA ASP D 108 -27.79 8.56 30.37
C ASP D 108 -27.67 7.05 30.64
N MET D 109 -26.45 6.58 30.84
CA MET D 109 -26.24 5.13 30.96
C MET D 109 -25.46 4.69 32.22
N GLY D 110 -24.95 5.65 32.99
CA GLY D 110 -24.43 5.33 34.31
C GLY D 110 -22.93 5.23 34.47
N LYS D 111 -22.18 5.49 33.41
CA LYS D 111 -20.72 5.44 33.47
C LYS D 111 -20.20 6.51 34.42
N PRO D 112 -19.16 6.18 35.22
CA PRO D 112 -18.50 7.18 36.08
C PRO D 112 -18.12 8.43 35.30
N ILE D 113 -18.32 9.59 35.91
CA ILE D 113 -18.12 10.86 35.22
C ILE D 113 -16.66 11.07 34.78
N SER D 114 -15.73 10.46 35.50
CA SER D 114 -14.32 10.56 35.16
C SER D 114 -14.01 9.81 33.87
N ASP D 115 -14.71 8.70 33.66
CA ASP D 115 -14.53 7.90 32.46
C ASP D 115 -15.28 8.49 31.27
N SER D 116 -16.35 9.22 31.55
CA SER D 116 -17.11 9.87 30.49
C SER D 116 -16.34 11.05 29.91
N LEU D 117 -15.55 11.72 30.74
CA LEU D 117 -14.83 12.91 30.32
C LEU D 117 -13.44 12.58 29.78
N HIS D 118 -12.75 11.68 30.46
CA HIS D 118 -11.35 11.40 30.15
C HIS D 118 -11.15 10.20 29.22
N ILE D 119 -12.18 9.37 29.09
CA ILE D 119 -12.11 8.23 28.18
C ILE D 119 -13.09 8.37 27.01
N ASP D 120 -14.38 8.51 27.33
CA ASP D 120 -15.41 8.58 26.30
C ASP D 120 -15.26 9.78 25.38
N VAL D 121 -15.42 10.98 25.91
CA VAL D 121 -15.35 12.21 25.11
C VAL D 121 -13.98 12.39 24.45
N ALA D 122 -12.92 12.12 25.20
CA ALA D 122 -11.56 12.28 24.69
C ALA D 122 -11.27 11.39 23.48
N SER D 123 -11.69 10.13 23.57
CA SER D 123 -11.48 9.18 22.48
C SER D 123 -12.41 9.44 21.30
N ALA D 124 -13.58 9.99 21.60
CA ALA D 124 -14.58 10.29 20.57
C ALA D 124 -14.08 11.37 19.63
N ALA D 125 -13.52 12.44 20.21
CA ALA D 125 -12.97 13.53 19.43
C ALA D 125 -11.73 13.08 18.67
N ASN D 126 -10.94 12.22 19.31
CA ASN D 126 -9.75 11.67 18.67
C ASN D 126 -10.12 10.78 17.49
N SER D 127 -11.21 10.03 17.62
CA SER D 127 -11.66 9.14 16.56
C SER D 127 -12.14 9.91 15.34
N LEU D 128 -12.76 11.06 15.58
CA LEU D 128 -13.21 11.92 14.48
C LEU D 128 -12.01 12.60 13.83
N ARG D 129 -11.09 13.08 14.66
CA ARG D 129 -9.92 13.81 14.19
C ARG D 129 -8.99 12.91 13.37
N TRP D 130 -8.74 11.70 13.88
CA TRP D 130 -7.85 10.76 13.21
C TRP D 130 -8.39 10.39 11.85
N SER D 131 -9.70 10.15 11.77
CA SER D 131 -10.36 9.82 10.51
C SER D 131 -10.30 10.98 9.53
N ALA D 132 -10.37 12.20 10.06
CA ALA D 132 -10.30 13.40 9.24
C ALA D 132 -8.89 13.58 8.69
N GLU D 133 -7.90 13.38 9.54
CA GLU D 133 -6.50 13.53 9.16
C GLU D 133 -6.09 12.52 8.09
N ALA D 134 -6.85 11.43 7.98
CA ALA D 134 -6.51 10.33 7.10
C ALA D 134 -7.14 10.44 5.72
N ILE D 135 -8.07 11.39 5.56
CA ILE D 135 -8.82 11.54 4.32
C ILE D 135 -7.94 11.69 3.09
N ASP D 136 -7.04 12.68 3.12
CA ASP D 136 -6.18 12.96 1.98
C ASP D 136 -4.83 12.26 2.07
N LYS D 137 -4.73 11.25 2.92
CA LYS D 137 -3.51 10.45 3.04
C LYS D 137 -3.71 9.11 2.36
N ILE D 138 -4.95 8.81 1.97
CA ILE D 138 -5.27 7.55 1.32
C ILE D 138 -5.10 7.69 -0.19
N TYR D 139 -4.44 6.70 -0.81
CA TYR D 139 -4.24 6.70 -2.24
C TYR D 139 -4.92 5.51 -2.91
N ASP D 140 -5.66 5.78 -3.98
CA ASP D 140 -6.25 4.71 -4.79
C ASP D 140 -5.19 4.12 -5.73
N GLU D 141 -5.62 3.32 -6.70
CA GLU D 141 -4.69 2.47 -7.44
C GLU D 141 -4.65 2.68 -8.95
N VAL D 142 -3.48 2.41 -9.53
CA VAL D 142 -3.30 2.37 -10.98
C VAL D 142 -2.68 1.03 -11.34
N ALA D 143 -3.38 0.25 -12.16
CA ALA D 143 -2.93 -1.11 -12.48
C ALA D 143 -1.83 -1.13 -13.54
N ALA D 144 -1.08 -2.23 -13.55
CA ALA D 144 -0.08 -2.45 -14.58
C ALA D 144 -0.76 -2.94 -15.86
N THR D 145 -0.91 -2.04 -16.82
CA THR D 145 -1.61 -2.32 -18.07
C THR D 145 -0.66 -2.15 -19.25
N PRO D 146 -1.06 -2.62 -20.45
CA PRO D 146 -0.30 -2.29 -21.66
C PRO D 146 -0.19 -0.78 -21.87
N HIS D 147 0.77 -0.37 -22.69
CA HIS D 147 1.11 1.04 -22.86
C HIS D 147 -0.05 1.92 -23.34
N ALA D 148 -0.87 1.38 -24.24
CA ALA D 148 -1.95 2.14 -24.83
C ALA D 148 -3.24 2.05 -24.01
N GLU D 149 -3.09 1.84 -22.70
CA GLU D 149 -4.25 1.67 -21.83
C GLU D 149 -3.98 2.20 -20.42
N LEU D 150 -5.03 2.75 -19.80
CA LEU D 150 -4.95 3.25 -18.44
C LEU D 150 -6.00 2.59 -17.55
N GLY D 151 -5.56 1.95 -16.48
CA GLY D 151 -6.47 1.27 -15.57
C GLY D 151 -6.52 1.89 -14.19
N LEU D 152 -7.64 2.51 -13.86
CA LEU D 152 -7.80 3.19 -12.57
C LEU D 152 -8.67 2.37 -11.63
N VAL D 153 -8.25 2.27 -10.37
CA VAL D 153 -9.04 1.61 -9.34
C VAL D 153 -9.29 2.59 -8.20
N THR D 154 -10.47 3.22 -8.19
CA THR D 154 -10.77 4.27 -7.24
C THR D 154 -11.92 3.91 -6.28
N ARG D 155 -12.00 4.64 -5.16
CA ARG D 155 -13.05 4.43 -4.18
C ARG D 155 -14.00 5.61 -4.11
N GLU D 156 -15.30 5.32 -4.03
CA GLU D 156 -16.33 6.35 -4.02
C GLU D 156 -17.31 6.09 -2.89
N PRO D 157 -17.87 7.15 -2.29
CA PRO D 157 -18.85 6.99 -1.20
C PRO D 157 -20.08 6.22 -1.67
N VAL D 158 -20.58 5.32 -0.82
CA VAL D 158 -21.73 4.49 -1.19
C VAL D 158 -23.02 5.30 -1.33
N GLY D 159 -23.16 6.37 -0.55
CA GLY D 159 -24.35 7.20 -0.60
C GLY D 159 -24.96 7.43 0.76
N VAL D 160 -26.06 6.74 1.05
CA VAL D 160 -26.76 6.88 2.31
C VAL D 160 -26.41 5.75 3.28
N VAL D 161 -25.86 6.11 4.43
CA VAL D 161 -25.41 5.12 5.40
C VAL D 161 -26.26 5.16 6.67
N ALA D 162 -26.75 3.99 7.09
CA ALA D 162 -27.52 3.88 8.32
C ALA D 162 -26.64 3.32 9.43
N ALA D 163 -26.61 3.99 10.58
CA ALA D 163 -25.77 3.55 11.69
C ALA D 163 -26.57 3.32 12.98
N ILE D 164 -26.57 2.08 13.45
CA ILE D 164 -27.26 1.74 14.69
C ILE D 164 -26.26 1.51 15.83
N VAL D 165 -26.28 2.43 16.79
CA VAL D 165 -25.28 2.49 17.86
C VAL D 165 -25.81 1.94 19.19
N PRO D 166 -24.99 1.13 19.88
CA PRO D 166 -25.37 0.55 21.17
C PRO D 166 -25.38 1.57 22.30
N TRP D 167 -25.44 1.09 23.54
CA TRP D 167 -25.61 1.97 24.70
C TRP D 167 -24.40 1.98 25.65
N ASN D 168 -23.48 1.04 25.45
CA ASN D 168 -22.31 0.94 26.33
C ASN D 168 -21.27 2.04 26.09
N PHE D 169 -21.07 2.40 24.81
CA PHE D 169 -20.24 3.54 24.45
C PHE D 169 -20.91 4.37 23.37
N PRO D 170 -22.06 4.98 23.70
CA PRO D 170 -22.92 5.64 22.70
C PRO D 170 -22.20 6.70 21.87
N LEU D 171 -21.50 7.60 22.54
CA LEU D 171 -20.77 8.66 21.85
C LEU D 171 -19.57 8.10 21.08
N LEU D 172 -18.79 7.25 21.74
CA LEU D 172 -17.59 6.68 21.14
C LEU D 172 -17.92 5.80 19.93
N MET D 173 -18.90 4.92 20.06
CA MET D 173 -19.30 4.04 18.97
C MET D 173 -19.91 4.83 17.81
N SER D 174 -20.57 5.93 18.14
CA SER D 174 -21.12 6.81 17.12
C SER D 174 -19.99 7.42 16.31
N CYS D 175 -18.94 7.84 17.01
CA CYS D 175 -17.80 8.47 16.38
C CYS D 175 -16.92 7.48 15.61
N TRP D 176 -16.92 6.21 16.04
CA TRP D 176 -16.23 5.16 15.30
C TRP D 176 -16.91 4.93 13.96
N LYS D 177 -18.22 5.18 13.91
CA LYS D 177 -19.00 5.03 12.68
C LYS D 177 -19.00 6.34 11.89
N LEU D 178 -19.25 7.45 12.59
CA LEU D 178 -19.34 8.76 11.95
C LEU D 178 -18.02 9.20 11.29
N GLY D 179 -16.91 8.86 11.94
CA GLY D 179 -15.59 9.25 11.47
C GLY D 179 -15.32 8.94 10.02
N PRO D 180 -15.16 7.65 9.70
CA PRO D 180 -14.90 7.23 8.31
C PRO D 180 -16.08 7.47 7.37
N ALA D 181 -17.32 7.29 7.86
CA ALA D 181 -18.50 7.44 7.02
C ALA D 181 -18.66 8.87 6.49
N LEU D 182 -18.41 9.85 7.35
CA LEU D 182 -18.49 11.24 6.94
C LEU D 182 -17.26 11.66 6.16
N ALA D 183 -16.12 11.08 6.52
CA ALA D 183 -14.86 11.38 5.83
C ALA D 183 -14.91 10.99 4.36
N THR D 184 -15.56 9.87 4.08
CA THR D 184 -15.68 9.38 2.70
C THR D 184 -16.74 10.17 1.91
N GLY D 185 -17.52 10.98 2.60
CA GLY D 185 -18.46 11.88 1.94
C GLY D 185 -19.89 11.36 1.84
N ASN D 186 -20.22 10.38 2.66
CA ASN D 186 -21.57 9.83 2.67
C ASN D 186 -22.52 10.66 3.52
N SER D 187 -23.82 10.49 3.28
CA SER D 187 -24.84 11.01 4.19
C SER D 187 -25.14 9.93 5.21
N VAL D 188 -25.32 10.32 6.47
CA VAL D 188 -25.52 9.37 7.54
C VAL D 188 -26.83 9.59 8.27
N ILE D 189 -27.54 8.49 8.54
CA ILE D 189 -28.70 8.52 9.40
C ILE D 189 -28.41 7.71 10.67
N LEU D 190 -28.24 8.40 11.78
CA LEU D 190 -27.83 7.77 13.02
C LEU D 190 -29.03 7.38 13.89
N LYS D 191 -29.11 6.10 14.24
CA LYS D 191 -30.16 5.62 15.12
C LYS D 191 -29.54 5.16 16.44
N PRO D 192 -29.53 6.05 17.45
CA PRO D 192 -28.95 5.74 18.75
C PRO D 192 -29.80 4.72 19.51
N SER D 193 -29.22 4.08 20.51
CA SER D 193 -29.96 3.14 21.35
C SER D 193 -30.98 3.90 22.19
N GLU D 194 -32.16 3.31 22.36
CA GLU D 194 -33.21 3.93 23.16
C GLU D 194 -32.79 4.07 24.62
N LYS D 195 -31.79 3.29 25.03
CA LYS D 195 -31.28 3.33 26.39
C LYS D 195 -30.26 4.45 26.59
N SER D 196 -29.89 5.13 25.50
CA SER D 196 -28.92 6.22 25.57
C SER D 196 -28.90 7.07 24.30
N PRO D 197 -29.91 7.95 24.13
CA PRO D 197 -30.00 8.76 22.92
C PRO D 197 -29.44 10.18 23.06
N LEU D 198 -29.15 10.61 24.27
CA LEU D 198 -28.82 12.02 24.53
C LEU D 198 -27.56 12.53 23.83
N THR D 199 -26.48 11.74 23.87
CA THR D 199 -25.21 12.16 23.27
C THR D 199 -25.31 12.30 21.75
N ALA D 200 -26.00 11.37 21.11
CA ALA D 200 -26.18 11.41 19.66
C ALA D 200 -26.98 12.63 19.24
N ILE D 201 -27.98 12.97 20.05
CA ILE D 201 -28.84 14.12 19.78
C ILE D 201 -28.06 15.43 19.86
N ARG D 202 -27.19 15.53 20.86
CA ARG D 202 -26.43 16.74 21.10
C ARG D 202 -25.41 17.04 20.01
N ILE D 203 -24.69 16.01 19.55
CA ILE D 203 -23.61 16.19 18.58
C ILE D 203 -24.11 16.51 17.17
N ALA D 204 -25.37 16.20 16.90
CA ALA D 204 -25.96 16.46 15.59
C ALA D 204 -25.98 17.96 15.29
N GLN D 205 -26.21 18.76 16.33
CA GLN D 205 -26.18 20.20 16.19
C GLN D 205 -24.74 20.69 16.07
N LEU D 206 -23.84 20.01 16.78
CA LEU D 206 -22.43 20.36 16.75
C LEU D 206 -21.82 20.15 15.37
N ALA D 207 -22.31 19.15 14.65
CA ALA D 207 -21.84 18.87 13.30
C ALA D 207 -22.15 20.02 12.34
N VAL D 208 -23.36 20.54 12.41
CA VAL D 208 -23.78 21.65 11.56
C VAL D 208 -22.99 22.91 11.87
N GLU D 209 -22.71 23.12 13.16
CA GLU D 209 -21.91 24.26 13.59
C GLU D 209 -20.47 24.14 13.08
N ALA D 210 -20.05 22.91 12.80
CA ALA D 210 -18.68 22.66 12.37
C ALA D 210 -18.53 22.88 10.86
N GLY D 211 -19.64 22.79 10.13
CA GLY D 211 -19.62 23.03 8.70
C GLY D 211 -20.25 21.93 7.88
N ILE D 212 -20.66 20.85 8.55
CA ILE D 212 -21.36 19.77 7.88
C ILE D 212 -22.71 20.29 7.36
N PRO D 213 -22.90 20.26 6.04
CA PRO D 213 -24.11 20.76 5.38
C PRO D 213 -25.37 20.08 5.91
N LYS D 214 -26.50 20.75 5.76
CA LYS D 214 -27.79 20.23 6.20
C LYS D 214 -28.15 18.93 5.48
N GLY D 215 -28.55 17.93 6.27
CA GLY D 215 -29.03 16.68 5.71
C GLY D 215 -27.96 15.62 5.49
N VAL D 216 -26.73 15.92 5.91
CA VAL D 216 -25.63 14.97 5.78
C VAL D 216 -25.52 14.09 7.03
N PHE D 217 -25.83 14.67 8.18
CA PHE D 217 -25.83 13.94 9.43
C PHE D 217 -27.19 14.09 10.12
N ASN D 218 -27.92 12.97 10.21
CA ASN D 218 -29.24 12.96 10.84
C ASN D 218 -29.35 11.94 11.97
N VAL D 219 -30.02 12.34 13.06
CA VAL D 219 -30.22 11.45 14.19
C VAL D 219 -31.69 11.12 14.40
N LEU D 220 -32.02 9.84 14.41
CA LEU D 220 -33.39 9.39 14.63
C LEU D 220 -33.52 8.53 15.89
N PRO D 221 -33.81 9.18 17.03
CA PRO D 221 -34.01 8.46 18.29
C PRO D 221 -35.24 7.56 18.23
N GLY D 222 -35.24 6.48 19.01
CA GLY D 222 -36.37 5.56 19.03
C GLY D 222 -35.97 4.14 19.36
N TYR D 223 -36.90 3.21 19.12
CA TYR D 223 -36.65 1.80 19.40
C TYR D 223 -36.14 1.08 18.16
N GLY D 224 -35.46 -0.05 18.37
CA GLY D 224 -34.91 -0.82 17.28
C GLY D 224 -35.98 -1.48 16.42
N HIS D 225 -37.07 -1.91 17.06
CA HIS D 225 -38.14 -2.60 16.36
C HIS D 225 -39.02 -1.65 15.54
N THR D 226 -38.81 -0.35 15.73
CA THR D 226 -39.57 0.66 15.00
C THR D 226 -38.74 1.35 13.93
N VAL D 227 -38.05 2.43 14.31
CA VAL D 227 -37.24 3.20 13.37
C VAL D 227 -36.02 2.42 12.90
N GLY D 228 -35.42 1.65 13.81
CA GLY D 228 -34.27 0.84 13.47
C GLY D 228 -34.59 -0.20 12.42
N LYS D 229 -35.74 -0.84 12.56
CA LYS D 229 -36.20 -1.83 11.60
C LYS D 229 -36.52 -1.17 10.27
N ALA D 230 -37.08 0.03 10.34
CA ALA D 230 -37.47 0.79 9.15
C ALA D 230 -36.27 1.11 8.28
N LEU D 231 -35.18 1.54 8.91
CA LEU D 231 -33.95 1.89 8.19
C LEU D 231 -33.30 0.65 7.57
N ALA D 232 -33.33 -0.47 8.29
CA ALA D 232 -32.74 -1.71 7.81
C ALA D 232 -33.51 -2.28 6.62
N LEU D 233 -34.78 -1.93 6.51
CA LEU D 233 -35.63 -2.44 5.44
C LEU D 233 -35.79 -1.46 4.29
N HIS D 234 -35.29 -0.24 4.47
CA HIS D 234 -35.47 0.81 3.47
C HIS D 234 -34.73 0.52 2.17
N MET D 235 -35.37 0.83 1.05
CA MET D 235 -34.86 0.45 -0.27
C MET D 235 -33.84 1.43 -0.84
N ASP D 236 -33.63 2.55 -0.16
CA ASP D 236 -32.72 3.58 -0.64
C ASP D 236 -31.52 3.76 0.29
N VAL D 237 -31.45 2.93 1.32
CA VAL D 237 -30.27 2.91 2.19
C VAL D 237 -29.26 1.94 1.58
N ASP D 238 -28.05 2.43 1.36
CA ASP D 238 -27.03 1.64 0.67
C ASP D 238 -26.22 0.76 1.61
N THR D 239 -26.02 1.23 2.83
CA THR D 239 -25.16 0.51 3.78
C THR D 239 -25.64 0.69 5.21
N LEU D 240 -25.67 -0.41 5.97
CA LEU D 240 -26.02 -0.35 7.38
C LEU D 240 -24.88 -0.89 8.24
N VAL D 241 -24.38 -0.06 9.16
CA VAL D 241 -23.38 -0.50 10.12
C VAL D 241 -24.00 -0.61 11.51
N PHE D 242 -23.58 -1.63 12.26
CA PHE D 242 -24.19 -1.92 13.55
C PHE D 242 -23.21 -2.45 14.57
N THR D 243 -23.48 -2.16 15.84
CA THR D 243 -22.73 -2.72 16.95
C THR D 243 -23.71 -3.08 18.07
N GLY D 244 -23.67 -4.34 18.51
CA GLY D 244 -24.55 -4.79 19.57
C GLY D 244 -24.56 -6.30 19.78
N SER D 245 -25.75 -6.86 19.97
CA SER D 245 -25.89 -8.28 20.25
C SER D 245 -25.88 -9.11 18.97
N THR D 246 -25.58 -10.40 19.13
CA THR D 246 -25.57 -11.33 18.01
C THR D 246 -26.98 -11.58 17.50
N LYS D 247 -27.94 -11.63 18.42
CA LYS D 247 -29.34 -11.84 18.08
C LYS D 247 -29.87 -10.76 17.13
N ILE D 248 -29.70 -9.50 17.53
CA ILE D 248 -30.17 -8.37 16.73
C ILE D 248 -29.40 -8.25 15.42
N ALA D 249 -28.09 -8.46 15.48
CA ALA D 249 -27.23 -8.39 14.30
C ALA D 249 -27.64 -9.41 13.25
N LYS D 250 -28.07 -10.59 13.71
CA LYS D 250 -28.56 -11.63 12.81
C LYS D 250 -29.84 -11.18 12.11
N GLN D 251 -30.70 -10.49 12.85
CA GLN D 251 -31.98 -10.04 12.30
C GLN D 251 -31.77 -8.93 11.27
N LEU D 252 -30.79 -8.07 11.52
CA LEU D 252 -30.48 -6.97 10.62
C LEU D 252 -29.99 -7.47 9.26
N MET D 253 -29.28 -8.59 9.27
CA MET D 253 -28.76 -9.17 8.04
C MET D 253 -29.90 -9.79 7.23
N VAL D 254 -30.89 -10.32 7.94
CA VAL D 254 -32.10 -10.86 7.31
C VAL D 254 -32.90 -9.72 6.67
N TYR D 255 -33.01 -8.61 7.39
CA TYR D 255 -33.71 -7.43 6.90
C TYR D 255 -33.11 -6.93 5.58
N ALA D 256 -31.79 -7.05 5.46
CA ALA D 256 -31.09 -6.65 4.23
C ALA D 256 -31.43 -7.60 3.09
N GLY D 257 -31.52 -8.88 3.40
CA GLY D 257 -31.84 -9.89 2.40
C GLY D 257 -33.29 -9.80 1.95
N GLU D 258 -34.12 -9.19 2.78
CA GLU D 258 -35.53 -9.02 2.45
C GLU D 258 -35.79 -7.72 1.69
N SER D 259 -34.86 -6.78 1.79
CA SER D 259 -35.03 -5.46 1.18
C SER D 259 -34.21 -5.27 -0.09
N ASN D 260 -33.12 -4.52 0.00
CA ASN D 260 -32.38 -4.08 -1.17
C ASN D 260 -30.94 -4.60 -1.28
N MET D 261 -30.65 -5.70 -0.60
CA MET D 261 -29.32 -6.31 -0.63
C MET D 261 -28.24 -5.33 -0.13
N LYS D 262 -28.65 -4.40 0.72
CA LYS D 262 -27.75 -3.39 1.27
C LYS D 262 -26.56 -4.04 2.00
N ARG D 263 -25.40 -3.40 1.91
CA ARG D 263 -24.21 -3.90 2.60
C ARG D 263 -24.41 -3.78 4.11
N VAL D 264 -24.04 -4.84 4.83
CA VAL D 264 -24.16 -4.84 6.28
C VAL D 264 -22.81 -5.12 6.94
N TRP D 265 -22.44 -4.28 7.89
CA TRP D 265 -21.20 -4.45 8.62
C TRP D 265 -21.49 -4.51 10.12
N LEU D 266 -21.26 -5.67 10.72
CA LEU D 266 -21.72 -5.92 12.07
C LEU D 266 -20.62 -6.11 13.10
N GLU D 267 -20.83 -5.57 14.29
N GLU D 267 -20.84 -5.57 14.28
CA GLU D 267 -19.96 -5.81 15.43
CA GLU D 267 -19.96 -5.82 15.42
C GLU D 267 -20.77 -6.40 16.57
C GLU D 267 -20.81 -6.41 16.54
N ALA D 268 -20.86 -7.73 16.60
CA ALA D 268 -21.66 -8.44 17.59
C ALA D 268 -20.97 -8.50 18.96
N GLY D 269 -21.42 -9.45 19.78
CA GLY D 269 -20.85 -9.61 21.11
C GLY D 269 -19.59 -10.45 21.09
N GLY D 270 -19.16 -10.89 22.27
CA GLY D 270 -17.96 -11.71 22.38
C GLY D 270 -17.75 -12.33 23.74
N LYS D 271 -16.91 -13.36 23.79
CA LYS D 271 -16.52 -14.00 25.03
C LYS D 271 -15.00 -14.05 25.10
N SER D 272 -14.39 -12.87 25.14
CA SER D 272 -12.94 -12.72 25.01
C SER D 272 -12.14 -13.41 26.11
N PRO D 273 -11.35 -14.42 25.73
CA PRO D 273 -10.49 -15.14 26.69
C PRO D 273 -9.24 -14.33 27.06
N ASN D 274 -8.87 -14.37 28.34
CA ASN D 274 -7.66 -13.70 28.81
C ASN D 274 -6.67 -14.73 29.35
N ILE D 275 -5.78 -15.21 28.49
CA ILE D 275 -4.88 -16.32 28.80
C ILE D 275 -3.64 -15.86 29.57
N VAL D 276 -3.41 -16.47 30.73
CA VAL D 276 -2.25 -16.15 31.56
C VAL D 276 -1.36 -17.37 31.75
N PHE D 277 -0.16 -17.33 31.19
CA PHE D 277 0.81 -18.42 31.35
C PHE D 277 1.64 -18.23 32.61
N ALA D 278 2.41 -19.26 32.97
CA ALA D 278 3.22 -19.22 34.17
C ALA D 278 4.43 -18.30 34.03
N ASP D 279 4.94 -18.17 32.80
CA ASP D 279 6.13 -17.37 32.56
C ASP D 279 5.79 -15.91 32.23
N ALA D 280 4.62 -15.46 32.68
CA ALA D 280 4.22 -14.06 32.52
C ALA D 280 5.23 -13.15 33.21
N PRO D 281 5.59 -12.04 32.54
CA PRO D 281 6.60 -11.07 33.03
C PRO D 281 6.28 -10.56 34.43
N ASP D 282 5.03 -10.15 34.65
CA ASP D 282 4.60 -9.68 35.96
C ASP D 282 3.18 -10.16 36.24
N LEU D 283 3.06 -11.12 37.14
CA LEU D 283 1.76 -11.69 37.49
C LEU D 283 0.86 -10.68 38.19
N LYS D 284 1.47 -9.73 38.90
CA LYS D 284 0.71 -8.67 39.57
C LYS D 284 0.03 -7.78 38.52
N ALA D 285 0.80 -7.32 37.55
CA ALA D 285 0.28 -6.48 36.47
C ALA D 285 -0.79 -7.23 35.69
N ALA D 286 -0.59 -8.53 35.50
CA ALA D 286 -1.55 -9.37 34.80
C ALA D 286 -2.82 -9.53 35.62
N ALA D 287 -2.66 -9.50 36.94
CA ALA D 287 -3.80 -9.62 37.85
C ALA D 287 -4.63 -8.35 37.82
N GLU D 288 -3.96 -7.21 37.89
CA GLU D 288 -4.63 -5.91 37.83
C GLU D 288 -5.39 -5.77 36.51
N ALA D 289 -4.76 -6.25 35.43
CA ALA D 289 -5.34 -6.19 34.11
C ALA D 289 -6.55 -7.11 33.98
N ALA D 290 -6.41 -8.33 34.49
CA ALA D 290 -7.48 -9.33 34.43
C ALA D 290 -8.71 -8.86 35.20
N ALA D 291 -8.47 -8.14 36.29
CA ALA D 291 -9.56 -7.60 37.10
C ALA D 291 -10.20 -6.41 36.39
N GLY D 292 -9.36 -5.55 35.81
CA GLY D 292 -9.83 -4.41 35.07
C GLY D 292 -10.55 -4.79 33.80
N ALA D 293 -10.21 -5.96 33.26
CA ALA D 293 -10.79 -6.43 32.00
C ALA D 293 -12.24 -6.86 32.16
N ILE D 294 -12.72 -6.93 33.40
CA ILE D 294 -14.08 -7.39 33.67
C ILE D 294 -14.85 -6.38 34.53
N ALA D 295 -14.12 -5.47 35.15
CA ALA D 295 -14.73 -4.48 36.04
C ALA D 295 -14.92 -3.11 35.39
N PHE D 296 -14.10 -2.81 34.38
CA PHE D 296 -14.19 -1.53 33.68
C PHE D 296 -15.52 -1.40 32.93
N ASN D 297 -16.12 -0.23 33.04
CA ASN D 297 -17.45 0.04 32.48
C ASN D 297 -18.47 -1.01 32.92
N GLN D 298 -18.40 -1.41 34.19
CA GLN D 298 -19.33 -2.36 34.79
C GLN D 298 -19.44 -3.65 33.98
N GLY D 299 -18.33 -4.06 33.37
CA GLY D 299 -18.31 -5.27 32.55
C GLY D 299 -19.14 -5.16 31.29
N GLU D 300 -19.58 -3.94 30.99
CA GLU D 300 -20.43 -3.70 29.82
C GLU D 300 -19.58 -3.33 28.61
N VAL D 301 -18.61 -4.19 28.31
CA VAL D 301 -17.71 -3.99 27.18
C VAL D 301 -17.76 -5.23 26.28
N CYS D 302 -17.79 -5.02 24.98
CA CYS D 302 -17.88 -6.12 24.02
C CYS D 302 -16.66 -7.04 24.08
N THR D 303 -15.50 -6.46 24.39
CA THR D 303 -14.27 -7.24 24.48
C THR D 303 -13.85 -7.48 25.92
N ALA D 304 -14.84 -7.58 26.82
CA ALA D 304 -14.57 -7.85 28.22
C ALA D 304 -13.86 -9.19 28.39
N GLY D 305 -12.86 -9.23 29.27
CA GLY D 305 -12.14 -10.46 29.55
C GLY D 305 -12.97 -11.38 30.43
N SER D 306 -14.06 -11.89 29.88
CA SER D 306 -15.01 -12.71 30.62
C SER D 306 -14.44 -14.07 31.02
N ARG D 307 -13.71 -14.70 30.11
CA ARG D 307 -13.11 -16.01 30.38
C ARG D 307 -11.63 -15.88 30.73
N LEU D 308 -11.31 -15.93 32.03
CA LEU D 308 -9.92 -15.86 32.47
C LEU D 308 -9.29 -17.24 32.53
N LEU D 309 -8.41 -17.52 31.57
CA LEU D 309 -7.73 -18.81 31.51
C LEU D 309 -6.37 -18.74 32.21
N VAL D 310 -6.17 -19.62 33.19
CA VAL D 310 -4.93 -19.63 33.96
C VAL D 310 -4.28 -21.02 33.95
N GLU D 311 -2.97 -21.05 33.73
CA GLU D 311 -2.22 -22.30 33.78
C GLU D 311 -2.21 -22.83 35.21
N ARG D 312 -2.29 -24.15 35.37
CA ARG D 312 -2.44 -24.76 36.69
C ARG D 312 -1.26 -24.46 37.61
N SER D 313 -0.10 -24.19 37.03
CA SER D 313 1.13 -23.97 37.79
C SER D 313 1.04 -22.73 38.69
N ILE D 314 0.24 -21.76 38.29
CA ILE D 314 0.19 -20.48 38.99
C ILE D 314 -1.19 -20.11 39.51
N LYS D 315 -2.19 -20.93 39.21
CA LYS D 315 -3.58 -20.60 39.54
C LYS D 315 -3.81 -20.38 41.04
N ASP D 316 -3.05 -21.10 41.87
CA ASP D 316 -3.19 -20.99 43.31
C ASP D 316 -2.59 -19.68 43.83
N LYS D 317 -1.62 -19.15 43.10
CA LYS D 317 -1.00 -17.88 43.47
C LYS D 317 -1.67 -16.71 42.78
N PHE D 318 -2.10 -16.93 41.54
CA PHE D 318 -2.60 -15.85 40.70
C PHE D 318 -3.99 -15.37 41.13
N LEU D 319 -4.87 -16.32 41.43
CA LEU D 319 -6.26 -16.00 41.80
C LEU D 319 -6.43 -15.06 43.00
N PRO D 320 -5.65 -15.25 44.09
CA PRO D 320 -5.73 -14.28 45.18
C PRO D 320 -5.35 -12.86 44.75
N LEU D 321 -4.41 -12.77 43.82
CA LEU D 321 -3.96 -11.46 43.32
C LEU D 321 -5.06 -10.75 42.53
N VAL D 322 -5.87 -11.54 41.82
CA VAL D 322 -6.99 -11.00 41.05
C VAL D 322 -8.05 -10.41 41.98
N ILE D 323 -8.38 -11.16 43.03
CA ILE D 323 -9.35 -10.71 44.02
C ILE D 323 -8.85 -9.47 44.75
N GLU D 324 -7.56 -9.46 45.07
CA GLU D 324 -6.94 -8.32 45.73
C GLU D 324 -6.93 -7.10 44.82
N ALA D 325 -6.77 -7.35 43.52
CA ALA D 325 -6.78 -6.26 42.54
C ALA D 325 -8.21 -5.74 42.31
N LEU D 326 -9.19 -6.61 42.54
CA LEU D 326 -10.59 -6.25 42.31
C LEU D 326 -11.16 -5.44 43.48
N LYS D 327 -10.39 -5.34 44.56
CA LYS D 327 -10.79 -4.56 45.72
C LYS D 327 -10.92 -3.08 45.35
N GLY D 328 -10.13 -2.65 44.37
CA GLY D 328 -10.06 -1.24 44.00
C GLY D 328 -11.17 -0.77 43.08
N TRP D 329 -11.91 -1.72 42.49
CA TRP D 329 -12.99 -1.37 41.59
C TRP D 329 -14.33 -1.28 42.34
N LYS D 330 -14.56 -0.14 42.96
CA LYS D 330 -15.76 0.08 43.77
C LYS D 330 -16.96 0.56 42.94
N PRO D 331 -18.10 -0.12 43.11
CA PRO D 331 -19.36 0.42 42.57
C PRO D 331 -19.80 1.62 43.40
N GLY D 332 -19.71 2.82 42.85
CA GLY D 332 -20.07 4.02 43.58
C GLY D 332 -20.94 4.97 42.78
N ASN D 333 -21.06 6.20 43.26
CA ASN D 333 -21.87 7.21 42.58
C ASN D 333 -21.19 7.71 41.31
N PRO D 334 -21.83 7.50 40.14
CA PRO D 334 -21.29 7.90 38.84
C PRO D 334 -21.00 9.40 38.73
N LEU D 335 -21.57 10.19 39.64
CA LEU D 335 -21.33 11.63 39.64
C LEU D 335 -20.09 11.99 40.45
N ASP D 336 -19.48 10.99 41.08
CA ASP D 336 -18.24 11.19 41.82
C ASP D 336 -17.04 10.77 40.97
N PRO D 337 -16.13 11.71 40.72
CA PRO D 337 -14.93 11.46 39.90
C PRO D 337 -14.07 10.31 40.42
N GLU D 338 -14.10 10.11 41.74
CA GLU D 338 -13.28 9.08 42.36
C GLU D 338 -13.84 7.68 42.13
N THR D 339 -15.11 7.61 41.72
CA THR D 339 -15.77 6.32 41.49
C THR D 339 -15.17 5.54 40.33
N ASN D 340 -14.80 4.29 40.59
CA ASN D 340 -14.23 3.41 39.59
C ASN D 340 -15.27 2.70 38.74
N VAL D 341 -16.31 2.20 39.39
CA VAL D 341 -17.37 1.45 38.72
C VAL D 341 -18.72 2.11 38.91
N GLY D 342 -19.43 2.33 37.81
CA GLY D 342 -20.72 2.99 37.85
C GLY D 342 -21.90 2.05 37.89
N ALA D 343 -23.01 2.49 37.28
CA ALA D 343 -24.24 1.74 37.29
C ALA D 343 -24.49 1.00 35.98
N LEU D 344 -25.24 -0.09 36.04
CA LEU D 344 -25.68 -0.78 34.83
C LEU D 344 -26.72 0.08 34.12
N VAL D 345 -26.95 -0.16 32.83
CA VAL D 345 -27.78 0.72 32.02
C VAL D 345 -29.25 0.81 32.48
N ASP D 346 -29.83 -0.33 32.86
CA ASP D 346 -31.22 -0.34 33.34
C ASP D 346 -31.54 -1.59 34.15
N THR D 347 -32.80 -1.70 34.58
CA THR D 347 -33.24 -2.80 35.42
C THR D 347 -33.13 -4.15 34.71
N GLN D 348 -33.55 -4.19 33.44
CA GLN D 348 -33.52 -5.42 32.66
C GLN D 348 -32.10 -5.98 32.53
N GLN D 349 -31.13 -5.08 32.42
CA GLN D 349 -29.74 -5.49 32.31
C GLN D 349 -29.26 -6.14 33.61
N MET D 350 -29.59 -5.50 34.73
CA MET D 350 -29.24 -6.02 36.05
C MET D 350 -29.82 -7.41 36.27
N ASN D 351 -31.12 -7.55 36.02
CA ASN D 351 -31.81 -8.82 36.16
C ASN D 351 -31.17 -9.91 35.31
N THR D 352 -30.71 -9.54 34.13
CA THR D 352 -30.02 -10.49 33.25
C THR D 352 -28.69 -10.90 33.85
N VAL D 353 -27.93 -9.93 34.33
CA VAL D 353 -26.64 -10.19 34.97
C VAL D 353 -26.81 -11.04 36.24
N LEU D 354 -27.78 -10.66 37.06
CA LEU D 354 -28.08 -11.42 38.27
C LEU D 354 -28.57 -12.83 37.95
N SER D 355 -29.25 -12.98 36.82
CA SER D 355 -29.72 -14.29 36.37
C SER D 355 -28.55 -15.19 36.02
N TYR D 356 -27.51 -14.60 35.43
CA TYR D 356 -26.30 -15.34 35.11
C TYR D 356 -25.50 -15.68 36.37
N ILE D 357 -25.53 -14.77 37.34
CA ILE D 357 -24.92 -15.04 38.63
C ILE D 357 -25.63 -16.21 39.28
N GLU D 358 -26.95 -16.26 39.13
CA GLU D 358 -27.75 -17.38 39.61
C GLU D 358 -27.40 -18.63 38.83
N ALA D 359 -27.16 -18.47 37.53
CA ALA D 359 -26.76 -19.59 36.67
C ALA D 359 -25.36 -20.06 37.04
N GLY D 360 -24.57 -19.16 37.63
CA GLY D 360 -23.22 -19.49 38.05
C GLY D 360 -23.22 -20.50 39.18
N HIS D 361 -24.05 -20.28 40.18
CA HIS D 361 -24.17 -21.20 41.32
C HIS D 361 -24.75 -22.54 40.87
N ASN D 362 -25.81 -22.48 40.06
CA ASN D 362 -26.51 -23.68 39.60
C ASN D 362 -25.66 -24.57 38.70
N ASP D 363 -24.64 -23.99 38.08
CA ASP D 363 -23.74 -24.75 37.22
C ASP D 363 -22.65 -25.43 38.04
N GLY D 364 -22.53 -25.03 39.30
CA GLY D 364 -21.55 -25.63 40.19
C GLY D 364 -20.25 -24.87 40.27
N ALA D 365 -20.34 -23.54 40.13
CA ALA D 365 -19.14 -22.70 40.20
C ALA D 365 -18.94 -22.13 41.60
N LYS D 366 -17.68 -21.99 42.00
CA LYS D 366 -17.35 -21.47 43.32
C LYS D 366 -17.19 -19.96 43.33
N LEU D 367 -18.21 -19.26 43.80
CA LEU D 367 -18.16 -17.81 43.93
C LEU D 367 -17.09 -17.40 44.95
N VAL D 368 -16.15 -16.56 44.52
CA VAL D 368 -15.04 -16.15 45.39
C VAL D 368 -14.97 -14.63 45.59
N ALA D 369 -15.82 -13.89 44.91
CA ALA D 369 -15.86 -12.43 45.05
C ALA D 369 -17.17 -11.84 44.53
N GLY D 370 -17.78 -10.96 45.32
CA GLY D 370 -19.01 -10.30 44.95
C GLY D 370 -20.16 -11.26 44.74
N GLY D 371 -20.97 -11.00 43.70
CA GLY D 371 -22.03 -11.92 43.32
C GLY D 371 -23.43 -11.48 43.73
N LYS D 372 -23.55 -10.24 44.19
CA LYS D 372 -24.84 -9.73 44.68
C LYS D 372 -25.11 -8.30 44.24
N ARG D 373 -26.39 -7.94 44.17
CA ARG D 373 -26.80 -6.58 43.86
C ARG D 373 -26.34 -5.65 44.97
N THR D 374 -25.94 -4.43 44.61
CA THR D 374 -25.46 -3.47 45.60
C THR D 374 -26.09 -2.09 45.42
N LEU D 375 -26.03 -1.29 46.47
CA LEU D 375 -26.50 0.10 46.45
C LEU D 375 -27.93 0.26 45.94
N GLU D 376 -28.87 -0.40 46.61
CA GLU D 376 -30.27 -0.37 46.19
C GLU D 376 -30.97 0.85 46.78
N GLU D 377 -30.34 1.45 47.79
CA GLU D 377 -30.92 2.59 48.50
C GLU D 377 -30.95 3.86 47.65
N THR D 378 -30.13 3.89 46.60
CA THR D 378 -30.04 5.05 45.73
C THR D 378 -31.17 5.07 44.70
N GLY D 379 -31.86 3.95 44.57
CA GLY D 379 -32.90 3.80 43.56
C GLY D 379 -32.27 3.58 42.20
N GLY D 380 -30.99 3.27 42.20
CA GLY D 380 -30.24 3.07 40.97
C GLY D 380 -30.03 1.61 40.66
N THR D 381 -29.27 1.35 39.60
CA THR D 381 -29.02 -0.01 39.13
C THR D 381 -27.54 -0.36 39.25
N TYR D 382 -27.16 -1.00 40.36
CA TYR D 382 -25.76 -1.29 40.62
C TYR D 382 -25.51 -2.77 40.94
N VAL D 383 -24.40 -3.28 40.44
CA VAL D 383 -23.97 -4.66 40.72
C VAL D 383 -22.47 -4.69 40.98
N GLU D 384 -22.07 -5.35 42.05
CA GLU D 384 -20.66 -5.48 42.41
C GLU D 384 -19.95 -6.47 41.49
N PRO D 385 -18.64 -6.25 41.24
CA PRO D 385 -17.81 -7.17 40.44
C PRO D 385 -17.87 -8.59 40.98
N THR D 386 -17.86 -9.58 40.09
CA THR D 386 -18.07 -10.96 40.49
C THR D 386 -17.08 -11.93 39.83
N ILE D 387 -16.46 -12.77 40.65
CA ILE D 387 -15.54 -13.80 40.14
C ILE D 387 -16.03 -15.20 40.50
N PHE D 388 -16.19 -16.05 39.48
CA PHE D 388 -16.56 -17.44 39.70
C PHE D 388 -15.36 -18.36 39.45
N ASP D 389 -15.00 -19.13 40.48
CA ASP D 389 -13.87 -20.04 40.39
C ASP D 389 -14.36 -21.45 39.99
N GLY D 390 -13.43 -22.29 39.55
CA GLY D 390 -13.74 -23.66 39.22
C GLY D 390 -14.63 -23.81 38.00
N VAL D 391 -14.71 -22.74 37.21
CA VAL D 391 -15.56 -22.74 36.02
C VAL D 391 -14.90 -23.48 34.86
N THR D 392 -15.62 -24.42 34.26
CA THR D 392 -15.17 -25.09 33.06
C THR D 392 -15.84 -24.43 31.86
N ASN D 393 -15.28 -24.65 30.67
CA ASN D 393 -15.79 -24.00 29.47
C ASN D 393 -17.05 -24.68 28.91
N ALA D 394 -17.59 -25.62 29.66
CA ALA D 394 -18.81 -26.32 29.26
C ALA D 394 -20.02 -25.70 29.92
N MET D 395 -19.78 -24.99 31.02
CA MET D 395 -20.83 -24.36 31.80
C MET D 395 -21.46 -23.18 31.07
N LYS D 396 -22.69 -22.85 31.44
CA LYS D 396 -23.46 -21.80 30.78
C LYS D 396 -22.81 -20.42 30.88
N ILE D 397 -22.22 -20.12 32.04
CA ILE D 397 -21.63 -18.81 32.28
C ILE D 397 -20.29 -18.64 31.55
N ALA D 398 -19.82 -19.71 30.92
CA ALA D 398 -18.59 -19.68 30.15
C ALA D 398 -18.90 -19.56 28.65
N ARG D 399 -20.06 -20.07 28.25
CA ARG D 399 -20.48 -20.05 26.85
C ARG D 399 -21.13 -18.74 26.46
N GLU D 400 -22.17 -18.36 27.19
CA GLU D 400 -22.98 -17.20 26.85
C GLU D 400 -22.36 -15.88 27.32
N GLU D 401 -22.66 -14.80 26.61
CA GLU D 401 -22.18 -13.47 26.97
C GLU D 401 -23.10 -12.84 28.01
N ILE D 402 -22.53 -12.50 29.16
CA ILE D 402 -23.28 -11.92 30.26
C ILE D 402 -23.39 -10.41 30.11
N PHE D 403 -22.34 -9.80 29.56
CA PHE D 403 -22.25 -8.34 29.39
C PHE D 403 -22.39 -7.61 30.74
N GLY D 404 -21.90 -8.26 31.79
CA GLY D 404 -21.86 -7.67 33.12
C GLY D 404 -20.54 -7.99 33.77
N PRO D 405 -20.30 -7.46 34.98
CA PRO D 405 -19.02 -7.65 35.67
C PRO D 405 -18.91 -9.04 36.30
N VAL D 406 -19.03 -10.08 35.48
CA VAL D 406 -18.94 -11.45 35.97
C VAL D 406 -17.80 -12.21 35.30
N LEU D 407 -16.85 -12.68 36.10
CA LEU D 407 -15.63 -13.31 35.58
C LEU D 407 -15.62 -14.82 35.75
N SER D 408 -15.35 -15.54 34.66
CA SER D 408 -15.20 -16.99 34.72
C SER D 408 -13.73 -17.39 34.67
N VAL D 409 -13.26 -18.06 35.72
CA VAL D 409 -11.88 -18.51 35.79
C VAL D 409 -11.76 -19.97 35.37
N ILE D 410 -10.92 -20.23 34.38
CA ILE D 410 -10.76 -21.57 33.81
C ILE D 410 -9.30 -22.00 33.83
N GLU D 411 -9.06 -23.28 34.10
CA GLU D 411 -7.70 -23.81 34.13
C GLU D 411 -7.32 -24.48 32.82
N PHE D 412 -6.02 -24.45 32.50
CA PHE D 412 -5.50 -25.22 31.38
C PHE D 412 -4.17 -25.87 31.73
N GLU D 413 -3.88 -27.01 31.10
CA GLU D 413 -2.68 -27.78 31.37
C GLU D 413 -1.47 -27.17 30.66
N ASP D 414 -1.56 -27.08 29.33
CA ASP D 414 -0.46 -26.57 28.52
C ASP D 414 -0.95 -25.54 27.50
N ALA D 415 -0.06 -25.14 26.61
CA ALA D 415 -0.38 -24.14 25.60
C ALA D 415 -1.42 -24.67 24.61
N GLU D 416 -1.38 -25.97 24.34
CA GLU D 416 -2.32 -26.58 23.40
C GLU D 416 -3.76 -26.53 23.90
N GLU D 417 -3.95 -26.78 25.19
CA GLU D 417 -5.29 -26.78 25.77
C GLU D 417 -5.84 -25.36 25.86
N ALA D 418 -4.99 -24.42 26.25
CA ALA D 418 -5.37 -23.01 26.37
C ALA D 418 -5.95 -22.49 25.06
N VAL D 419 -5.32 -22.86 23.95
CA VAL D 419 -5.79 -22.46 22.63
C VAL D 419 -7.09 -23.19 22.28
N ARG D 420 -7.16 -24.48 22.62
CA ARG D 420 -8.36 -25.26 22.38
C ARG D 420 -9.58 -24.67 23.10
N ILE D 421 -9.37 -24.26 24.35
CA ILE D 421 -10.45 -23.66 25.14
C ILE D 421 -10.83 -22.28 24.60
N ALA D 422 -9.82 -21.49 24.28
CA ALA D 422 -10.04 -20.13 23.78
C ALA D 422 -10.84 -20.10 22.48
N ASN D 423 -10.58 -21.06 21.60
CA ASN D 423 -11.30 -21.14 20.33
C ASN D 423 -12.63 -21.88 20.44
N ASP D 424 -12.85 -22.51 21.59
CA ASP D 424 -14.10 -23.22 21.83
C ASP D 424 -15.22 -22.22 22.11
N THR D 425 -15.63 -21.51 21.07
CA THR D 425 -16.66 -20.47 21.17
C THR D 425 -17.09 -20.05 19.77
N PRO D 426 -18.36 -19.67 19.62
CA PRO D 426 -18.85 -19.14 18.34
C PRO D 426 -18.44 -17.68 18.17
N TYR D 427 -17.84 -17.11 19.23
CA TYR D 427 -17.38 -15.74 19.21
C TYR D 427 -15.90 -15.67 18.79
N GLY D 428 -15.37 -14.46 18.72
CA GLY D 428 -13.99 -14.25 18.31
C GLY D 428 -13.68 -12.77 18.11
N LEU D 429 -14.06 -11.97 19.11
CA LEU D 429 -13.88 -10.52 19.04
C LEU D 429 -12.51 -10.11 19.56
N ALA D 430 -12.07 -10.73 20.65
CA ALA D 430 -10.78 -10.42 21.24
C ALA D 430 -10.21 -11.60 22.04
N ALA D 431 -8.93 -11.48 22.39
CA ALA D 431 -8.23 -12.48 23.19
C ALA D 431 -6.92 -11.88 23.69
N ALA D 432 -6.37 -12.45 24.75
CA ALA D 432 -5.11 -11.94 25.30
C ALA D 432 -4.14 -13.05 25.70
N VAL D 433 -2.85 -12.76 25.64
CA VAL D 433 -1.82 -13.73 25.96
C VAL D 433 -0.77 -13.08 26.86
N TRP D 434 -0.46 -13.75 27.97
CA TRP D 434 0.53 -13.25 28.92
C TRP D 434 1.70 -14.22 29.07
N THR D 435 2.82 -13.89 28.43
CA THR D 435 3.99 -14.74 28.45
C THR D 435 5.25 -13.95 28.08
N SER D 436 6.40 -14.42 28.57
CA SER D 436 7.67 -13.76 28.28
C SER D 436 8.45 -14.51 27.21
N ASN D 437 7.90 -15.65 26.78
CA ASN D 437 8.55 -16.45 25.76
C ASN D 437 8.21 -15.96 24.35
N LEU D 438 9.25 -15.71 23.56
CA LEU D 438 9.09 -15.15 22.22
C LEU D 438 8.24 -16.02 21.30
N SER D 439 8.63 -17.29 21.16
CA SER D 439 7.94 -18.20 20.24
C SER D 439 6.48 -18.45 20.64
N LYS D 440 6.26 -18.69 21.93
CA LYS D 440 4.93 -19.04 22.41
C LYS D 440 3.96 -17.87 22.28
N ALA D 441 4.44 -16.66 22.55
CA ALA D 441 3.62 -15.46 22.41
C ALA D 441 3.09 -15.30 20.99
N HIS D 442 3.98 -15.45 20.00
CA HIS D 442 3.59 -15.26 18.61
C HIS D 442 2.77 -16.43 18.07
N LEU D 443 3.18 -17.65 18.39
CA LEU D 443 2.50 -18.84 17.89
C LEU D 443 1.09 -18.99 18.49
N THR D 444 0.91 -18.49 19.71
CA THR D 444 -0.41 -18.52 20.33
C THR D 444 -1.30 -17.46 19.70
N ALA D 445 -0.77 -16.25 19.58
CA ALA D 445 -1.50 -15.15 18.98
C ALA D 445 -1.97 -15.46 17.56
N LYS D 446 -1.17 -16.25 16.84
CA LYS D 446 -1.53 -16.68 15.50
C LYS D 446 -2.61 -17.75 15.54
N ALA D 447 -2.59 -18.57 16.59
CA ALA D 447 -3.54 -19.67 16.72
C ALA D 447 -4.93 -19.19 17.10
N LEU D 448 -4.99 -18.10 17.88
CA LEU D 448 -6.26 -17.59 18.38
C LEU D 448 -7.11 -16.99 17.26
N ARG D 449 -8.37 -17.40 17.23
CA ARG D 449 -9.32 -16.90 16.24
C ARG D 449 -10.07 -15.68 16.78
N ALA D 450 -9.37 -14.56 16.87
CA ALA D 450 -9.96 -13.33 17.38
C ALA D 450 -9.47 -12.12 16.59
N GLY D 451 -10.35 -11.12 16.46
CA GLY D 451 -10.03 -9.93 15.70
C GLY D 451 -8.93 -9.09 16.31
N SER D 452 -8.79 -9.20 17.64
CA SER D 452 -7.76 -8.45 18.35
C SER D 452 -7.09 -9.33 19.40
N VAL D 453 -5.77 -9.51 19.26
CA VAL D 453 -5.00 -10.29 20.23
C VAL D 453 -4.01 -9.39 20.96
N TRP D 454 -4.14 -9.31 22.28
CA TRP D 454 -3.28 -8.45 23.08
C TRP D 454 -2.23 -9.25 23.85
N VAL D 455 -0.97 -8.96 23.59
CA VAL D 455 0.13 -9.66 24.23
C VAL D 455 0.72 -8.84 25.38
N ASN D 456 0.80 -9.45 26.56
CA ASN D 456 1.30 -8.79 27.77
C ASN D 456 0.54 -7.51 28.13
N GLN D 457 -0.72 -7.42 27.72
CA GLN D 457 -1.57 -6.29 28.03
C GLN D 457 -3.02 -6.66 27.70
N TYR D 458 -3.96 -5.82 28.13
CA TYR D 458 -5.35 -6.02 27.75
C TYR D 458 -5.97 -4.72 27.26
N ASP D 459 -6.89 -4.84 26.31
CA ASP D 459 -7.58 -3.69 25.73
C ASP D 459 -6.60 -2.69 25.14
N GLY D 460 -5.69 -3.19 24.30
CA GLY D 460 -4.68 -2.35 23.67
C GLY D 460 -5.10 -1.90 22.28
N GLY D 461 -4.23 -1.10 21.64
CA GLY D 461 -4.49 -0.61 20.30
C GLY D 461 -5.27 0.69 20.30
N ASP D 462 -4.83 1.62 19.46
CA ASP D 462 -5.48 2.91 19.32
C ASP D 462 -6.26 3.01 18.01
N MET D 463 -6.27 4.19 17.42
CA MET D 463 -6.98 4.41 16.16
C MET D 463 -6.34 3.70 14.97
N THR D 464 -5.08 3.30 15.11
CA THR D 464 -4.37 2.62 14.03
C THR D 464 -4.68 1.11 14.00
N ALA D 465 -5.40 0.63 15.00
CA ALA D 465 -5.70 -0.78 15.12
C ALA D 465 -7.10 -1.11 14.63
N PRO D 466 -7.21 -1.93 13.57
CA PRO D 466 -8.53 -2.36 13.11
C PRO D 466 -9.22 -3.19 14.17
N PHE D 467 -10.47 -2.87 14.46
CA PHE D 467 -11.23 -3.51 15.53
C PHE D 467 -12.47 -4.21 14.99
N GLY D 468 -12.57 -5.51 15.25
CA GLY D 468 -13.69 -6.30 14.76
C GLY D 468 -13.59 -7.73 15.22
N GLY D 469 -14.42 -8.62 14.66
CA GLY D 469 -14.48 -9.98 15.13
C GLY D 469 -14.45 -11.08 14.08
N PHE D 470 -14.06 -12.27 14.52
CA PHE D 470 -14.14 -13.48 13.71
C PHE D 470 -15.52 -14.09 13.93
N LYS D 471 -15.95 -14.93 12.98
CA LYS D 471 -17.16 -15.73 13.13
C LYS D 471 -18.41 -14.91 13.50
N GLN D 472 -18.99 -15.21 14.66
CA GLN D 472 -20.24 -14.57 15.05
C GLN D 472 -20.04 -13.33 15.91
N SER D 473 -18.80 -12.86 16.01
CA SER D 473 -18.52 -11.60 16.68
C SER D 473 -18.68 -10.44 15.70
N GLY D 474 -19.02 -10.76 14.46
CA GLY D 474 -19.30 -9.74 13.46
C GLY D 474 -18.37 -9.77 12.26
N ASN D 475 -18.53 -8.78 11.38
CA ASN D 475 -17.69 -8.65 10.19
C ASN D 475 -17.27 -7.20 9.99
N GLY D 476 -16.24 -6.99 9.16
CA GLY D 476 -15.75 -5.65 8.92
C GLY D 476 -14.96 -5.11 10.11
N ARG D 477 -14.31 -3.97 9.92
CA ARG D 477 -13.46 -3.43 10.96
C ARG D 477 -13.75 -1.95 11.23
N ASP D 478 -13.77 -1.59 12.51
CA ASP D 478 -13.83 -0.19 12.91
C ASP D 478 -12.41 0.27 13.21
N LYS D 479 -12.20 1.59 13.17
CA LYS D 479 -10.88 2.19 13.34
C LYS D 479 -9.91 1.84 12.19
N SER D 480 -8.72 2.44 12.22
CA SER D 480 -7.72 2.30 11.16
C SER D 480 -8.23 2.78 9.80
N LEU D 481 -7.44 2.51 8.76
CA LEU D 481 -7.81 2.91 7.41
C LEU D 481 -8.79 1.90 6.82
N HIS D 482 -8.83 0.71 7.39
CA HIS D 482 -9.71 -0.35 6.92
C HIS D 482 -11.19 -0.01 7.16
N ALA D 483 -11.44 0.88 8.10
CA ALA D 483 -12.80 1.31 8.41
C ALA D 483 -13.43 2.05 7.23
N PHE D 484 -12.59 2.69 6.43
CA PHE D 484 -13.07 3.45 5.27
C PHE D 484 -13.68 2.54 4.20
N ASP D 485 -13.20 1.30 4.14
CA ASP D 485 -13.65 0.35 3.13
C ASP D 485 -15.12 -0.02 3.26
N LYS D 486 -15.67 0.14 4.46
CA LYS D 486 -17.05 -0.21 4.72
C LYS D 486 -18.03 0.80 4.13
N TYR D 487 -17.54 2.00 3.83
CA TYR D 487 -18.40 3.07 3.34
C TYR D 487 -18.05 3.49 1.91
N THR D 488 -17.32 2.64 1.19
CA THR D 488 -16.92 2.96 -0.18
C THR D 488 -17.10 1.81 -1.15
N GLU D 489 -17.19 2.13 -2.43
CA GLU D 489 -17.28 1.14 -3.50
C GLU D 489 -16.09 1.26 -4.45
N LEU D 490 -15.50 0.12 -4.79
CA LEU D 490 -14.40 0.09 -5.75
C LEU D 490 -14.91 0.24 -7.18
N LYS D 491 -14.18 1.03 -7.96
CA LYS D 491 -14.51 1.20 -9.38
C LYS D 491 -13.27 1.00 -10.25
N ALA D 492 -13.39 0.11 -11.24
CA ALA D 492 -12.29 -0.14 -12.15
C ALA D 492 -12.53 0.55 -13.50
N THR D 493 -11.96 1.74 -13.64
CA THR D 493 -12.08 2.51 -14.87
C THR D 493 -10.94 2.19 -15.84
N TRP D 494 -11.23 1.36 -16.84
CA TRP D 494 -10.24 0.99 -17.83
C TRP D 494 -10.39 1.80 -19.10
N ILE D 495 -9.35 2.57 -19.42
CA ILE D 495 -9.39 3.54 -20.51
C ILE D 495 -8.46 3.13 -21.65
N LYS D 496 -9.03 2.97 -22.84
CA LYS D 496 -8.24 2.64 -24.02
C LYS D 496 -7.72 3.90 -24.69
N LEU D 497 -6.40 4.00 -24.80
CA LEU D 497 -5.77 5.17 -25.41
C LEU D 497 -5.42 4.89 -26.87
#